data_2JRR
#
_entry.id   2JRR
#
_entity_poly.entity_id   1
_entity_poly.type   'polypeptide(L)'
_entity_poly.pdbx_seq_one_letter_code
;MTIQAPETKIVDKSRVACDGGEGALGHPRVWLQIPEDTGWVECPYCDCKYVLKGSKADALEHHHHHH
;
_entity_poly.pdbx_strand_id   A
#
# COMPACT_ATOMS: atom_id res chain seq x y z
N MET A 1 -0.07 4.12 -22.18
CA MET A 1 0.10 2.91 -23.04
C MET A 1 0.23 1.64 -22.19
N THR A 2 1.02 1.71 -21.11
CA THR A 2 1.29 0.55 -20.25
C THR A 2 0.13 0.22 -19.32
N ILE A 3 -0.92 1.04 -19.36
CA ILE A 3 -2.06 0.97 -18.41
C ILE A 3 -1.61 0.85 -16.93
N GLN A 4 -0.32 1.11 -16.69
CA GLN A 4 0.27 1.11 -15.35
C GLN A 4 0.03 -0.22 -14.59
N ALA A 5 0.25 -0.21 -13.27
CA ALA A 5 0.08 -1.42 -12.46
C ALA A 5 -0.33 -1.11 -11.01
N PRO A 6 -1.64 -0.98 -10.73
CA PRO A 6 -2.14 -0.78 -9.36
C PRO A 6 -1.82 -1.98 -8.43
N GLU A 7 -0.62 -1.97 -7.86
CA GLU A 7 -0.16 -3.07 -7.01
C GLU A 7 -0.59 -2.88 -5.55
N THR A 8 -1.70 -3.51 -5.17
CA THR A 8 -2.22 -3.43 -3.79
C THR A 8 -1.41 -4.29 -2.83
N LYS A 9 -0.94 -3.71 -1.73
CA LYS A 9 -0.14 -4.43 -0.74
C LYS A 9 -0.50 -4.00 0.69
N ILE A 10 -0.90 -4.97 1.51
CA ILE A 10 -1.31 -4.69 2.89
C ILE A 10 -0.11 -4.73 3.84
N VAL A 11 0.16 -3.61 4.51
CA VAL A 11 1.30 -3.51 5.43
C VAL A 11 0.85 -3.54 6.89
N ASP A 12 1.74 -3.96 7.79
CA ASP A 12 1.43 -4.10 9.21
C ASP A 12 1.53 -2.74 9.92
N LYS A 13 2.52 -1.94 9.51
CA LYS A 13 2.70 -0.59 10.05
C LYS A 13 2.17 0.47 9.07
N SER A 14 1.95 1.70 9.57
CA SER A 14 1.39 2.79 8.76
C SER A 14 2.46 3.45 7.87
N ARG A 15 3.66 3.66 8.39
CA ARG A 15 4.74 4.24 7.58
C ARG A 15 5.49 3.14 6.80
N VAL A 16 5.44 3.23 5.47
CA VAL A 16 5.97 2.18 4.60
C VAL A 16 7.22 2.63 3.84
N ALA A 17 8.31 1.87 3.98
CA ALA A 17 9.55 2.16 3.25
C ALA A 17 9.47 1.68 1.79
N CYS A 18 8.86 2.49 0.93
CA CYS A 18 8.70 2.15 -0.48
C CYS A 18 9.95 2.54 -1.29
N ASP A 19 9.94 2.24 -2.59
CA ASP A 19 11.08 2.52 -3.45
C ASP A 19 10.67 3.21 -4.76
N GLY A 20 9.92 2.52 -5.62
CA GLY A 20 9.51 3.09 -6.89
C GLY A 20 9.03 2.06 -7.90
N GLY A 21 9.29 2.32 -9.19
CA GLY A 21 8.88 1.39 -10.25
C GLY A 21 10.01 0.45 -10.68
N GLU A 22 10.59 0.70 -11.83
CA GLU A 22 11.80 0.00 -12.27
C GLU A 22 13.02 0.53 -11.50
N GLY A 23 14.13 -0.22 -11.52
CA GLY A 23 15.37 0.23 -10.89
C GLY A 23 15.75 1.68 -11.22
N ALA A 24 15.72 2.02 -12.51
CA ALA A 24 16.06 3.37 -12.96
C ALA A 24 14.91 4.38 -12.77
N LEU A 25 13.76 3.89 -12.29
CA LEU A 25 12.58 4.73 -12.07
C LEU A 25 12.26 4.83 -10.57
N GLY A 26 13.29 5.14 -9.79
CA GLY A 26 13.12 5.40 -8.36
C GLY A 26 14.04 4.53 -7.51
N HIS A 27 13.50 4.01 -6.40
CA HIS A 27 14.25 3.15 -5.47
C HIS A 27 15.37 3.90 -4.72
N PRO A 28 15.07 5.09 -4.14
CA PRO A 28 16.02 5.84 -3.32
C PRO A 28 15.77 5.69 -1.80
N ARG A 29 14.79 4.85 -1.43
CA ARG A 29 14.34 4.71 -0.06
C ARG A 29 13.43 5.90 0.28
N VAL A 30 12.14 5.65 0.20
CA VAL A 30 11.12 6.66 0.54
C VAL A 30 10.05 6.09 1.48
N TRP A 31 9.74 6.83 2.55
CA TRP A 31 8.77 6.38 3.56
C TRP A 31 7.44 7.15 3.42
N LEU A 32 6.37 6.44 3.08
CA LEU A 32 5.04 7.05 2.94
C LEU A 32 4.11 6.64 4.09
N GLN A 33 3.42 7.62 4.67
CA GLN A 33 2.51 7.37 5.81
C GLN A 33 1.09 7.06 5.35
N ILE A 34 0.59 5.88 5.72
CA ILE A 34 -0.79 5.48 5.44
C ILE A 34 -1.76 6.11 6.47
N PRO A 35 -2.71 6.96 6.02
CA PRO A 35 -3.69 7.58 6.92
C PRO A 35 -4.89 6.68 7.21
N GLU A 36 -5.12 6.37 8.50
CA GLU A 36 -6.29 5.58 8.93
C GLU A 36 -7.61 6.24 8.46
N ASP A 37 -7.52 7.51 8.08
CA ASP A 37 -8.66 8.27 7.56
C ASP A 37 -9.23 7.65 6.26
N THR A 38 -8.37 7.00 5.49
CA THR A 38 -8.80 6.34 4.24
C THR A 38 -8.28 4.89 4.16
N GLY A 39 -7.04 4.67 4.61
CA GLY A 39 -6.53 3.30 4.74
C GLY A 39 -5.48 2.90 3.71
N TRP A 40 -5.08 3.81 2.82
CA TRP A 40 -4.14 3.47 1.74
C TRP A 40 -3.17 4.61 1.40
N VAL A 41 -2.11 4.28 0.66
CA VAL A 41 -1.19 5.28 0.08
C VAL A 41 -0.62 4.77 -1.26
N GLU A 42 -0.42 5.67 -2.23
CA GLU A 42 0.07 5.26 -3.55
C GLU A 42 1.45 5.86 -3.89
N CYS A 43 2.29 5.05 -4.56
CA CYS A 43 3.58 5.51 -5.08
C CYS A 43 3.54 5.54 -6.63
N PRO A 44 3.53 6.75 -7.24
CA PRO A 44 3.22 6.92 -8.68
C PRO A 44 4.28 6.36 -9.67
N TYR A 45 5.19 5.53 -9.19
CA TYR A 45 6.20 4.90 -10.07
C TYR A 45 5.75 3.49 -10.51
N CYS A 46 5.77 2.52 -9.60
CA CYS A 46 5.15 1.20 -9.85
C CYS A 46 3.66 1.21 -9.47
N ASP A 47 3.13 2.37 -9.07
CA ASP A 47 1.73 2.51 -8.65
C ASP A 47 1.37 1.53 -7.51
N CYS A 48 2.36 1.24 -6.67
CA CYS A 48 2.15 0.40 -5.49
C CYS A 48 1.20 1.07 -4.49
N LYS A 49 0.01 0.50 -4.33
CA LYS A 49 -1.00 1.03 -3.42
C LYS A 49 -1.00 0.25 -2.10
N TYR A 50 -0.39 0.84 -1.07
CA TYR A 50 -0.23 0.18 0.23
C TYR A 50 -1.46 0.38 1.12
N VAL A 51 -2.13 -0.71 1.46
CA VAL A 51 -3.29 -0.68 2.35
C VAL A 51 -2.89 -1.04 3.80
N LEU A 52 -3.45 -0.33 4.77
CA LEU A 52 -3.14 -0.59 6.19
C LEU A 52 -3.87 -1.84 6.71
N LYS A 53 -3.12 -2.70 7.39
CA LYS A 53 -3.65 -3.96 7.93
C LYS A 53 -4.88 -3.75 8.83
N GLY A 54 -6.04 -4.19 8.36
CA GLY A 54 -7.27 -4.11 9.16
C GLY A 54 -7.99 -2.77 9.04
N SER A 55 -7.47 -1.87 8.21
CA SER A 55 -8.09 -0.55 8.01
C SER A 55 -9.41 -0.65 7.24
N LYS A 56 -10.11 0.48 7.10
CA LYS A 56 -11.37 0.51 6.37
C LYS A 56 -11.16 0.24 4.86
N ALA A 57 -9.94 0.52 4.39
CA ALA A 57 -9.56 0.16 3.01
C ALA A 57 -9.31 -1.35 2.88
N ASP A 58 -9.10 -2.00 4.02
CA ASP A 58 -8.91 -3.46 4.08
C ASP A 58 -10.22 -4.16 4.52
N ALA A 59 -11.36 -3.54 4.19
CA ALA A 59 -12.68 -4.07 4.57
C ALA A 59 -13.27 -4.95 3.46
N LEU A 60 -12.44 -5.32 2.49
CA LEU A 60 -12.87 -6.20 1.40
C LEU A 60 -12.79 -7.67 1.83
N GLU A 61 -12.76 -8.60 0.86
CA GLU A 61 -12.75 -10.05 1.14
C GLU A 61 -14.10 -10.49 1.72
N HIS A 62 -14.34 -10.18 2.99
CA HIS A 62 -15.58 -10.55 3.68
C HIS A 62 -15.76 -9.75 4.98
N HIS A 63 -17.00 -9.38 5.28
CA HIS A 63 -17.31 -8.55 6.45
C HIS A 63 -17.32 -9.35 7.76
N HIS A 64 -17.56 -8.63 8.87
CA HIS A 64 -17.59 -9.23 10.20
C HIS A 64 -18.55 -8.45 11.13
N HIS A 65 -18.35 -7.12 11.21
CA HIS A 65 -19.32 -6.21 11.83
C HIS A 65 -19.61 -6.47 13.33
N HIS A 66 -18.93 -7.45 13.94
CA HIS A 66 -19.23 -7.88 15.33
C HIS A 66 -20.75 -8.04 15.56
N HIS A 67 -21.19 -8.11 16.82
CA HIS A 67 -22.64 -8.13 17.11
C HIS A 67 -23.19 -6.71 17.30
N MET A 1 -2.25 -3.02 -24.81
CA MET A 1 -0.83 -3.43 -24.65
C MET A 1 -0.57 -3.94 -23.23
N THR A 2 -0.59 -3.02 -22.26
CA THR A 2 -0.38 -3.37 -20.84
C THR A 2 -1.63 -3.09 -20.00
N ILE A 3 -1.78 -3.83 -18.90
CA ILE A 3 -2.83 -3.54 -17.91
C ILE A 3 -2.26 -2.68 -16.78
N GLN A 4 -0.95 -2.80 -16.57
CA GLN A 4 -0.23 -2.08 -15.51
C GLN A 4 -0.67 -2.55 -14.12
N ALA A 5 -1.85 -2.09 -13.69
CA ALA A 5 -2.47 -2.50 -12.43
C ALA A 5 -1.62 -2.13 -11.19
N PRO A 6 -2.02 -1.06 -10.46
CA PRO A 6 -1.34 -0.68 -9.21
C PRO A 6 -1.40 -1.80 -8.15
N GLU A 7 -0.41 -2.70 -8.19
CA GLU A 7 -0.30 -3.81 -7.25
C GLU A 7 -0.59 -3.38 -5.80
N THR A 8 -1.53 -4.05 -5.17
CA THR A 8 -1.94 -3.73 -3.79
C THR A 8 -1.09 -4.53 -2.79
N LYS A 9 -0.63 -3.87 -1.72
CA LYS A 9 0.26 -4.51 -0.74
C LYS A 9 -0.29 -4.34 0.68
N ILE A 10 -0.62 -5.45 1.33
CA ILE A 10 -1.19 -5.42 2.68
C ILE A 10 -0.07 -5.39 3.75
N VAL A 11 0.04 -4.27 4.46
CA VAL A 11 1.08 -4.08 5.49
C VAL A 11 0.48 -4.00 6.91
N ASP A 12 1.34 -4.15 7.91
CA ASP A 12 0.91 -4.08 9.32
C ASP A 12 1.35 -2.75 9.98
N LYS A 13 2.12 -1.96 9.25
CA LYS A 13 2.63 -0.67 9.75
C LYS A 13 2.17 0.50 8.87
N SER A 14 1.91 1.64 9.51
CA SER A 14 1.46 2.85 8.80
C SER A 14 2.60 3.50 8.02
N ARG A 15 3.84 3.19 8.40
CA ARG A 15 5.02 3.69 7.69
C ARG A 15 5.62 2.59 6.79
N VAL A 16 5.51 2.80 5.48
CA VAL A 16 5.95 1.79 4.50
C VAL A 16 7.05 2.34 3.57
N ALA A 17 8.12 1.57 3.41
CA ALA A 17 9.21 1.95 2.51
C ALA A 17 8.82 1.76 1.04
N CYS A 18 9.22 2.71 0.20
CA CYS A 18 8.99 2.62 -1.24
C CYS A 18 10.29 2.81 -2.02
N ASP A 19 11.16 1.82 -1.96
CA ASP A 19 12.47 1.89 -2.62
C ASP A 19 12.33 1.83 -4.15
N GLY A 20 12.05 0.66 -4.69
CA GLY A 20 11.86 0.55 -6.14
C GLY A 20 11.98 -0.87 -6.67
N GLY A 21 11.89 -1.00 -7.99
CA GLY A 21 12.03 -2.29 -8.65
C GLY A 21 13.32 -2.39 -9.46
N GLU A 22 13.21 -2.25 -10.78
CA GLU A 22 14.38 -2.25 -11.66
C GLU A 22 15.27 -1.02 -11.42
N GLY A 23 16.48 -1.03 -11.97
CA GLY A 23 17.42 0.07 -11.82
C GLY A 23 16.81 1.46 -12.00
N ALA A 24 16.15 1.67 -13.14
CA ALA A 24 15.50 2.96 -13.43
C ALA A 24 14.38 3.29 -12.42
N LEU A 25 13.77 2.25 -11.86
CA LEU A 25 12.70 2.41 -10.86
C LEU A 25 13.26 2.45 -9.44
N GLY A 26 14.59 2.37 -9.32
CA GLY A 26 15.23 2.38 -8.01
C GLY A 26 15.30 3.78 -7.39
N HIS A 27 14.49 4.01 -6.37
CA HIS A 27 14.50 5.29 -5.66
C HIS A 27 15.40 5.20 -4.41
N PRO A 28 15.98 6.34 -3.96
CA PRO A 28 16.94 6.35 -2.83
C PRO A 28 16.42 5.66 -1.56
N ARG A 29 15.43 6.28 -0.90
CA ARG A 29 14.85 5.76 0.33
C ARG A 29 13.76 6.71 0.82
N VAL A 30 12.56 6.44 0.41
CA VAL A 30 11.37 7.22 0.80
C VAL A 30 10.31 6.35 1.48
N TRP A 31 9.76 6.82 2.58
CA TRP A 31 8.72 6.09 3.33
C TRP A 31 7.40 6.86 3.33
N LEU A 32 6.32 6.18 2.92
CA LEU A 32 4.99 6.80 2.85
C LEU A 32 4.21 6.60 4.15
N GLN A 33 3.30 7.54 4.44
CA GLN A 33 2.48 7.49 5.66
C GLN A 33 1.02 7.19 5.32
N ILE A 34 0.55 5.99 5.66
CA ILE A 34 -0.83 5.58 5.40
C ILE A 34 -1.81 6.32 6.34
N PRO A 35 -2.79 7.05 5.78
CA PRO A 35 -3.82 7.74 6.57
C PRO A 35 -5.03 6.84 6.91
N GLU A 36 -5.39 6.75 8.17
CA GLU A 36 -6.57 5.96 8.59
C GLU A 36 -7.85 6.47 7.93
N ASP A 37 -7.79 7.73 7.49
CA ASP A 37 -8.89 8.39 6.79
C ASP A 37 -9.26 7.65 5.49
N THR A 38 -8.26 7.02 4.86
CA THR A 38 -8.47 6.24 3.63
C THR A 38 -8.21 4.76 3.87
N GLY A 39 -7.08 4.46 4.52
CA GLY A 39 -6.69 3.08 4.78
C GLY A 39 -5.64 2.58 3.79
N TRP A 40 -5.22 3.45 2.88
CA TRP A 40 -4.25 3.09 1.84
C TRP A 40 -3.49 4.32 1.31
N VAL A 41 -2.36 4.08 0.65
CA VAL A 41 -1.62 5.15 -0.03
C VAL A 41 -0.90 4.59 -1.27
N GLU A 42 -1.13 5.22 -2.43
CA GLU A 42 -0.49 4.80 -3.66
C GLU A 42 0.79 5.59 -3.92
N CYS A 43 1.81 4.93 -4.47
CA CYS A 43 3.08 5.59 -4.78
C CYS A 43 2.96 6.54 -5.98
N PRO A 44 3.44 7.79 -5.85
CA PRO A 44 3.39 8.77 -6.94
C PRO A 44 4.45 8.53 -8.02
N TYR A 45 5.25 7.48 -7.86
CA TYR A 45 6.29 7.15 -8.85
C TYR A 45 5.85 6.01 -9.79
N CYS A 46 6.08 4.76 -9.39
CA CYS A 46 5.70 3.61 -10.23
C CYS A 46 5.82 2.27 -9.47
N ASP A 47 5.79 2.34 -8.15
CA ASP A 47 6.03 1.16 -7.30
C ASP A 47 4.74 0.34 -7.05
N CYS A 48 3.99 0.70 -5.99
CA CYS A 48 2.77 -0.06 -5.63
C CYS A 48 1.76 0.79 -4.83
N LYS A 49 0.63 0.18 -4.48
CA LYS A 49 -0.39 0.79 -3.62
C LYS A 49 -0.44 0.06 -2.26
N TYR A 50 -0.20 0.79 -1.18
CA TYR A 50 -0.01 0.17 0.14
C TYR A 50 -1.26 0.32 1.02
N VAL A 51 -1.87 -0.81 1.37
CA VAL A 51 -3.06 -0.81 2.25
C VAL A 51 -2.71 -1.29 3.67
N LEU A 52 -3.22 -0.58 4.68
CA LEU A 52 -2.95 -0.94 6.08
C LEU A 52 -3.97 -1.96 6.61
N LYS A 53 -3.46 -3.10 7.08
CA LYS A 53 -4.31 -4.16 7.63
C LYS A 53 -4.95 -3.70 8.94
N GLY A 54 -6.27 -3.84 9.04
CA GLY A 54 -7.01 -3.35 10.21
C GLY A 54 -7.43 -1.89 10.08
N SER A 55 -7.32 -1.34 8.87
CA SER A 55 -7.72 0.05 8.60
C SER A 55 -8.97 0.12 7.73
N LYS A 56 -9.36 1.33 7.32
CA LYS A 56 -10.59 1.54 6.54
C LYS A 56 -10.61 0.71 5.24
N ALA A 57 -9.52 0.75 4.48
CA ALA A 57 -9.44 0.05 3.19
C ALA A 57 -9.29 -1.47 3.36
N ASP A 58 -8.98 -1.92 4.58
CA ASP A 58 -8.81 -3.36 4.84
C ASP A 58 -10.17 -4.08 4.83
N ALA A 59 -10.61 -4.47 3.63
CA ALA A 59 -11.84 -5.24 3.46
C ALA A 59 -11.81 -6.04 2.14
N LEU A 60 -10.60 -6.22 1.60
CA LEU A 60 -10.42 -6.87 0.30
C LEU A 60 -9.41 -8.03 0.36
N GLU A 61 -9.08 -8.48 1.58
CA GLU A 61 -8.07 -9.54 1.76
C GLU A 61 -8.45 -10.83 1.00
N HIS A 62 -7.48 -11.41 0.32
CA HIS A 62 -7.72 -12.61 -0.49
C HIS A 62 -7.43 -13.87 0.32
N HIS A 63 -8.47 -14.64 0.60
CA HIS A 63 -8.33 -15.86 1.39
C HIS A 63 -7.90 -17.05 0.52
N HIS A 64 -6.62 -17.05 0.11
CA HIS A 64 -6.06 -18.08 -0.80
C HIS A 64 -6.60 -17.92 -2.25
N HIS A 65 -7.91 -17.77 -2.39
CA HIS A 65 -8.57 -17.63 -3.69
C HIS A 65 -7.91 -16.56 -4.59
N HIS A 66 -7.53 -16.98 -5.79
CA HIS A 66 -6.96 -16.07 -6.79
C HIS A 66 -7.86 -16.01 -8.04
N HIS A 67 -8.19 -17.19 -8.58
CA HIS A 67 -9.09 -17.30 -9.74
C HIS A 67 -10.55 -17.55 -9.29
N MET A 1 -4.35 -17.57 -8.60
CA MET A 1 -5.51 -17.04 -9.37
C MET A 1 -5.35 -15.54 -9.69
N THR A 2 -5.41 -14.68 -8.67
CA THR A 2 -5.32 -13.23 -8.88
C THR A 2 -4.25 -12.61 -7.96
N ILE A 3 -3.41 -13.46 -7.37
CA ILE A 3 -2.37 -13.02 -6.40
C ILE A 3 -2.98 -12.56 -5.06
N GLN A 4 -4.26 -12.16 -5.09
CA GLN A 4 -4.95 -11.59 -3.92
C GLN A 4 -4.30 -10.27 -3.48
N ALA A 5 -3.50 -9.69 -4.36
CA ALA A 5 -2.82 -8.41 -4.11
C ALA A 5 -2.52 -7.68 -5.43
N PRO A 6 -3.53 -7.48 -6.32
CA PRO A 6 -3.33 -6.82 -7.62
C PRO A 6 -2.93 -5.35 -7.46
N GLU A 7 -1.62 -5.09 -7.40
CA GLU A 7 -1.08 -3.74 -7.21
C GLU A 7 -1.51 -3.17 -5.84
N THR A 8 -1.94 -4.08 -4.99
CA THR A 8 -2.45 -3.75 -3.65
C THR A 8 -1.64 -4.50 -2.58
N LYS A 9 -0.86 -3.77 -1.80
CA LYS A 9 0.07 -4.38 -0.85
C LYS A 9 -0.47 -4.32 0.57
N ILE A 10 -0.75 -5.48 1.15
CA ILE A 10 -1.33 -5.56 2.49
C ILE A 10 -0.23 -5.42 3.57
N VAL A 11 -0.12 -4.23 4.15
CA VAL A 11 0.89 -3.95 5.18
C VAL A 11 0.29 -3.95 6.60
N ASP A 12 1.16 -3.95 7.61
CA ASP A 12 0.71 -4.03 9.01
C ASP A 12 0.81 -2.68 9.74
N LYS A 13 1.62 -1.76 9.23
CA LYS A 13 1.80 -0.43 9.86
C LYS A 13 1.66 0.71 8.84
N SER A 14 1.49 1.93 9.35
CA SER A 14 1.22 3.11 8.51
C SER A 14 2.51 3.70 7.90
N ARG A 15 3.60 3.71 8.66
CA ARG A 15 4.88 4.25 8.18
C ARG A 15 5.68 3.18 7.43
N VAL A 16 5.71 3.26 6.10
CA VAL A 16 6.33 2.21 5.27
C VAL A 16 7.31 2.78 4.23
N ALA A 17 8.48 2.15 4.11
CA ALA A 17 9.43 2.49 3.04
C ALA A 17 8.96 1.92 1.70
N CYS A 18 8.60 2.80 0.78
CA CYS A 18 8.02 2.38 -0.50
C CYS A 18 8.88 2.84 -1.68
N ASP A 19 8.30 2.80 -2.88
CA ASP A 19 8.97 3.31 -4.09
C ASP A 19 10.22 2.50 -4.48
N GLY A 20 10.51 1.42 -3.77
CA GLY A 20 11.61 0.55 -4.16
C GLY A 20 12.09 -0.36 -3.03
N GLY A 21 13.03 -1.25 -3.35
CA GLY A 21 13.60 -2.14 -2.32
C GLY A 21 14.55 -3.21 -2.87
N GLU A 22 15.00 -3.08 -4.12
CA GLU A 22 15.89 -4.07 -4.73
C GLU A 22 17.38 -3.62 -4.67
N GLY A 23 18.22 -4.07 -5.62
CA GLY A 23 19.65 -3.76 -5.61
C GLY A 23 20.00 -2.30 -5.29
N ALA A 24 19.34 -1.36 -5.95
CA ALA A 24 19.55 0.07 -5.69
C ALA A 24 18.37 0.67 -4.90
N LEU A 25 17.62 -0.20 -4.23
CA LEU A 25 16.44 0.17 -3.44
C LEU A 25 15.37 0.86 -4.30
N GLY A 26 15.40 0.60 -5.61
CA GLY A 26 14.48 1.24 -6.54
C GLY A 26 14.71 2.74 -6.62
N HIS A 27 13.88 3.52 -5.94
CA HIS A 27 14.14 4.95 -5.77
C HIS A 27 14.91 5.14 -4.46
N PRO A 28 16.00 5.96 -4.46
CA PRO A 28 17.01 6.01 -3.39
C PRO A 28 16.59 5.41 -2.03
N ARG A 29 15.50 5.93 -1.45
CA ARG A 29 14.88 5.35 -0.25
C ARG A 29 13.78 6.28 0.26
N VAL A 30 12.59 6.06 -0.24
CA VAL A 30 11.44 6.93 0.03
C VAL A 30 10.51 6.33 1.10
N TRP A 31 10.24 7.12 2.14
CA TRP A 31 9.37 6.69 3.24
C TRP A 31 7.99 7.37 3.17
N LEU A 32 6.95 6.57 2.95
CA LEU A 32 5.58 7.08 2.84
C LEU A 32 4.82 6.94 4.18
N GLN A 33 3.62 7.52 4.22
CA GLN A 33 2.77 7.47 5.43
C GLN A 33 1.32 7.21 5.03
N ILE A 34 0.77 6.08 5.47
CA ILE A 34 -0.63 5.74 5.22
C ILE A 34 -1.57 6.68 6.01
N PRO A 35 -2.44 7.43 5.31
CA PRO A 35 -3.43 8.29 5.97
C PRO A 35 -4.59 7.48 6.55
N GLU A 36 -4.67 7.44 7.87
CA GLU A 36 -5.68 6.65 8.59
C GLU A 36 -7.12 6.99 8.15
N ASP A 37 -7.30 8.18 7.57
CA ASP A 37 -8.58 8.57 6.98
C ASP A 37 -8.96 7.62 5.83
N THR A 38 -8.02 7.35 4.93
CA THR A 38 -8.28 6.49 3.76
C THR A 38 -8.02 5.01 4.07
N GLY A 39 -6.86 4.72 4.65
CA GLY A 39 -6.47 3.34 4.92
C GLY A 39 -5.44 2.81 3.92
N TRP A 40 -5.02 3.65 2.98
CA TRP A 40 -4.08 3.25 1.93
C TRP A 40 -3.24 4.43 1.42
N VAL A 41 -2.09 4.12 0.81
CA VAL A 41 -1.26 5.14 0.16
C VAL A 41 -0.59 4.56 -1.09
N GLU A 42 -0.74 5.22 -2.24
CA GLU A 42 -0.19 4.71 -3.50
C GLU A 42 1.08 5.46 -3.93
N CYS A 43 1.93 4.78 -4.68
CA CYS A 43 3.22 5.32 -5.12
C CYS A 43 3.05 6.44 -6.16
N PRO A 44 3.78 7.56 -5.99
CA PRO A 44 3.74 8.69 -6.92
C PRO A 44 4.56 8.44 -8.21
N TYR A 45 5.29 7.33 -8.23
CA TYR A 45 6.13 6.98 -9.39
C TYR A 45 5.58 5.79 -10.20
N CYS A 46 6.02 4.57 -9.89
CA CYS A 46 5.73 3.42 -10.76
C CYS A 46 5.52 2.11 -9.98
N ASP A 47 5.42 2.20 -8.66
CA ASP A 47 5.39 1.00 -7.83
C ASP A 47 3.95 0.46 -7.59
N CYS A 48 3.42 0.63 -6.38
CA CYS A 48 2.10 0.05 -6.04
C CYS A 48 1.37 0.84 -4.95
N LYS A 49 0.17 0.38 -4.58
CA LYS A 49 -0.62 0.99 -3.51
C LYS A 49 -0.63 0.13 -2.25
N TYR A 50 -0.25 0.71 -1.12
CA TYR A 50 -0.09 -0.02 0.14
C TYR A 50 -1.33 0.17 1.04
N VAL A 51 -2.07 -0.90 1.26
CA VAL A 51 -3.27 -0.87 2.12
C VAL A 51 -2.97 -1.39 3.54
N LEU A 52 -3.41 -0.64 4.55
CA LEU A 52 -3.21 -1.01 5.95
C LEU A 52 -4.22 -2.09 6.39
N LYS A 53 -3.73 -3.26 6.78
CA LYS A 53 -4.60 -4.33 7.25
C LYS A 53 -5.13 -4.04 8.67
N GLY A 54 -6.33 -4.56 8.97
CA GLY A 54 -6.98 -4.24 10.24
C GLY A 54 -7.65 -2.87 10.21
N SER A 55 -7.80 -2.33 9.01
CA SER A 55 -8.43 -1.01 8.81
C SER A 55 -9.73 -1.11 8.00
N LYS A 56 -10.34 0.03 7.72
CA LYS A 56 -11.60 0.11 6.98
C LYS A 56 -11.45 -0.49 5.57
N ALA A 57 -10.28 -0.30 4.96
CA ALA A 57 -10.01 -0.78 3.60
C ALA A 57 -9.51 -2.24 3.57
N ASP A 58 -9.58 -2.93 4.71
CA ASP A 58 -9.13 -4.33 4.80
C ASP A 58 -10.27 -5.32 4.48
N ALA A 59 -11.44 -4.80 4.12
CA ALA A 59 -12.59 -5.63 3.77
C ALA A 59 -13.40 -5.00 2.64
N LEU A 60 -13.00 -5.31 1.40
CA LEU A 60 -13.66 -4.76 0.20
C LEU A 60 -14.88 -5.60 -0.22
N GLU A 61 -15.40 -6.42 0.70
CA GLU A 61 -16.54 -7.28 0.41
C GLU A 61 -17.88 -6.59 0.74
N HIS A 62 -18.92 -6.93 -0.01
CA HIS A 62 -20.28 -6.49 0.30
C HIS A 62 -20.96 -7.51 1.22
N HIS A 63 -20.71 -8.79 0.95
CA HIS A 63 -21.24 -9.88 1.76
C HIS A 63 -20.63 -11.23 1.36
N HIS A 64 -19.65 -11.70 2.13
CA HIS A 64 -19.05 -13.02 1.89
C HIS A 64 -18.41 -13.57 3.17
N HIS A 65 -17.20 -13.12 3.50
CA HIS A 65 -16.51 -13.60 4.70
C HIS A 65 -16.10 -12.42 5.62
N HIS A 66 -17.07 -11.85 6.32
CA HIS A 66 -16.79 -10.82 7.33
C HIS A 66 -16.52 -11.46 8.71
N HIS A 67 -16.87 -12.74 8.84
CA HIS A 67 -16.62 -13.50 10.08
C HIS A 67 -15.50 -14.53 9.87
N MET A 1 -0.85 -0.17 -22.44
CA MET A 1 -1.85 -0.06 -21.33
C MET A 1 -1.32 -0.68 -20.02
N THR A 2 -0.37 -1.63 -20.12
CA THR A 2 0.22 -2.29 -18.95
C THR A 2 -0.83 -3.00 -18.08
N ILE A 3 -2.05 -3.12 -18.61
CA ILE A 3 -3.19 -3.70 -17.87
C ILE A 3 -3.53 -2.87 -16.60
N GLN A 4 -2.89 -1.71 -16.46
CA GLN A 4 -3.05 -0.84 -15.27
C GLN A 4 -2.57 -1.54 -13.99
N ALA A 5 -3.33 -2.53 -13.54
CA ALA A 5 -3.03 -3.32 -12.34
C ALA A 5 -3.08 -2.48 -11.05
N PRO A 6 -4.30 -2.29 -10.48
CA PRO A 6 -4.46 -1.62 -9.18
C PRO A 6 -3.98 -2.52 -8.02
N GLU A 7 -2.67 -2.72 -7.95
CA GLU A 7 -2.07 -3.65 -6.99
C GLU A 7 -2.24 -3.19 -5.54
N THR A 8 -2.95 -3.99 -4.75
CA THR A 8 -3.13 -3.72 -3.32
C THR A 8 -2.15 -4.54 -2.48
N LYS A 9 -1.39 -3.87 -1.61
CA LYS A 9 -0.39 -4.53 -0.79
C LYS A 9 -0.67 -4.29 0.71
N ILE A 10 -1.07 -5.33 1.41
CA ILE A 10 -1.42 -5.22 2.83
C ILE A 10 -0.16 -5.13 3.71
N VAL A 11 0.13 -3.93 4.19
CA VAL A 11 1.30 -3.71 5.05
C VAL A 11 0.92 -3.76 6.55
N ASP A 12 1.89 -4.07 7.39
CA ASP A 12 1.65 -4.25 8.82
C ASP A 12 1.62 -2.92 9.57
N LYS A 13 2.47 -1.99 9.16
CA LYS A 13 2.57 -0.69 9.84
C LYS A 13 2.23 0.48 8.90
N SER A 14 2.04 1.67 9.49
CA SER A 14 1.60 2.86 8.75
C SER A 14 2.67 3.39 7.78
N ARG A 15 3.95 3.28 8.16
CA ARG A 15 5.03 3.76 7.30
C ARG A 15 5.67 2.64 6.49
N VAL A 16 5.91 2.90 5.21
CA VAL A 16 6.48 1.91 4.29
C VAL A 16 7.68 2.50 3.53
N ALA A 17 8.84 1.84 3.64
CA ALA A 17 10.03 2.25 2.89
C ALA A 17 9.91 1.85 1.41
N CYS A 18 9.44 2.78 0.59
CA CYS A 18 9.20 2.50 -0.83
C CYS A 18 10.41 2.85 -1.69
N ASP A 19 11.54 2.20 -1.42
CA ASP A 19 12.76 2.41 -2.20
C ASP A 19 12.50 2.15 -3.70
N GLY A 20 12.14 0.92 -4.03
CA GLY A 20 11.83 0.56 -5.41
C GLY A 20 11.86 -0.94 -5.66
N GLY A 21 12.04 -1.33 -6.91
CA GLY A 21 12.13 -2.75 -7.25
C GLY A 21 13.50 -3.34 -6.97
N GLU A 22 14.28 -3.58 -8.02
CA GLU A 22 15.67 -4.04 -7.87
C GLU A 22 16.53 -2.96 -7.19
N GLY A 23 17.63 -3.38 -6.57
CA GLY A 23 18.53 -2.43 -5.89
C GLY A 23 18.83 -1.16 -6.70
N ALA A 24 19.30 -1.33 -7.93
CA ALA A 24 19.62 -0.19 -8.81
C ALA A 24 18.37 0.61 -9.22
N LEU A 25 17.20 -0.03 -9.16
CA LEU A 25 15.94 0.62 -9.54
C LEU A 25 15.32 1.37 -8.35
N GLY A 26 15.99 1.34 -7.20
CA GLY A 26 15.47 1.98 -6.00
C GLY A 26 15.76 3.49 -5.94
N HIS A 27 15.03 4.18 -5.08
CA HIS A 27 15.19 5.62 -4.86
C HIS A 27 16.04 5.87 -3.60
N PRO A 28 16.56 7.11 -3.38
CA PRO A 28 17.41 7.44 -2.22
C PRO A 28 16.97 6.79 -0.90
N ARG A 29 15.79 7.17 -0.41
CA ARG A 29 15.20 6.61 0.80
C ARG A 29 13.92 7.35 1.17
N VAL A 30 12.82 6.86 0.64
CA VAL A 30 11.50 7.48 0.83
C VAL A 30 10.55 6.61 1.68
N TRP A 31 10.08 7.16 2.79
CA TRP A 31 9.12 6.48 3.67
C TRP A 31 7.72 7.10 3.54
N LEU A 32 6.78 6.33 2.99
CA LEU A 32 5.40 6.79 2.83
C LEU A 32 4.57 6.54 4.10
N GLN A 33 3.65 7.46 4.40
CA GLN A 33 2.83 7.37 5.62
C GLN A 33 1.34 7.19 5.27
N ILE A 34 0.78 6.05 5.67
CA ILE A 34 -0.63 5.74 5.38
C ILE A 34 -1.59 6.50 6.31
N PRO A 35 -2.57 7.23 5.73
CA PRO A 35 -3.63 7.89 6.49
C PRO A 35 -4.83 6.96 6.77
N GLU A 36 -5.30 6.91 8.01
CA GLU A 36 -6.43 6.03 8.36
C GLU A 36 -7.74 6.48 7.67
N ASP A 37 -7.80 7.78 7.33
CA ASP A 37 -8.96 8.35 6.61
C ASP A 37 -9.24 7.58 5.32
N THR A 38 -8.24 7.50 4.45
CA THR A 38 -8.34 6.70 3.23
C THR A 38 -8.19 5.22 3.55
N GLY A 39 -7.16 4.91 4.35
CA GLY A 39 -6.88 3.52 4.73
C GLY A 39 -5.78 2.91 3.88
N TRP A 40 -5.22 3.70 2.97
CA TRP A 40 -4.20 3.22 2.03
C TRP A 40 -3.38 4.40 1.47
N VAL A 41 -2.26 4.10 0.82
CA VAL A 41 -1.45 5.12 0.17
C VAL A 41 -1.00 4.69 -1.24
N GLU A 42 -1.17 5.59 -2.21
CA GLU A 42 -0.72 5.33 -3.58
C GLU A 42 0.72 5.84 -3.79
N CYS A 43 1.65 4.92 -3.99
CA CYS A 43 3.06 5.26 -4.17
C CYS A 43 3.33 5.92 -5.52
N PRO A 44 3.66 7.23 -5.54
CA PRO A 44 3.99 7.95 -6.78
C PRO A 44 5.36 7.53 -7.36
N TYR A 45 6.12 6.79 -6.57
CA TYR A 45 7.48 6.38 -6.94
C TYR A 45 7.48 5.11 -7.80
N CYS A 46 6.65 4.12 -7.43
CA CYS A 46 6.61 2.84 -8.16
C CYS A 46 5.17 2.40 -8.49
N ASP A 47 4.19 3.27 -8.24
CA ASP A 47 2.78 3.03 -8.59
C ASP A 47 2.22 1.75 -7.94
N CYS A 48 1.88 1.85 -6.65
CA CYS A 48 1.28 0.72 -5.90
C CYS A 48 0.41 1.23 -4.75
N LYS A 49 -0.67 0.50 -4.43
CA LYS A 49 -1.56 0.87 -3.33
C LYS A 49 -1.24 0.07 -2.06
N TYR A 50 -0.63 0.71 -1.07
CA TYR A 50 -0.31 0.04 0.20
C TYR A 50 -1.44 0.25 1.21
N VAL A 51 -2.15 -0.84 1.53
CA VAL A 51 -3.26 -0.78 2.49
C VAL A 51 -2.83 -1.20 3.91
N LEU A 52 -3.26 -0.44 4.90
CA LEU A 52 -2.89 -0.70 6.30
C LEU A 52 -3.65 -1.90 6.88
N LYS A 53 -2.91 -2.81 7.53
CA LYS A 53 -3.49 -3.96 8.22
C LYS A 53 -4.46 -3.50 9.34
N GLY A 54 -5.76 -3.58 9.07
CA GLY A 54 -6.77 -3.12 10.02
C GLY A 54 -7.61 -1.98 9.46
N SER A 55 -7.24 -1.48 8.29
CA SER A 55 -7.98 -0.41 7.60
C SER A 55 -9.38 -0.88 7.16
N LYS A 56 -10.33 0.04 7.07
CA LYS A 56 -11.66 -0.28 6.53
C LYS A 56 -11.60 -0.52 5.01
N ALA A 57 -10.45 -0.25 4.41
CA ALA A 57 -10.19 -0.63 3.01
C ALA A 57 -10.01 -2.16 2.90
N ASP A 58 -9.55 -2.77 3.98
CA ASP A 58 -9.41 -4.22 4.08
C ASP A 58 -10.75 -4.85 4.51
N ALA A 59 -10.76 -6.18 4.68
CA ALA A 59 -11.98 -6.89 5.09
C ALA A 59 -13.12 -6.69 4.07
N LEU A 60 -13.05 -7.43 2.97
CA LEU A 60 -14.00 -7.26 1.86
C LEU A 60 -15.35 -7.94 2.14
N GLU A 61 -15.50 -8.52 3.33
CA GLU A 61 -16.75 -9.16 3.73
C GLU A 61 -17.80 -8.09 4.09
N HIS A 62 -18.71 -7.79 3.15
CA HIS A 62 -19.67 -6.68 3.34
C HIS A 62 -21.04 -7.14 3.87
N HIS A 63 -21.17 -8.39 4.29
CA HIS A 63 -22.40 -8.85 4.94
C HIS A 63 -22.50 -8.25 6.35
N HIS A 64 -21.39 -7.72 6.85
CA HIS A 64 -21.37 -6.98 8.11
C HIS A 64 -22.11 -5.64 7.98
N HIS A 65 -23.38 -5.61 8.38
CA HIS A 65 -24.16 -4.37 8.38
C HIS A 65 -23.99 -3.62 9.71
N HIS A 66 -24.43 -4.27 10.80
CA HIS A 66 -24.31 -3.69 12.15
C HIS A 66 -23.59 -4.66 13.09
N HIS A 67 -22.82 -5.56 12.49
CA HIS A 67 -22.06 -6.58 13.22
C HIS A 67 -21.17 -7.39 12.25
N MET A 1 -14.76 0.54 -14.15
CA MET A 1 -13.47 -0.19 -14.34
C MET A 1 -12.28 0.66 -13.85
N THR A 2 -11.10 0.05 -13.78
CA THR A 2 -9.89 0.74 -13.31
C THR A 2 -8.90 0.99 -14.47
N ILE A 3 -7.99 1.95 -14.28
CA ILE A 3 -6.95 2.26 -15.28
C ILE A 3 -5.89 1.13 -15.39
N GLN A 4 -6.20 -0.04 -14.83
CA GLN A 4 -5.31 -1.21 -14.82
C GLN A 4 -4.01 -0.93 -14.04
N ALA A 5 -4.03 -1.28 -12.75
CA ALA A 5 -2.87 -1.15 -11.88
C ALA A 5 -3.15 -1.78 -10.50
N PRO A 6 -3.40 -3.12 -10.47
CA PRO A 6 -3.78 -3.84 -9.24
C PRO A 6 -2.60 -4.15 -8.32
N GLU A 7 -1.58 -3.29 -8.34
CA GLU A 7 -0.39 -3.48 -7.52
C GLU A 7 -0.68 -3.12 -6.05
N THR A 8 -1.38 -4.00 -5.37
CA THR A 8 -1.78 -3.78 -3.98
C THR A 8 -0.83 -4.47 -2.98
N LYS A 9 -0.56 -3.81 -1.86
CA LYS A 9 0.33 -4.34 -0.83
C LYS A 9 -0.29 -4.17 0.57
N ILE A 10 -0.62 -5.28 1.22
CA ILE A 10 -1.25 -5.26 2.54
C ILE A 10 -0.22 -5.21 3.67
N VAL A 11 -0.06 -4.04 4.29
CA VAL A 11 0.96 -3.85 5.34
C VAL A 11 0.33 -3.87 6.74
N ASP A 12 1.08 -4.35 7.71
CA ASP A 12 0.58 -4.45 9.10
C ASP A 12 0.87 -3.17 9.89
N LYS A 13 1.60 -2.24 9.25
CA LYS A 13 1.96 -0.96 9.86
C LYS A 13 1.66 0.21 8.92
N SER A 14 1.40 1.40 9.49
CA SER A 14 1.11 2.60 8.70
C SER A 14 2.40 3.26 8.17
N ARG A 15 3.55 2.75 8.61
CA ARG A 15 4.85 3.27 8.19
C ARG A 15 5.42 2.47 7.01
N VAL A 16 5.55 3.13 5.86
CA VAL A 16 5.90 2.44 4.61
C VAL A 16 7.14 3.05 3.92
N ALA A 17 8.04 2.18 3.46
CA ALA A 17 9.21 2.61 2.67
C ALA A 17 9.02 2.26 1.17
N CYS A 18 8.84 3.29 0.34
CA CYS A 18 8.67 3.11 -1.11
C CYS A 18 9.92 3.58 -1.88
N ASP A 19 9.90 3.42 -3.20
CA ASP A 19 11.03 3.87 -4.04
C ASP A 19 10.59 4.79 -5.18
N GLY A 20 10.10 5.97 -4.83
CA GLY A 20 9.71 6.94 -5.84
C GLY A 20 9.30 8.28 -5.23
N GLY A 21 9.99 9.38 -5.57
CA GLY A 21 9.59 10.68 -5.04
C GLY A 21 10.73 11.70 -4.84
N GLU A 22 11.80 11.31 -4.14
CA GLU A 22 12.84 12.26 -3.72
C GLU A 22 14.04 12.31 -4.70
N GLY A 23 14.91 13.30 -4.49
CA GLY A 23 16.03 13.59 -5.40
C GLY A 23 15.69 13.47 -6.89
N ALA A 24 16.01 12.33 -7.50
CA ALA A 24 15.70 12.08 -8.92
C ALA A 24 14.31 11.46 -9.10
N LEU A 25 13.50 11.57 -8.05
CA LEU A 25 12.12 11.04 -7.96
C LEU A 25 12.00 9.55 -8.36
N GLY A 26 13.12 8.89 -8.61
CA GLY A 26 13.10 7.51 -9.07
C GLY A 26 13.93 6.56 -8.22
N HIS A 27 13.26 5.79 -7.36
CA HIS A 27 13.90 4.76 -6.52
C HIS A 27 15.04 5.32 -5.63
N PRO A 28 14.77 6.39 -4.85
CA PRO A 28 15.76 6.97 -3.92
C PRO A 28 15.51 6.60 -2.45
N ARG A 29 14.65 5.60 -2.22
CA ARG A 29 14.28 5.16 -0.89
C ARG A 29 13.53 6.27 -0.15
N VAL A 30 12.23 6.27 -0.37
CA VAL A 30 11.34 7.27 0.22
C VAL A 30 10.43 6.64 1.29
N TRP A 31 9.97 7.46 2.24
CA TRP A 31 9.17 6.95 3.36
C TRP A 31 7.81 7.67 3.48
N LEU A 32 6.73 6.92 3.26
CA LEU A 32 5.36 7.46 3.33
C LEU A 32 4.65 7.02 4.62
N GLN A 33 3.52 7.64 4.91
CA GLN A 33 2.71 7.32 6.09
C GLN A 33 1.24 7.11 5.70
N ILE A 34 0.74 5.88 5.84
CA ILE A 34 -0.64 5.55 5.48
C ILE A 34 -1.64 6.33 6.35
N PRO A 35 -2.52 7.15 5.73
CA PRO A 35 -3.54 7.90 6.47
C PRO A 35 -4.76 7.02 6.80
N GLU A 36 -4.98 6.77 8.09
CA GLU A 36 -6.10 5.93 8.54
C GLU A 36 -7.46 6.52 8.12
N ASP A 37 -7.45 7.79 7.73
CA ASP A 37 -8.64 8.46 7.20
C ASP A 37 -9.05 7.89 5.83
N THR A 38 -8.06 7.42 5.06
CA THR A 38 -8.31 6.74 3.77
C THR A 38 -8.16 5.23 3.92
N GLY A 39 -7.01 4.80 4.42
CA GLY A 39 -6.75 3.38 4.64
C GLY A 39 -5.64 2.84 3.74
N TRP A 40 -5.08 3.70 2.89
CA TRP A 40 -4.05 3.27 1.92
C TRP A 40 -3.32 4.46 1.29
N VAL A 41 -2.16 4.20 0.70
CA VAL A 41 -1.41 5.22 -0.04
C VAL A 41 -0.52 4.57 -1.11
N GLU A 42 -0.54 5.10 -2.33
CA GLU A 42 0.24 4.53 -3.44
C GLU A 42 1.40 5.45 -3.85
N CYS A 43 2.50 4.83 -4.32
CA CYS A 43 3.59 5.59 -4.93
C CYS A 43 3.28 5.85 -6.41
N PRO A 44 2.95 7.10 -6.79
CA PRO A 44 2.48 7.43 -8.14
C PRO A 44 3.54 7.19 -9.24
N TYR A 45 4.77 6.93 -8.82
CA TYR A 45 5.88 6.73 -9.76
C TYR A 45 5.98 5.27 -10.23
N CYS A 46 6.75 4.46 -9.51
CA CYS A 46 6.91 3.04 -9.85
C CYS A 46 7.23 2.20 -8.61
N ASP A 47 6.18 1.82 -7.87
CA ASP A 47 6.33 0.96 -6.70
C ASP A 47 5.05 0.10 -6.50
N CYS A 48 4.09 0.61 -5.73
CA CYS A 48 2.78 -0.05 -5.55
C CYS A 48 1.86 0.75 -4.61
N LYS A 49 0.67 0.20 -4.33
CA LYS A 49 -0.31 0.83 -3.44
C LYS A 49 -0.37 0.08 -2.10
N TYR A 50 -0.08 0.78 -1.01
CA TYR A 50 0.04 0.16 0.30
C TYR A 50 -1.24 0.32 1.13
N VAL A 51 -1.97 -0.78 1.29
CA VAL A 51 -3.21 -0.80 2.08
C VAL A 51 -2.93 -1.23 3.54
N LEU A 52 -3.51 -0.49 4.49
CA LEU A 52 -3.31 -0.77 5.92
C LEU A 52 -4.19 -1.94 6.39
N LYS A 53 -3.53 -2.98 6.90
CA LYS A 53 -4.19 -4.19 7.40
C LYS A 53 -4.80 -3.94 8.78
N GLY A 54 -6.12 -4.06 8.89
CA GLY A 54 -6.80 -3.71 10.13
C GLY A 54 -7.19 -2.24 10.16
N SER A 55 -7.93 -1.82 9.14
CA SER A 55 -8.31 -0.41 8.96
C SER A 55 -9.66 -0.29 8.22
N LYS A 56 -9.84 0.80 7.48
CA LYS A 56 -11.11 1.05 6.75
C LYS A 56 -11.01 0.73 5.24
N ALA A 57 -10.06 -0.11 4.85
CA ALA A 57 -9.84 -0.39 3.42
C ALA A 57 -9.81 -1.90 3.15
N ASP A 58 -9.30 -2.63 4.12
CA ASP A 58 -9.22 -4.09 4.06
C ASP A 58 -10.60 -4.76 4.26
N ALA A 59 -11.49 -4.57 3.29
CA ALA A 59 -12.85 -5.13 3.35
C ALA A 59 -12.97 -6.42 2.53
N LEU A 60 -11.86 -7.16 2.44
CA LEU A 60 -11.82 -8.39 1.64
C LEU A 60 -12.52 -9.56 2.37
N GLU A 61 -13.85 -9.59 2.30
CA GLU A 61 -14.62 -10.70 2.88
C GLU A 61 -14.70 -11.88 1.91
N HIS A 62 -13.77 -12.82 2.06
CA HIS A 62 -13.76 -14.05 1.25
C HIS A 62 -13.39 -15.27 2.11
N HIS A 63 -14.39 -16.01 2.56
CA HIS A 63 -14.13 -17.25 3.29
C HIS A 63 -13.57 -18.32 2.34
N HIS A 64 -12.27 -18.27 2.11
CA HIS A 64 -11.58 -19.22 1.24
C HIS A 64 -11.58 -20.61 1.90
N HIS A 65 -11.56 -21.67 1.09
CA HIS A 65 -11.61 -23.04 1.64
C HIS A 65 -10.34 -23.37 2.46
N HIS A 66 -10.24 -22.76 3.65
CA HIS A 66 -9.05 -22.82 4.51
C HIS A 66 -9.06 -21.68 5.53
N HIS A 67 -9.64 -20.54 5.12
CA HIS A 67 -9.65 -19.32 5.95
C HIS A 67 -11.04 -18.65 5.96
N MET A 1 -2.52 -16.66 -16.99
CA MET A 1 -3.44 -17.37 -16.05
C MET A 1 -3.54 -16.64 -14.70
N THR A 2 -2.53 -15.83 -14.38
CA THR A 2 -2.51 -15.08 -13.12
C THR A 2 -3.48 -13.89 -13.13
N ILE A 3 -4.29 -13.76 -12.09
CA ILE A 3 -5.06 -12.53 -11.88
C ILE A 3 -4.11 -11.41 -11.42
N GLN A 4 -3.23 -11.02 -12.32
CA GLN A 4 -2.11 -10.13 -12.00
C GLN A 4 -2.50 -8.64 -11.96
N ALA A 5 -3.79 -8.36 -11.78
CA ALA A 5 -4.29 -6.98 -11.72
C ALA A 5 -3.97 -6.28 -10.39
N PRO A 6 -4.21 -6.92 -9.21
CA PRO A 6 -3.99 -6.31 -7.89
C PRO A 6 -2.63 -5.59 -7.73
N GLU A 7 -2.66 -4.26 -7.89
CA GLU A 7 -1.49 -3.41 -7.63
C GLU A 7 -1.46 -2.94 -6.17
N THR A 8 -2.16 -3.69 -5.32
CA THR A 8 -2.38 -3.32 -3.92
C THR A 8 -1.78 -4.35 -2.95
N LYS A 9 -1.14 -3.88 -1.88
CA LYS A 9 -0.46 -4.76 -0.92
C LYS A 9 -0.78 -4.36 0.52
N ILE A 10 -1.19 -5.33 1.32
CA ILE A 10 -1.54 -5.07 2.72
C ILE A 10 -0.30 -5.14 3.64
N VAL A 11 0.00 -4.02 4.30
CA VAL A 11 1.11 -3.95 5.26
C VAL A 11 0.58 -3.82 6.70
N ASP A 12 1.43 -4.08 7.68
CA ASP A 12 1.00 -4.06 9.09
C ASP A 12 1.21 -2.68 9.75
N LYS A 13 2.10 -1.87 9.17
CA LYS A 13 2.44 -0.55 9.73
C LYS A 13 2.18 0.59 8.74
N SER A 14 1.89 1.78 9.28
CA SER A 14 1.57 2.96 8.47
C SER A 14 2.79 3.50 7.70
N ARG A 15 4.00 3.15 8.18
CA ARG A 15 5.25 3.57 7.54
C ARG A 15 5.67 2.59 6.45
N VAL A 16 5.61 3.03 5.20
CA VAL A 16 5.94 2.18 4.06
C VAL A 16 7.21 2.65 3.33
N ALA A 17 8.26 1.81 3.35
CA ALA A 17 9.51 2.13 2.66
C ALA A 17 9.54 1.49 1.25
N CYS A 18 9.57 2.33 0.22
CA CYS A 18 9.61 1.84 -1.17
C CYS A 18 10.94 2.23 -1.85
N ASP A 19 11.61 1.25 -2.43
CA ASP A 19 12.87 1.48 -3.13
C ASP A 19 12.61 1.89 -4.60
N GLY A 20 12.28 0.93 -5.45
CA GLY A 20 12.01 1.24 -6.84
C GLY A 20 12.06 0.04 -7.77
N GLY A 21 12.53 0.28 -8.98
CA GLY A 21 12.53 -0.74 -10.03
C GLY A 21 11.90 -0.24 -11.32
N GLU A 22 11.75 1.07 -11.44
CA GLU A 22 11.25 1.71 -12.67
C GLU A 22 12.36 1.90 -13.70
N GLY A 23 12.09 2.67 -14.76
CA GLY A 23 13.09 2.94 -15.81
C GLY A 23 14.48 3.30 -15.26
N ALA A 24 14.53 4.29 -14.37
CA ALA A 24 15.80 4.70 -13.73
C ALA A 24 15.97 4.08 -12.34
N LEU A 25 15.23 2.99 -12.09
CA LEU A 25 15.25 2.27 -10.81
C LEU A 25 14.55 3.04 -9.67
N GLY A 26 14.40 4.34 -9.84
CA GLY A 26 13.66 5.14 -8.86
C GLY A 26 14.54 5.75 -7.77
N HIS A 27 14.43 5.23 -6.54
CA HIS A 27 15.02 5.88 -5.37
C HIS A 27 15.22 4.89 -4.20
N PRO A 28 16.47 4.45 -3.93
CA PRO A 28 16.75 3.49 -2.85
C PRO A 28 16.26 3.96 -1.47
N ARG A 29 15.04 3.53 -1.12
CA ARG A 29 14.45 3.79 0.18
C ARG A 29 13.83 5.19 0.25
N VAL A 30 12.51 5.20 0.14
CA VAL A 30 11.69 6.38 0.45
C VAL A 30 10.52 5.97 1.36
N TRP A 31 10.28 6.71 2.43
CA TRP A 31 9.23 6.34 3.39
C TRP A 31 7.94 7.15 3.19
N LEU A 32 6.81 6.45 3.18
CA LEU A 32 5.48 7.09 3.05
C LEU A 32 4.65 6.85 4.32
N GLN A 33 3.61 7.67 4.50
CA GLN A 33 2.71 7.55 5.65
C GLN A 33 1.26 7.29 5.17
N ILE A 34 0.65 6.21 5.66
CA ILE A 34 -0.71 5.84 5.25
C ILE A 34 -1.78 6.68 6.00
N PRO A 35 -2.77 7.24 5.27
CA PRO A 35 -3.91 7.93 5.88
C PRO A 35 -5.00 6.95 6.35
N GLU A 36 -5.26 6.93 7.66
CA GLU A 36 -6.22 5.97 8.25
C GLU A 36 -7.66 6.15 7.68
N ASP A 37 -8.03 7.39 7.37
CA ASP A 37 -9.37 7.69 6.85
C ASP A 37 -9.64 6.98 5.50
N THR A 38 -8.58 6.77 4.71
CA THR A 38 -8.68 6.02 3.46
C THR A 38 -8.38 4.54 3.70
N GLY A 39 -7.29 4.27 4.39
CA GLY A 39 -6.86 2.92 4.66
C GLY A 39 -5.75 2.46 3.71
N TRP A 40 -5.30 3.36 2.83
CA TRP A 40 -4.30 3.00 1.82
C TRP A 40 -3.56 4.24 1.29
N VAL A 41 -2.33 4.04 0.82
CA VAL A 41 -1.53 5.12 0.23
C VAL A 41 -0.92 4.69 -1.11
N GLU A 42 -0.71 5.63 -2.03
CA GLU A 42 -0.09 5.33 -3.32
C GLU A 42 1.25 6.08 -3.48
N CYS A 43 2.29 5.36 -3.90
CA CYS A 43 3.62 5.95 -4.08
C CYS A 43 3.76 6.66 -5.43
N PRO A 44 3.86 8.00 -5.44
CA PRO A 44 3.94 8.79 -6.68
C PRO A 44 5.15 8.43 -7.56
N TYR A 45 6.21 7.92 -6.93
CA TYR A 45 7.45 7.60 -7.65
C TYR A 45 7.73 6.10 -7.71
N CYS A 46 6.69 5.29 -7.45
CA CYS A 46 6.80 3.83 -7.58
C CYS A 46 5.48 3.18 -8.07
N ASP A 47 4.42 3.99 -8.15
CA ASP A 47 3.10 3.53 -8.64
C ASP A 47 2.55 2.32 -7.87
N CYS A 48 2.99 2.14 -6.63
CA CYS A 48 2.54 1.03 -5.79
C CYS A 48 1.51 1.48 -4.74
N LYS A 49 0.47 0.67 -4.55
CA LYS A 49 -0.63 0.98 -3.61
C LYS A 49 -0.57 0.05 -2.38
N TYR A 50 -0.46 0.65 -1.18
CA TYR A 50 -0.34 -0.14 0.05
C TYR A 50 -1.52 0.10 1.00
N VAL A 51 -2.17 -0.99 1.41
CA VAL A 51 -3.27 -0.93 2.39
C VAL A 51 -2.78 -1.17 3.83
N LEU A 52 -3.32 -0.40 4.77
CA LEU A 52 -2.99 -0.55 6.20
C LEU A 52 -3.89 -1.59 6.88
N LYS A 53 -3.28 -2.65 7.40
CA LYS A 53 -4.00 -3.71 8.11
C LYS A 53 -4.60 -3.18 9.42
N GLY A 54 -5.93 -3.24 9.52
CA GLY A 54 -6.63 -2.66 10.66
C GLY A 54 -7.62 -1.58 10.25
N SER A 55 -7.33 -0.91 9.13
CA SER A 55 -8.20 0.15 8.60
C SER A 55 -9.37 -0.46 7.80
N LYS A 56 -10.36 0.37 7.47
CA LYS A 56 -11.56 -0.10 6.76
C LYS A 56 -11.23 -0.74 5.40
N ALA A 57 -10.10 -0.37 4.81
CA ALA A 57 -9.64 -0.98 3.56
C ALA A 57 -9.27 -2.46 3.75
N ASP A 58 -8.76 -2.78 4.94
CA ASP A 58 -8.39 -4.15 5.30
C ASP A 58 -9.64 -4.99 5.67
N ALA A 59 -10.81 -4.32 5.72
CA ALA A 59 -12.07 -4.97 6.10
C ALA A 59 -12.67 -5.82 4.96
N LEU A 60 -11.83 -6.46 4.17
CA LEU A 60 -12.30 -7.39 3.12
C LEU A 60 -13.06 -8.58 3.74
N GLU A 61 -13.79 -9.34 2.91
CA GLU A 61 -14.66 -10.45 3.36
C GLU A 61 -15.59 -10.08 4.54
N HIS A 62 -16.89 -10.20 4.34
CA HIS A 62 -17.86 -9.94 5.41
C HIS A 62 -18.01 -11.17 6.33
N HIS A 63 -16.88 -11.82 6.62
CA HIS A 63 -16.85 -12.99 7.48
C HIS A 63 -16.51 -12.60 8.93
N HIS A 64 -16.52 -11.29 9.21
CA HIS A 64 -16.17 -10.73 10.52
C HIS A 64 -14.67 -10.85 10.81
N HIS A 65 -14.07 -9.76 11.32
CA HIS A 65 -12.62 -9.71 11.57
C HIS A 65 -12.28 -9.90 13.05
N HIS A 66 -10.99 -9.88 13.36
CA HIS A 66 -10.51 -10.07 14.72
C HIS A 66 -10.83 -8.85 15.60
N HIS A 67 -11.98 -8.92 16.28
CA HIS A 67 -12.45 -7.81 17.12
C HIS A 67 -11.97 -7.93 18.57
N MET A 1 -7.70 -1.29 -22.53
CA MET A 1 -7.20 -1.81 -21.23
C MET A 1 -6.21 -0.83 -20.56
N THR A 2 -6.19 -0.83 -19.23
CA THR A 2 -5.22 -0.04 -18.45
C THR A 2 -4.35 -0.96 -17.59
N ILE A 3 -4.46 -2.27 -17.81
CA ILE A 3 -3.81 -3.31 -16.98
C ILE A 3 -4.48 -3.43 -15.60
N GLN A 4 -4.85 -2.29 -15.02
CA GLN A 4 -5.66 -2.20 -13.78
C GLN A 4 -5.07 -3.03 -12.61
N ALA A 5 -3.76 -3.24 -12.63
CA ALA A 5 -3.07 -3.97 -11.56
C ALA A 5 -2.06 -3.05 -10.83
N PRO A 6 -2.53 -2.25 -9.86
CA PRO A 6 -1.69 -1.23 -9.18
C PRO A 6 -0.92 -1.78 -7.97
N GLU A 7 -0.55 -3.06 -8.03
CA GLU A 7 0.23 -3.72 -6.96
C GLU A 7 -0.36 -3.52 -5.56
N THR A 8 -1.01 -4.57 -5.04
CA THR A 8 -1.55 -4.55 -3.68
C THR A 8 -0.48 -4.98 -2.66
N LYS A 9 -0.08 -4.07 -1.77
CA LYS A 9 0.88 -4.39 -0.71
C LYS A 9 0.29 -4.12 0.68
N ILE A 10 -0.20 -5.18 1.32
CA ILE A 10 -0.81 -5.08 2.65
C ILE A 10 0.25 -5.16 3.75
N VAL A 11 0.22 -4.17 4.65
CA VAL A 11 1.18 -4.11 5.77
C VAL A 11 0.46 -4.01 7.12
N ASP A 12 1.19 -4.27 8.21
CA ASP A 12 0.63 -4.19 9.56
C ASP A 12 0.79 -2.78 10.15
N LYS A 13 1.71 -2.00 9.60
CA LYS A 13 1.99 -0.65 10.09
C LYS A 13 2.03 0.38 8.95
N SER A 14 1.62 1.61 9.26
CA SER A 14 1.37 2.64 8.23
C SER A 14 2.62 3.13 7.51
N ARG A 15 3.78 3.15 8.16
CA ARG A 15 5.01 3.60 7.50
C ARG A 15 5.55 2.53 6.53
N VAL A 16 5.34 2.78 5.24
CA VAL A 16 5.78 1.84 4.19
C VAL A 16 6.81 2.49 3.25
N ALA A 17 7.98 1.88 3.15
CA ALA A 17 9.01 2.36 2.22
C ALA A 17 8.74 1.86 0.79
N CYS A 18 8.35 2.77 -0.11
CA CYS A 18 8.06 2.40 -1.51
C CYS A 18 9.34 1.94 -2.22
N ASP A 19 9.48 0.63 -2.40
CA ASP A 19 10.66 0.04 -3.02
C ASP A 19 10.81 0.43 -4.51
N GLY A 20 10.15 -0.29 -5.42
CA GLY A 20 10.22 0.06 -6.83
C GLY A 20 9.82 -1.08 -7.77
N GLY A 21 9.76 -0.78 -9.06
CA GLY A 21 9.47 -1.81 -10.06
C GLY A 21 10.65 -2.75 -10.27
N GLU A 22 11.71 -2.23 -10.89
CA GLU A 22 12.92 -3.00 -11.14
C GLU A 22 14.09 -2.08 -11.56
N GLY A 23 15.24 -2.22 -10.88
CA GLY A 23 16.43 -1.43 -11.17
C GLY A 23 16.16 0.04 -11.51
N ALA A 24 16.08 0.36 -12.80
CA ALA A 24 15.87 1.75 -13.26
C ALA A 24 14.56 2.35 -12.75
N LEU A 25 13.58 1.48 -12.51
CA LEU A 25 12.26 1.91 -12.01
C LEU A 25 12.16 1.78 -10.48
N GLY A 26 13.32 1.80 -9.80
CA GLY A 26 13.35 1.77 -8.34
C GLY A 26 13.11 3.16 -7.73
N HIS A 27 13.03 3.23 -6.41
CA HIS A 27 12.80 4.51 -5.72
C HIS A 27 13.86 4.75 -4.62
N PRO A 28 14.34 6.01 -4.48
CA PRO A 28 15.43 6.35 -3.54
C PRO A 28 14.98 6.40 -2.06
N ARG A 29 14.33 5.34 -1.58
CA ARG A 29 13.91 5.20 -0.20
C ARG A 29 12.96 6.31 0.23
N VAL A 30 11.69 6.07 -0.05
CA VAL A 30 10.62 6.99 0.33
C VAL A 30 9.63 6.29 1.29
N TRP A 31 9.56 6.78 2.53
CA TRP A 31 8.66 6.21 3.54
C TRP A 31 7.29 6.91 3.53
N LEU A 32 6.29 6.23 2.96
CA LEU A 32 4.93 6.78 2.90
C LEU A 32 4.15 6.49 4.20
N GLN A 33 3.52 7.54 4.75
CA GLN A 33 2.68 7.42 5.94
C GLN A 33 1.21 7.21 5.54
N ILE A 34 0.73 5.97 5.68
CA ILE A 34 -0.64 5.63 5.31
C ILE A 34 -1.68 6.38 6.17
N PRO A 35 -2.61 7.11 5.53
CA PRO A 35 -3.65 7.87 6.24
C PRO A 35 -4.74 6.94 6.81
N GLU A 36 -4.91 6.95 8.12
CA GLU A 36 -5.90 6.09 8.79
C GLU A 36 -7.34 6.45 8.37
N ASP A 37 -7.51 7.65 7.80
CA ASP A 37 -8.81 8.07 7.28
C ASP A 37 -9.24 7.21 6.08
N THR A 38 -8.30 6.94 5.18
CA THR A 38 -8.58 6.12 3.99
C THR A 38 -8.18 4.65 4.23
N GLY A 39 -6.92 4.45 4.63
CA GLY A 39 -6.42 3.11 4.92
C GLY A 39 -5.38 2.63 3.90
N TRP A 40 -5.06 3.47 2.93
CA TRP A 40 -4.11 3.09 1.88
C TRP A 40 -3.42 4.33 1.28
N VAL A 41 -2.28 4.12 0.63
CA VAL A 41 -1.57 5.21 -0.04
C VAL A 41 -0.97 4.72 -1.37
N GLU A 42 -1.01 5.55 -2.40
CA GLU A 42 -0.49 5.17 -3.72
C GLU A 42 0.96 5.65 -3.91
N CYS A 43 1.69 4.96 -4.78
CA CYS A 43 3.08 5.32 -5.09
C CYS A 43 3.17 6.60 -5.93
N PRO A 44 3.89 7.64 -5.46
CA PRO A 44 4.03 8.91 -6.18
C PRO A 44 4.88 8.79 -7.46
N TYR A 45 5.49 7.63 -7.67
CA TYR A 45 6.34 7.39 -8.84
C TYR A 45 5.59 6.63 -9.94
N CYS A 46 4.89 5.57 -9.56
CA CYS A 46 4.16 4.74 -10.52
C CYS A 46 2.65 4.70 -10.21
N ASP A 47 2.20 3.73 -9.42
CA ASP A 47 0.77 3.62 -9.04
C ASP A 47 0.51 2.52 -8.01
N CYS A 48 1.57 2.09 -7.30
CA CYS A 48 1.47 1.00 -6.31
C CYS A 48 0.56 1.38 -5.13
N LYS A 49 -0.36 0.49 -4.76
CA LYS A 49 -1.29 0.76 -3.65
C LYS A 49 -0.86 0.01 -2.37
N TYR A 50 -0.42 0.77 -1.37
CA TYR A 50 0.02 0.21 -0.10
C TYR A 50 -1.12 0.21 0.93
N VAL A 51 -1.72 -0.96 1.15
CA VAL A 51 -2.88 -1.09 2.04
C VAL A 51 -2.49 -1.40 3.50
N LEU A 52 -3.16 -0.73 4.45
CA LEU A 52 -2.91 -0.94 5.88
C LEU A 52 -3.95 -1.89 6.50
N LYS A 53 -3.49 -2.91 7.22
CA LYS A 53 -4.38 -3.85 7.89
C LYS A 53 -5.23 -3.17 9.00
N GLY A 54 -6.47 -3.60 9.16
CA GLY A 54 -7.32 -3.09 10.23
C GLY A 54 -7.98 -1.75 9.91
N SER A 55 -7.51 -1.08 8.87
CA SER A 55 -8.04 0.24 8.49
C SER A 55 -9.29 0.10 7.60
N LYS A 56 -9.87 1.23 7.19
CA LYS A 56 -11.06 1.22 6.34
C LYS A 56 -10.79 0.58 4.97
N ALA A 57 -9.55 0.64 4.51
CA ALA A 57 -9.16 -0.02 3.25
C ALA A 57 -9.18 -1.54 3.42
N ASP A 58 -8.95 -1.99 4.65
CA ASP A 58 -9.03 -3.42 4.98
C ASP A 58 -10.45 -3.81 5.43
N ALA A 59 -11.22 -2.82 5.87
CA ALA A 59 -12.60 -3.03 6.33
C ALA A 59 -13.62 -3.00 5.19
N LEU A 60 -13.28 -2.36 4.06
CA LEU A 60 -14.18 -2.28 2.91
C LEU A 60 -14.25 -3.61 2.14
N GLU A 61 -15.19 -3.68 1.18
CA GLU A 61 -15.42 -4.91 0.39
C GLU A 61 -16.02 -6.04 1.25
N HIS A 62 -15.28 -6.46 2.27
CA HIS A 62 -15.78 -7.40 3.26
C HIS A 62 -16.89 -6.74 4.07
N HIS A 63 -18.14 -7.04 3.73
CA HIS A 63 -19.27 -6.41 4.40
C HIS A 63 -19.18 -6.58 5.92
N HIS A 64 -19.02 -5.45 6.64
CA HIS A 64 -18.76 -5.47 8.08
C HIS A 64 -19.91 -6.12 8.89
N HIS A 65 -21.09 -6.23 8.28
CA HIS A 65 -22.20 -6.93 8.93
C HIS A 65 -21.79 -8.33 9.40
N HIS A 66 -22.05 -8.62 10.69
CA HIS A 66 -21.48 -9.76 11.41
C HIS A 66 -20.08 -9.43 11.92
N HIS A 67 -20.03 -8.92 13.16
CA HIS A 67 -18.77 -8.51 13.83
C HIS A 67 -18.14 -7.26 13.18
N MET A 1 -5.92 5.26 -15.50
CA MET A 1 -7.07 4.38 -15.14
C MET A 1 -6.72 2.89 -15.30
N THR A 2 -5.51 2.59 -15.77
CA THR A 2 -5.04 1.20 -15.91
C THR A 2 -3.70 0.98 -15.20
N ILE A 3 -2.72 1.75 -15.62
CA ILE A 3 -1.35 1.66 -15.10
C ILE A 3 -0.63 0.39 -15.61
N GLN A 4 -1.41 -0.62 -16.02
CA GLN A 4 -0.87 -1.92 -16.46
C GLN A 4 -0.14 -2.66 -15.33
N ALA A 5 -0.23 -2.11 -14.12
CA ALA A 5 0.39 -2.71 -12.93
C ALA A 5 -0.26 -2.18 -11.64
N PRO A 6 -1.59 -2.33 -11.50
CA PRO A 6 -2.33 -1.79 -10.34
C PRO A 6 -2.23 -2.66 -9.09
N GLU A 7 -1.05 -3.22 -8.84
CA GLU A 7 -0.85 -4.18 -7.74
C GLU A 7 -1.01 -3.53 -6.36
N THR A 8 -1.73 -4.22 -5.48
CA THR A 8 -1.96 -3.76 -4.10
C THR A 8 -1.09 -4.54 -3.11
N LYS A 9 -0.67 -3.88 -2.02
CA LYS A 9 0.16 -4.52 -1.00
C LYS A 9 -0.34 -4.17 0.40
N ILE A 10 -0.85 -5.18 1.11
CA ILE A 10 -1.38 -4.98 2.46
C ILE A 10 -0.27 -5.08 3.51
N VAL A 11 0.13 -3.94 4.08
CA VAL A 11 1.22 -3.89 5.04
C VAL A 11 0.73 -3.93 6.50
N ASP A 12 1.59 -4.38 7.39
CA ASP A 12 1.23 -4.54 8.81
C ASP A 12 1.64 -3.31 9.64
N LYS A 13 2.18 -2.28 8.97
CA LYS A 13 2.59 -1.04 9.62
C LYS A 13 2.12 0.19 8.82
N SER A 14 1.97 1.32 9.50
CA SER A 14 1.43 2.54 8.87
C SER A 14 2.46 3.23 7.97
N ARG A 15 3.74 3.15 8.32
CA ARG A 15 4.79 3.82 7.54
C ARG A 15 5.72 2.80 6.86
N VAL A 16 5.79 2.87 5.53
CA VAL A 16 6.60 1.93 4.74
C VAL A 16 7.57 2.66 3.79
N ALA A 17 8.84 2.23 3.78
CA ALA A 17 9.83 2.79 2.86
C ALA A 17 9.74 2.12 1.49
N CYS A 18 8.89 2.65 0.62
CA CYS A 18 8.62 2.03 -0.68
C CYS A 18 9.80 2.16 -1.65
N ASP A 19 10.55 1.06 -1.83
CA ASP A 19 11.67 1.00 -2.77
C ASP A 19 12.70 2.13 -2.52
N GLY A 20 12.68 2.66 -1.30
CA GLY A 20 13.61 3.73 -0.96
C GLY A 20 14.47 3.39 0.26
N GLY A 21 15.77 3.21 0.04
CA GLY A 21 16.66 2.77 1.10
C GLY A 21 16.35 1.35 1.60
N GLU A 22 15.79 0.53 0.71
CA GLU A 22 15.45 -0.87 1.03
C GLU A 22 16.33 -1.84 0.22
N GLY A 23 15.82 -3.03 -0.11
CA GLY A 23 16.57 -4.03 -0.86
C GLY A 23 17.37 -3.47 -2.04
N ALA A 24 16.74 -2.63 -2.86
CA ALA A 24 17.41 -2.02 -4.02
C ALA A 24 17.91 -0.60 -3.71
N LEU A 25 17.62 -0.13 -2.50
CA LEU A 25 18.06 1.17 -1.97
C LEU A 25 17.96 2.32 -2.98
N GLY A 26 17.03 2.19 -3.93
CA GLY A 26 16.88 3.17 -5.01
C GLY A 26 16.67 4.60 -4.54
N HIS A 27 15.53 4.88 -3.93
CA HIS A 27 15.20 6.23 -3.47
C HIS A 27 15.95 6.56 -2.17
N PRO A 28 16.17 7.88 -1.87
CA PRO A 28 16.87 8.31 -0.64
C PRO A 28 16.03 8.14 0.65
N ARG A 29 15.45 6.95 0.81
CA ARG A 29 14.64 6.60 1.96
C ARG A 29 13.34 7.41 2.00
N VAL A 30 12.36 6.88 1.30
CA VAL A 30 11.05 7.52 1.16
C VAL A 30 9.98 6.78 1.99
N TRP A 31 9.47 7.44 3.02
CA TRP A 31 8.46 6.85 3.90
C TRP A 31 7.03 7.27 3.48
N LEU A 32 6.22 6.27 3.12
CA LEU A 32 4.80 6.50 2.83
C LEU A 32 3.96 6.24 4.09
N GLN A 33 3.37 7.29 4.64
CA GLN A 33 2.53 7.19 5.84
C GLN A 33 1.06 7.00 5.45
N ILE A 34 0.52 5.81 5.70
CA ILE A 34 -0.88 5.51 5.40
C ILE A 34 -1.83 6.14 6.44
N PRO A 35 -2.73 7.03 5.99
CA PRO A 35 -3.67 7.73 6.89
C PRO A 35 -4.96 6.92 7.15
N GLU A 36 -5.52 7.06 8.35
CA GLU A 36 -6.81 6.43 8.67
C GLU A 36 -7.95 7.13 7.92
N ASP A 37 -7.65 8.29 7.32
CA ASP A 37 -8.59 8.99 6.44
C ASP A 37 -8.93 8.14 5.21
N THR A 38 -7.92 7.47 4.67
CA THR A 38 -8.07 6.67 3.44
C THR A 38 -8.00 5.17 3.73
N GLY A 39 -6.92 4.75 4.40
CA GLY A 39 -6.68 3.34 4.65
C GLY A 39 -5.67 2.74 3.66
N TRP A 40 -5.17 3.60 2.76
CA TRP A 40 -4.24 3.17 1.71
C TRP A 40 -3.40 4.36 1.22
N VAL A 41 -2.34 4.08 0.46
CA VAL A 41 -1.53 5.13 -0.17
C VAL A 41 -1.02 4.68 -1.54
N GLU A 42 -1.09 5.57 -2.52
CA GLU A 42 -0.56 5.27 -3.87
C GLU A 42 0.89 5.73 -3.99
N CYS A 43 1.75 4.87 -4.52
CA CYS A 43 3.17 5.19 -4.67
C CYS A 43 3.55 5.57 -6.11
N PRO A 44 3.77 6.87 -6.38
CA PRO A 44 4.25 7.33 -7.71
C PRO A 44 5.74 7.00 -7.93
N TYR A 45 6.38 6.41 -6.91
CA TYR A 45 7.79 6.03 -6.98
C TYR A 45 7.95 4.58 -7.49
N CYS A 46 7.10 3.68 -7.00
CA CYS A 46 7.20 2.24 -7.32
C CYS A 46 5.96 1.71 -8.04
N ASP A 47 5.00 2.60 -8.32
CA ASP A 47 3.80 2.26 -9.10
C ASP A 47 2.96 1.13 -8.45
N CYS A 48 2.65 1.28 -7.17
CA CYS A 48 1.82 0.30 -6.44
C CYS A 48 0.97 0.98 -5.35
N LYS A 49 -0.13 0.32 -4.95
CA LYS A 49 -0.99 0.85 -3.89
C LYS A 49 -0.83 0.04 -2.59
N TYR A 50 -0.46 0.73 -1.50
CA TYR A 50 -0.25 0.08 -0.21
C TYR A 50 -1.46 0.25 0.72
N VAL A 51 -2.06 -0.86 1.13
CA VAL A 51 -3.21 -0.82 2.07
C VAL A 51 -2.77 -1.19 3.50
N LEU A 52 -3.32 -0.49 4.49
CA LEU A 52 -2.98 -0.73 5.90
C LEU A 52 -3.89 -1.80 6.53
N LYS A 53 -3.29 -2.89 6.99
CA LYS A 53 -4.02 -3.99 7.63
C LYS A 53 -4.69 -3.53 8.94
N GLY A 54 -5.96 -3.89 9.11
CA GLY A 54 -6.69 -3.50 10.32
C GLY A 54 -7.42 -2.17 10.19
N SER A 55 -7.17 -1.44 9.11
CA SER A 55 -7.83 -0.15 8.86
C SER A 55 -9.28 -0.35 8.36
N LYS A 56 -10.00 0.74 8.11
CA LYS A 56 -11.37 0.65 7.61
C LYS A 56 -11.42 0.04 6.19
N ALA A 57 -10.34 0.24 5.44
CA ALA A 57 -10.23 -0.32 4.09
C ALA A 57 -9.92 -1.83 4.13
N ASP A 58 -9.30 -2.28 5.23
CA ASP A 58 -8.92 -3.68 5.38
C ASP A 58 -9.77 -4.37 6.46
N ALA A 59 -10.92 -4.89 6.07
CA ALA A 59 -11.78 -5.65 6.97
C ALA A 59 -11.65 -7.16 6.69
N LEU A 60 -11.14 -7.49 5.51
CA LEU A 60 -10.99 -8.89 5.07
C LEU A 60 -9.97 -9.69 5.89
N GLU A 61 -9.24 -9.01 6.79
CA GLU A 61 -8.29 -9.69 7.66
C GLU A 61 -8.95 -10.18 8.97
N HIS A 62 -9.27 -9.24 9.87
CA HIS A 62 -9.85 -9.58 11.17
C HIS A 62 -11.39 -9.74 11.09
N HIS A 63 -11.98 -9.16 10.04
CA HIS A 63 -13.44 -9.28 9.77
C HIS A 63 -14.32 -8.52 10.79
N HIS A 64 -13.75 -8.13 11.92
CA HIS A 64 -14.48 -7.36 12.95
C HIS A 64 -13.58 -6.28 13.57
N HIS A 65 -14.17 -5.41 14.38
CA HIS A 65 -13.41 -4.39 15.12
C HIS A 65 -13.33 -4.73 16.61
N HIS A 66 -12.28 -4.25 17.28
CA HIS A 66 -12.22 -4.30 18.74
C HIS A 66 -13.10 -3.18 19.32
N HIS A 67 -13.09 -2.05 18.63
CA HIS A 67 -13.98 -0.91 18.93
C HIS A 67 -14.74 -0.48 17.67
N MET A 1 -3.88 7.48 -18.39
CA MET A 1 -4.50 8.04 -17.15
C MET A 1 -4.02 7.30 -15.90
N THR A 2 -4.19 5.98 -15.89
CA THR A 2 -3.77 5.14 -14.75
C THR A 2 -2.39 4.52 -14.99
N ILE A 3 -1.72 4.12 -13.91
CA ILE A 3 -0.44 3.38 -14.01
C ILE A 3 -0.68 1.92 -14.43
N GLN A 4 -1.92 1.61 -14.81
CA GLN A 4 -2.35 0.27 -15.26
C GLN A 4 -1.93 -0.87 -14.31
N ALA A 5 -1.60 -0.51 -13.07
CA ALA A 5 -1.18 -1.50 -12.05
C ALA A 5 -1.95 -1.31 -10.73
N PRO A 6 -3.04 -2.07 -10.52
CA PRO A 6 -3.85 -1.97 -9.29
C PRO A 6 -3.35 -2.88 -8.16
N GLU A 7 -2.03 -3.08 -8.09
CA GLU A 7 -1.43 -3.97 -7.10
C GLU A 7 -1.61 -3.44 -5.66
N THR A 8 -2.37 -4.18 -4.85
CA THR A 8 -2.61 -3.82 -3.44
C THR A 8 -1.63 -4.55 -2.50
N LYS A 9 -0.78 -3.78 -1.82
CA LYS A 9 0.17 -4.35 -0.85
C LYS A 9 -0.36 -4.19 0.57
N ILE A 10 -0.93 -5.26 1.11
CA ILE A 10 -1.53 -5.23 2.44
C ILE A 10 -0.48 -5.38 3.56
N VAL A 11 -0.09 -4.26 4.17
CA VAL A 11 0.97 -4.25 5.19
C VAL A 11 0.40 -4.01 6.60
N ASP A 12 1.15 -4.43 7.62
CA ASP A 12 0.75 -4.29 9.02
C ASP A 12 1.47 -3.08 9.67
N LYS A 13 1.84 -2.11 8.83
CA LYS A 13 2.62 -0.94 9.27
C LYS A 13 2.20 0.33 8.51
N SER A 14 1.95 1.42 9.23
CA SER A 14 1.50 2.68 8.62
C SER A 14 2.67 3.48 8.02
N ARG A 15 3.87 3.29 8.58
CA ARG A 15 5.06 3.99 8.11
C ARG A 15 5.90 3.07 7.21
N VAL A 16 5.65 3.15 5.91
CA VAL A 16 6.23 2.21 4.95
C VAL A 16 7.32 2.86 4.09
N ALA A 17 8.54 2.33 4.19
CA ALA A 17 9.64 2.79 3.34
C ALA A 17 9.63 2.06 1.98
N CYS A 18 9.11 2.72 0.96
CA CYS A 18 8.96 2.10 -0.37
C CYS A 18 10.32 1.91 -1.07
N ASP A 19 10.67 0.66 -1.33
CA ASP A 19 11.90 0.33 -2.06
C ASP A 19 11.65 0.27 -3.58
N GLY A 20 11.01 -0.81 -4.03
CA GLY A 20 10.75 -0.96 -5.46
C GLY A 20 10.18 -2.32 -5.82
N GLY A 21 10.21 -2.65 -7.10
CA GLY A 21 9.69 -3.93 -7.57
C GLY A 21 10.47 -4.49 -8.74
N GLU A 22 10.10 -4.07 -9.95
CA GLU A 22 10.82 -4.45 -11.17
C GLU A 22 12.17 -3.72 -11.26
N GLY A 23 13.07 -4.22 -12.12
CA GLY A 23 14.41 -3.67 -12.25
C GLY A 23 14.47 -2.14 -12.30
N ALA A 24 13.71 -1.54 -13.21
CA ALA A 24 13.70 -0.07 -13.40
C ALA A 24 12.87 0.64 -12.31
N LEU A 25 12.12 -0.12 -11.51
CA LEU A 25 11.23 0.47 -10.50
C LEU A 25 11.84 0.48 -9.09
N GLY A 26 13.17 0.35 -9.02
CA GLY A 26 13.85 0.42 -7.73
C GLY A 26 14.06 1.85 -7.25
N HIS A 27 13.87 2.09 -5.96
CA HIS A 27 14.03 3.43 -5.36
C HIS A 27 14.99 3.38 -4.16
N PRO A 28 15.81 4.43 -3.95
CA PRO A 28 16.83 4.45 -2.88
C PRO A 28 16.27 4.22 -1.46
N ARG A 29 15.34 5.09 -1.04
CA ARG A 29 14.85 5.12 0.33
C ARG A 29 13.85 6.27 0.50
N VAL A 30 12.60 5.93 0.32
CA VAL A 30 11.48 6.87 0.46
C VAL A 30 10.45 6.36 1.48
N TRP A 31 10.02 7.22 2.40
CA TRP A 31 9.09 6.82 3.48
C TRP A 31 7.69 7.42 3.29
N LEU A 32 6.69 6.56 3.16
CA LEU A 32 5.29 7.00 3.04
C LEU A 32 4.53 6.86 4.37
N GLN A 33 3.39 7.54 4.47
CA GLN A 33 2.56 7.52 5.68
C GLN A 33 1.09 7.23 5.34
N ILE A 34 0.59 6.08 5.79
CA ILE A 34 -0.80 5.68 5.52
C ILE A 34 -1.80 6.57 6.30
N PRO A 35 -2.71 7.27 5.58
CA PRO A 35 -3.70 8.16 6.20
C PRO A 35 -4.94 7.41 6.76
N GLU A 36 -5.30 7.71 8.01
CA GLU A 36 -6.50 7.15 8.64
C GLU A 36 -7.79 7.53 7.87
N ASP A 37 -7.70 8.55 7.03
CA ASP A 37 -8.85 9.01 6.25
C ASP A 37 -9.26 7.98 5.18
N THR A 38 -8.27 7.31 4.60
CA THR A 38 -8.49 6.33 3.53
C THR A 38 -8.25 4.89 4.02
N GLY A 39 -7.09 4.67 4.64
CA GLY A 39 -6.68 3.32 5.04
C GLY A 39 -5.61 2.74 4.12
N TRP A 40 -5.19 3.53 3.14
CA TRP A 40 -4.18 3.11 2.15
C TRP A 40 -3.42 4.32 1.57
N VAL A 41 -2.24 4.09 0.99
CA VAL A 41 -1.48 5.15 0.34
C VAL A 41 -0.74 4.61 -0.90
N GLU A 42 -0.93 5.27 -2.05
CA GLU A 42 -0.30 4.81 -3.30
C GLU A 42 0.94 5.64 -3.63
N CYS A 43 1.93 5.00 -4.25
CA CYS A 43 3.18 5.69 -4.62
C CYS A 43 3.24 5.99 -6.13
N PRO A 44 3.34 7.28 -6.49
CA PRO A 44 3.44 7.71 -7.90
C PRO A 44 4.75 7.24 -8.58
N TYR A 45 5.69 6.76 -7.76
CA TYR A 45 6.98 6.26 -8.27
C TYR A 45 6.88 4.80 -8.75
N CYS A 46 5.64 4.28 -8.78
CA CYS A 46 5.33 2.94 -9.30
C CYS A 46 5.55 1.84 -8.26
N ASP A 47 5.36 2.18 -6.98
CA ASP A 47 5.34 1.17 -5.92
C ASP A 47 3.90 0.72 -5.61
N CYS A 48 2.95 1.20 -6.43
CA CYS A 48 1.54 0.77 -6.35
C CYS A 48 0.86 1.23 -5.04
N LYS A 49 -0.26 0.60 -4.70
CA LYS A 49 -1.08 1.00 -3.54
C LYS A 49 -0.71 0.21 -2.27
N TYR A 50 -0.41 0.91 -1.19
CA TYR A 50 -0.12 0.28 0.11
C TYR A 50 -1.36 0.26 1.00
N VAL A 51 -1.98 -0.91 1.14
CA VAL A 51 -3.19 -1.07 1.96
C VAL A 51 -2.84 -1.45 3.41
N LEU A 52 -3.43 -0.75 4.38
CA LEU A 52 -3.18 -1.03 5.79
C LEU A 52 -4.08 -2.16 6.32
N LYS A 53 -3.46 -3.29 6.64
CA LYS A 53 -4.15 -4.43 7.24
C LYS A 53 -4.85 -4.04 8.56
N GLY A 54 -6.07 -4.55 8.77
CA GLY A 54 -6.81 -4.25 9.98
C GLY A 54 -7.23 -2.78 10.07
N SER A 55 -7.69 -2.24 8.95
CA SER A 55 -8.05 -0.81 8.87
C SER A 55 -9.27 -0.59 7.97
N LYS A 56 -9.56 0.66 7.63
CA LYS A 56 -10.71 1.01 6.80
C LYS A 56 -10.67 0.36 5.41
N ALA A 57 -9.46 0.06 4.94
CA ALA A 57 -9.27 -0.56 3.62
C ALA A 57 -9.16 -2.09 3.68
N ASP A 58 -8.95 -2.64 4.89
CA ASP A 58 -8.78 -4.09 5.05
C ASP A 58 -9.45 -4.59 6.34
N ALA A 59 -10.47 -5.42 6.19
CA ALA A 59 -11.17 -6.04 7.33
C ALA A 59 -11.36 -7.54 7.09
N LEU A 60 -12.05 -7.87 6.01
CA LEU A 60 -12.23 -9.27 5.59
C LEU A 60 -11.68 -9.47 4.17
N GLU A 61 -12.35 -8.88 3.17
CA GLU A 61 -11.85 -8.88 1.79
C GLU A 61 -11.52 -10.31 1.29
N HIS A 62 -10.51 -10.44 0.43
CA HIS A 62 -9.99 -11.75 0.05
C HIS A 62 -8.79 -12.13 0.93
N HIS A 63 -8.65 -11.42 2.06
CA HIS A 63 -7.55 -11.62 3.01
C HIS A 63 -7.61 -13.03 3.63
N HIS A 64 -6.83 -13.95 3.09
CA HIS A 64 -6.86 -15.35 3.52
C HIS A 64 -5.63 -15.72 4.37
N HIS A 65 -5.87 -16.30 5.55
CA HIS A 65 -4.78 -16.70 6.45
C HIS A 65 -4.20 -18.07 6.06
N HIS A 66 -4.25 -18.40 4.77
CA HIS A 66 -3.84 -19.72 4.25
C HIS A 66 -4.77 -20.84 4.74
N HIS A 67 -5.33 -21.58 3.78
CA HIS A 67 -6.18 -22.75 4.09
C HIS A 67 -5.33 -24.02 4.31
N MET A 1 -7.35 -12.56 -20.56
CA MET A 1 -6.42 -11.68 -21.31
C MET A 1 -5.67 -10.69 -20.39
N THR A 2 -5.80 -10.86 -19.08
CA THR A 2 -5.14 -9.98 -18.11
C THR A 2 -3.81 -10.54 -17.61
N ILE A 3 -2.79 -9.69 -17.50
CA ILE A 3 -1.51 -10.08 -16.88
C ILE A 3 -1.61 -10.02 -15.35
N GLN A 4 -2.59 -9.25 -14.85
CA GLN A 4 -2.86 -9.10 -13.41
C GLN A 4 -1.72 -8.39 -12.68
N ALA A 5 -1.89 -7.09 -12.40
CA ALA A 5 -0.92 -6.31 -11.63
C ALA A 5 -1.49 -5.93 -10.25
N PRO A 6 -1.21 -6.75 -9.21
CA PRO A 6 -1.71 -6.49 -7.85
C PRO A 6 -1.10 -5.22 -7.22
N GLU A 7 -1.73 -4.09 -7.48
CA GLU A 7 -1.30 -2.81 -6.91
C GLU A 7 -1.63 -2.71 -5.42
N THR A 8 -2.62 -3.49 -5.03
CA THR A 8 -3.14 -3.50 -3.65
C THR A 8 -2.29 -4.44 -2.77
N LYS A 9 -1.46 -3.86 -1.91
CA LYS A 9 -0.51 -4.64 -1.10
C LYS A 9 -0.76 -4.42 0.40
N ILE A 10 -1.02 -5.51 1.11
CA ILE A 10 -1.40 -5.44 2.52
C ILE A 10 -0.17 -5.34 3.45
N VAL A 11 -0.12 -4.27 4.26
CA VAL A 11 0.97 -4.07 5.23
C VAL A 11 0.41 -3.74 6.62
N ASP A 12 1.15 -4.12 7.67
CA ASP A 12 0.71 -3.86 9.06
C ASP A 12 1.24 -2.51 9.58
N LYS A 13 2.23 -1.94 8.89
CA LYS A 13 2.82 -0.66 9.29
C LYS A 13 2.21 0.52 8.51
N SER A 14 2.03 1.65 9.20
CA SER A 14 1.46 2.86 8.57
C SER A 14 2.52 3.62 7.76
N ARG A 15 3.79 3.43 8.10
CA ARG A 15 4.88 4.06 7.35
C ARG A 15 5.77 3.02 6.67
N VAL A 16 5.82 3.09 5.33
CA VAL A 16 6.55 2.11 4.52
C VAL A 16 7.70 2.76 3.73
N ALA A 17 8.82 2.04 3.61
CA ALA A 17 9.98 2.53 2.86
C ALA A 17 9.95 2.02 1.41
N CYS A 18 9.72 2.93 0.47
CA CYS A 18 9.75 2.59 -0.96
C CYS A 18 11.17 2.68 -1.54
N ASP A 19 11.85 1.54 -1.58
CA ASP A 19 13.17 1.48 -2.22
C ASP A 19 13.03 1.31 -3.74
N GLY A 20 12.78 0.07 -4.19
CA GLY A 20 12.59 -0.18 -5.61
C GLY A 20 12.78 -1.64 -6.00
N GLY A 21 12.62 -1.94 -7.28
CA GLY A 21 12.85 -3.29 -7.78
C GLY A 21 14.33 -3.55 -8.07
N GLU A 22 14.70 -3.48 -9.35
CA GLU A 22 16.12 -3.56 -9.75
C GLU A 22 16.83 -2.21 -9.47
N GLY A 23 18.17 -2.22 -9.50
CA GLY A 23 18.94 -1.01 -9.22
C GLY A 23 18.41 0.25 -9.91
N ALA A 24 18.14 0.14 -11.22
CA ALA A 24 17.61 1.27 -11.99
C ALA A 24 16.23 1.72 -11.48
N LEU A 25 15.45 0.77 -10.97
CA LEU A 25 14.11 1.06 -10.43
C LEU A 25 14.18 1.40 -8.93
N GLY A 26 15.38 1.39 -8.37
CA GLY A 26 15.56 1.69 -6.95
C GLY A 26 15.54 3.19 -6.66
N HIS A 27 15.40 3.54 -5.38
CA HIS A 27 15.34 4.94 -4.94
C HIS A 27 16.15 5.14 -3.65
N PRO A 28 16.61 6.38 -3.36
CA PRO A 28 17.46 6.65 -2.19
C PRO A 28 16.73 6.56 -0.83
N ARG A 29 15.72 5.69 -0.73
CA ARG A 29 15.01 5.43 0.50
C ARG A 29 14.03 6.57 0.80
N VAL A 30 12.80 6.32 0.44
CA VAL A 30 11.68 7.25 0.65
C VAL A 30 10.59 6.63 1.54
N TRP A 31 10.16 7.34 2.58
CA TRP A 31 9.15 6.82 3.51
C TRP A 31 7.78 7.48 3.28
N LEU A 32 6.77 6.63 3.04
CA LEU A 32 5.38 7.09 2.86
C LEU A 32 4.55 6.83 4.13
N GLN A 33 3.55 7.69 4.37
CA GLN A 33 2.70 7.58 5.56
C GLN A 33 1.23 7.38 5.15
N ILE A 34 0.71 6.18 5.39
CA ILE A 34 -0.68 5.85 5.07
C ILE A 34 -1.68 6.75 5.83
N PRO A 35 -2.66 7.35 5.13
CA PRO A 35 -3.74 8.10 5.78
C PRO A 35 -4.82 7.16 6.34
N GLU A 36 -5.01 7.22 7.65
CA GLU A 36 -5.87 6.26 8.37
C GLU A 36 -7.30 6.22 7.81
N ASP A 37 -7.84 7.38 7.48
CA ASP A 37 -9.26 7.48 7.07
C ASP A 37 -9.47 7.09 5.59
N THR A 38 -8.41 6.71 4.89
CA THR A 38 -8.53 6.14 3.54
C THR A 38 -8.24 4.63 3.59
N GLY A 39 -7.16 4.27 4.29
CA GLY A 39 -6.80 2.87 4.45
C GLY A 39 -5.68 2.43 3.52
N TRP A 40 -5.18 3.36 2.70
CA TRP A 40 -4.16 3.03 1.69
C TRP A 40 -3.34 4.26 1.27
N VAL A 41 -2.14 4.02 0.76
CA VAL A 41 -1.31 5.10 0.19
C VAL A 41 -0.68 4.65 -1.14
N GLU A 42 -0.63 5.55 -2.12
CA GLU A 42 -0.07 5.23 -3.44
C GLU A 42 1.31 5.89 -3.62
N CYS A 43 2.28 5.10 -4.08
CA CYS A 43 3.66 5.57 -4.25
C CYS A 43 3.87 6.23 -5.62
N PRO A 44 4.30 7.51 -5.66
CA PRO A 44 4.52 8.24 -6.92
C PRO A 44 5.81 7.79 -7.64
N TYR A 45 6.65 7.04 -6.95
CA TYR A 45 7.93 6.57 -7.50
C TYR A 45 7.84 5.12 -8.00
N CYS A 46 7.12 4.27 -7.27
CA CYS A 46 7.01 2.83 -7.64
C CYS A 46 5.56 2.43 -7.97
N ASP A 47 4.65 3.40 -7.93
CA ASP A 47 3.24 3.20 -8.33
C ASP A 47 2.56 2.03 -7.58
N CYS A 48 3.05 1.72 -6.38
CA CYS A 48 2.45 0.67 -5.55
C CYS A 48 1.46 1.25 -4.53
N LYS A 49 0.40 0.52 -4.25
CA LYS A 49 -0.65 0.98 -3.33
C LYS A 49 -0.68 0.14 -2.03
N TYR A 50 -0.20 0.71 -0.94
CA TYR A 50 -0.07 0.00 0.33
C TYR A 50 -1.33 0.15 1.20
N VAL A 51 -2.07 -0.94 1.36
CA VAL A 51 -3.27 -0.95 2.21
C VAL A 51 -2.96 -1.43 3.64
N LEU A 52 -3.45 -0.68 4.62
CA LEU A 52 -3.17 -0.98 6.04
C LEU A 52 -4.09 -2.08 6.60
N LYS A 53 -3.50 -3.21 6.97
CA LYS A 53 -4.25 -4.33 7.56
C LYS A 53 -4.81 -3.92 8.93
N GLY A 54 -6.13 -3.82 9.02
CA GLY A 54 -6.77 -3.38 10.25
C GLY A 54 -7.48 -2.04 10.10
N SER A 55 -7.33 -1.43 8.92
CA SER A 55 -8.00 -0.16 8.63
C SER A 55 -9.46 -0.37 8.19
N LYS A 56 -10.16 0.73 7.91
CA LYS A 56 -11.58 0.71 7.53
C LYS A 56 -11.86 -0.22 6.33
N ALA A 57 -11.01 -0.16 5.31
CA ALA A 57 -11.19 -0.97 4.09
C ALA A 57 -11.01 -2.47 4.37
N ASP A 58 -10.31 -2.79 5.45
CA ASP A 58 -10.02 -4.17 5.84
C ASP A 58 -11.22 -4.83 6.56
N ALA A 59 -12.14 -4.01 7.07
CA ALA A 59 -13.27 -4.50 7.89
C ALA A 59 -14.41 -5.04 7.00
N LEU A 60 -14.11 -6.04 6.19
CA LEU A 60 -15.12 -6.68 5.33
C LEU A 60 -16.13 -7.51 6.16
N GLU A 61 -17.13 -8.08 5.49
CA GLU A 61 -18.21 -8.81 6.19
C GLU A 61 -17.85 -10.29 6.45
N HIS A 62 -17.89 -10.66 7.73
CA HIS A 62 -17.70 -12.05 8.18
C HIS A 62 -18.08 -12.16 9.66
N HIS A 63 -19.36 -12.35 9.94
CA HIS A 63 -19.87 -12.19 11.31
C HIS A 63 -20.96 -13.21 11.67
N HIS A 64 -21.40 -13.13 12.93
CA HIS A 64 -22.49 -13.97 13.46
C HIS A 64 -23.34 -13.14 14.45
N HIS A 65 -24.48 -13.68 14.88
CA HIS A 65 -25.34 -12.97 15.84
C HIS A 65 -24.70 -12.86 17.23
N HIS A 66 -23.95 -11.77 17.44
CA HIS A 66 -23.41 -11.45 18.75
C HIS A 66 -24.35 -10.48 19.49
N HIS A 67 -25.18 -9.78 18.70
CA HIS A 67 -26.22 -8.89 19.21
C HIS A 67 -27.62 -9.46 18.91
N MET A 1 14.12 -5.85 -13.52
CA MET A 1 14.69 -4.80 -12.63
C MET A 1 13.82 -4.60 -11.37
N THR A 2 12.51 -4.46 -11.55
CA THR A 2 11.58 -4.30 -10.42
C THR A 2 10.48 -5.38 -10.46
N ILE A 3 10.17 -5.97 -9.30
CA ILE A 3 9.07 -6.93 -9.19
C ILE A 3 7.71 -6.23 -9.46
N GLN A 4 7.72 -4.91 -9.31
CA GLN A 4 6.56 -4.06 -9.58
C GLN A 4 5.46 -4.24 -8.51
N ALA A 5 4.61 -5.24 -8.71
CA ALA A 5 3.44 -5.47 -7.84
C ALA A 5 2.59 -4.19 -7.69
N PRO A 6 2.09 -3.62 -8.81
CA PRO A 6 1.35 -2.34 -8.81
C PRO A 6 -0.14 -2.50 -8.44
N GLU A 7 -0.43 -3.40 -7.50
CA GLU A 7 -1.81 -3.68 -7.08
C GLU A 7 -1.96 -3.47 -5.56
N THR A 8 -2.99 -4.07 -4.97
CA THR A 8 -3.25 -3.95 -3.53
C THR A 8 -2.20 -4.71 -2.70
N LYS A 9 -1.54 -4.01 -1.79
CA LYS A 9 -0.54 -4.62 -0.93
C LYS A 9 -0.92 -4.43 0.55
N ILE A 10 -1.45 -5.47 1.16
CA ILE A 10 -1.94 -5.42 2.54
C ILE A 10 -0.80 -5.61 3.54
N VAL A 11 -0.31 -4.50 4.10
CA VAL A 11 0.85 -4.54 5.00
C VAL A 11 0.46 -4.20 6.45
N ASP A 12 1.24 -4.69 7.41
CA ASP A 12 0.97 -4.48 8.84
C ASP A 12 1.59 -3.17 9.34
N LYS A 13 1.99 -2.31 8.42
CA LYS A 13 2.70 -1.07 8.77
C LYS A 13 2.13 0.16 8.05
N SER A 14 2.12 1.30 8.74
CA SER A 14 1.58 2.55 8.19
C SER A 14 2.64 3.34 7.41
N ARG A 15 3.91 3.14 7.74
CA ARG A 15 5.00 3.85 7.09
C ARG A 15 5.82 2.93 6.16
N VAL A 16 5.69 3.15 4.85
CA VAL A 16 6.36 2.33 3.84
C VAL A 16 7.41 3.17 3.07
N ALA A 17 8.50 2.51 2.65
CA ALA A 17 9.60 3.20 1.96
C ALA A 17 9.42 3.19 0.43
N CYS A 18 9.08 4.35 -0.13
CA CYS A 18 8.91 4.50 -1.58
C CYS A 18 10.24 4.81 -2.29
N ASP A 19 10.17 5.39 -3.49
CA ASP A 19 11.35 5.65 -4.32
C ASP A 19 11.97 4.33 -4.81
N GLY A 20 11.50 3.85 -5.96
CA GLY A 20 11.99 2.58 -6.52
C GLY A 20 12.04 2.56 -8.04
N GLY A 21 13.05 1.88 -8.61
CA GLY A 21 13.14 1.75 -10.06
C GLY A 21 14.56 1.53 -10.59
N GLU A 22 15.57 2.01 -9.85
CA GLU A 22 16.96 1.96 -10.32
C GLU A 22 17.94 1.89 -9.12
N GLY A 23 19.21 1.61 -9.38
CA GLY A 23 20.24 1.61 -8.32
C GLY A 23 20.14 2.82 -7.38
N ALA A 24 20.23 4.02 -7.96
CA ALA A 24 20.10 5.26 -7.18
C ALA A 24 18.70 5.43 -6.58
N LEU A 25 17.72 4.77 -7.20
CA LEU A 25 16.32 4.83 -6.75
C LEU A 25 15.93 3.53 -6.01
N GLY A 26 16.90 2.84 -5.44
CA GLY A 26 16.63 1.56 -4.78
C GLY A 26 16.11 1.71 -3.35
N HIS A 27 15.07 2.52 -3.19
CA HIS A 27 14.44 2.77 -1.87
C HIS A 27 15.48 3.15 -0.79
N PRO A 28 16.17 4.30 -0.96
CA PRO A 28 17.17 4.78 0.01
C PRO A 28 16.57 5.00 1.41
N ARG A 29 15.61 5.93 1.49
CA ARG A 29 14.92 6.22 2.75
C ARG A 29 13.87 7.31 2.53
N VAL A 30 12.71 6.88 2.11
CA VAL A 30 11.57 7.78 1.83
C VAL A 30 10.27 7.19 2.41
N TRP A 31 9.81 7.74 3.54
CA TRP A 31 8.66 7.18 4.26
C TRP A 31 7.33 7.87 3.88
N LEU A 32 6.36 7.07 3.43
CA LEU A 32 5.00 7.57 3.20
C LEU A 32 4.05 7.08 4.31
N GLN A 33 3.28 8.00 4.86
CA GLN A 33 2.36 7.72 5.97
C GLN A 33 0.94 7.38 5.47
N ILE A 34 0.52 6.13 5.72
CA ILE A 34 -0.85 5.71 5.43
C ILE A 34 -1.85 6.44 6.34
N PRO A 35 -2.77 7.24 5.77
CA PRO A 35 -3.77 7.97 6.54
C PRO A 35 -4.99 7.11 6.93
N GLU A 36 -5.41 7.19 8.19
CA GLU A 36 -6.63 6.51 8.65
C GLU A 36 -7.86 6.98 7.84
N ASP A 37 -7.73 8.17 7.26
CA ASP A 37 -8.78 8.78 6.44
C ASP A 37 -9.09 7.94 5.19
N THR A 38 -8.07 7.31 4.61
CA THR A 38 -8.22 6.49 3.40
C THR A 38 -8.07 5.00 3.70
N GLY A 39 -7.01 4.66 4.43
CA GLY A 39 -6.71 3.27 4.74
C GLY A 39 -5.62 2.68 3.85
N TRP A 40 -5.09 3.50 2.93
CA TRP A 40 -4.06 3.05 1.99
C TRP A 40 -3.22 4.23 1.47
N VAL A 41 -2.09 3.91 0.84
CA VAL A 41 -1.23 4.93 0.22
C VAL A 41 -0.60 4.41 -1.08
N GLU A 42 -0.45 5.28 -2.07
CA GLU A 42 0.14 4.90 -3.36
C GLU A 42 1.58 5.43 -3.49
N CYS A 43 2.46 4.63 -4.08
CA CYS A 43 3.83 5.08 -4.35
C CYS A 43 3.98 5.53 -5.81
N PRO A 44 4.29 6.82 -6.06
CA PRO A 44 4.40 7.38 -7.42
C PRO A 44 5.62 6.88 -8.21
N TYR A 45 6.23 5.78 -7.74
CA TYR A 45 7.36 5.15 -8.42
C TYR A 45 7.02 3.72 -8.87
N CYS A 46 6.48 2.92 -7.96
CA CYS A 46 6.18 1.51 -8.23
C CYS A 46 4.68 1.25 -8.45
N ASP A 47 3.86 2.29 -8.24
CA ASP A 47 2.39 2.21 -8.45
C ASP A 47 1.70 1.22 -7.50
N CYS A 48 2.37 0.88 -6.40
CA CYS A 48 1.82 -0.06 -5.42
C CYS A 48 0.82 0.63 -4.49
N LYS A 49 -0.32 -0.03 -4.25
CA LYS A 49 -1.36 0.50 -3.34
C LYS A 49 -1.26 -0.16 -1.96
N TYR A 50 -0.57 0.49 -1.03
CA TYR A 50 -0.29 -0.10 0.28
C TYR A 50 -1.49 0.06 1.23
N VAL A 51 -2.22 -1.03 1.46
CA VAL A 51 -3.36 -1.02 2.37
C VAL A 51 -2.94 -1.41 3.80
N LEU A 52 -3.28 -0.57 4.77
CA LEU A 52 -2.97 -0.84 6.17
C LEU A 52 -3.86 -1.97 6.74
N LYS A 53 -3.25 -3.10 7.04
CA LYS A 53 -3.98 -4.26 7.56
C LYS A 53 -4.62 -3.95 8.94
N GLY A 54 -5.94 -4.03 8.99
CA GLY A 54 -6.68 -3.63 10.20
C GLY A 54 -7.33 -2.25 10.08
N SER A 55 -7.08 -1.58 8.95
CA SER A 55 -7.67 -0.24 8.70
C SER A 55 -9.02 -0.35 7.98
N LYS A 56 -9.61 0.80 7.64
CA LYS A 56 -10.94 0.84 7.01
C LYS A 56 -10.90 0.36 5.56
N ALA A 57 -9.71 0.21 5.01
CA ALA A 57 -9.53 -0.38 3.67
C ALA A 57 -9.27 -1.89 3.77
N ASP A 58 -9.23 -2.41 5.00
CA ASP A 58 -8.97 -3.83 5.26
C ASP A 58 -10.09 -4.41 6.16
N ALA A 59 -9.84 -5.58 6.78
CA ALA A 59 -10.82 -6.23 7.65
C ALA A 59 -11.97 -6.85 6.82
N LEU A 60 -11.59 -7.52 5.73
CA LEU A 60 -12.56 -8.14 4.82
C LEU A 60 -13.25 -9.35 5.48
N GLU A 61 -12.62 -9.91 6.51
CA GLU A 61 -13.23 -10.98 7.30
C GLU A 61 -14.29 -10.42 8.25
N HIS A 62 -15.29 -9.74 7.69
CA HIS A 62 -16.34 -9.09 8.46
C HIS A 62 -17.17 -10.13 9.22
N HIS A 63 -17.19 -11.35 8.68
CA HIS A 63 -17.88 -12.47 9.31
C HIS A 63 -17.03 -13.12 10.42
N HIS A 64 -15.71 -12.98 10.33
CA HIS A 64 -14.79 -13.64 11.25
C HIS A 64 -14.03 -12.62 12.11
N HIS A 65 -14.41 -12.50 13.39
CA HIS A 65 -13.84 -11.48 14.28
C HIS A 65 -12.73 -12.07 15.17
N HIS A 66 -12.99 -13.24 15.76
CA HIS A 66 -11.98 -13.93 16.56
C HIS A 66 -10.86 -14.49 15.67
N HIS A 67 -9.75 -13.77 15.59
CA HIS A 67 -8.63 -14.14 14.71
C HIS A 67 -7.53 -14.93 15.44
N MET A 1 4.64 -5.92 -18.51
CA MET A 1 4.00 -7.23 -18.82
C MET A 1 2.80 -7.51 -17.89
N THR A 2 2.74 -6.82 -16.75
CA THR A 2 1.57 -6.89 -15.87
C THR A 2 0.45 -5.99 -16.39
N ILE A 3 -0.80 -6.36 -16.11
CA ILE A 3 -1.96 -5.54 -16.50
C ILE A 3 -1.90 -4.16 -15.80
N GLN A 4 -1.22 -4.11 -14.67
CA GLN A 4 -1.06 -2.88 -13.88
C GLN A 4 -2.41 -2.30 -13.44
N ALA A 5 -2.97 -2.86 -12.37
CA ALA A 5 -4.25 -2.39 -11.82
C ALA A 5 -4.55 -3.02 -10.44
N PRO A 6 -4.51 -4.38 -10.31
CA PRO A 6 -4.78 -5.04 -9.02
C PRO A 6 -3.52 -5.26 -8.18
N GLU A 7 -2.54 -4.38 -8.37
CA GLU A 7 -1.24 -4.49 -7.69
C GLU A 7 -1.23 -3.70 -6.38
N THR A 8 -1.67 -4.35 -5.32
CA THR A 8 -1.77 -3.75 -3.98
C THR A 8 -1.04 -4.60 -2.94
N LYS A 9 -0.50 -3.94 -1.90
CA LYS A 9 0.29 -4.63 -0.88
C LYS A 9 -0.35 -4.46 0.51
N ILE A 10 -0.59 -5.57 1.19
CA ILE A 10 -1.22 -5.54 2.52
C ILE A 10 -0.15 -5.47 3.62
N VAL A 11 0.09 -4.27 4.14
CA VAL A 11 1.17 -4.04 5.11
C VAL A 11 0.66 -3.99 6.56
N ASP A 12 1.57 -4.24 7.51
CA ASP A 12 1.26 -4.20 8.94
C ASP A 12 1.53 -2.81 9.53
N LYS A 13 2.56 -2.13 9.01
CA LYS A 13 3.00 -0.83 9.54
C LYS A 13 2.29 0.34 8.83
N SER A 14 2.14 1.45 9.56
CA SER A 14 1.62 2.69 9.00
C SER A 14 2.73 3.42 8.21
N ARG A 15 3.98 3.19 8.61
CA ARG A 15 5.15 3.72 7.90
C ARG A 15 5.62 2.74 6.83
N VAL A 16 5.38 3.07 5.57
CA VAL A 16 5.71 2.15 4.46
C VAL A 16 6.81 2.72 3.56
N ALA A 17 7.94 2.00 3.47
CA ALA A 17 9.00 2.35 2.55
C ALA A 17 8.65 1.92 1.12
N CYS A 18 8.24 2.88 0.29
CA CYS A 18 7.71 2.57 -1.04
C CYS A 18 8.79 2.09 -2.02
N ASP A 19 9.08 0.78 -1.96
CA ASP A 19 10.03 0.12 -2.86
C ASP A 19 11.29 0.98 -3.11
N GLY A 20 12.09 1.19 -2.08
CA GLY A 20 13.24 2.05 -2.21
C GLY A 20 14.34 1.79 -1.19
N GLY A 21 15.57 2.09 -1.61
CA GLY A 21 16.74 1.97 -0.75
C GLY A 21 17.92 2.73 -1.32
N GLU A 22 19.09 2.10 -1.37
CA GLU A 22 20.27 2.69 -2.00
C GLU A 22 20.34 2.35 -3.51
N GLY A 23 20.30 3.39 -4.34
CA GLY A 23 20.38 3.25 -5.80
C GLY A 23 19.61 2.06 -6.39
N ALA A 24 20.31 0.94 -6.59
CA ALA A 24 19.74 -0.23 -7.29
C ALA A 24 18.56 -0.86 -6.51
N LEU A 25 18.44 -0.54 -5.23
CA LEU A 25 17.37 -1.10 -4.39
C LEU A 25 16.02 -0.39 -4.63
N GLY A 26 16.02 0.63 -5.49
CA GLY A 26 14.80 1.36 -5.82
C GLY A 26 14.94 2.86 -5.66
N HIS A 27 14.00 3.48 -4.95
CA HIS A 27 14.05 4.94 -4.70
C HIS A 27 14.93 5.23 -3.48
N PRO A 28 15.50 6.44 -3.34
CA PRO A 28 16.39 6.80 -2.19
C PRO A 28 15.70 6.78 -0.81
N ARG A 29 15.26 5.60 -0.38
CA ARG A 29 14.59 5.37 0.90
C ARG A 29 13.46 6.36 1.14
N VAL A 30 12.34 6.05 0.54
CA VAL A 30 11.15 6.90 0.60
C VAL A 30 10.07 6.34 1.55
N TRP A 31 9.80 7.07 2.64
CA TRP A 31 8.80 6.65 3.64
C TRP A 31 7.47 7.41 3.47
N LEU A 32 6.38 6.68 3.30
CA LEU A 32 5.04 7.28 3.26
C LEU A 32 4.17 6.78 4.42
N GLN A 33 3.47 7.71 5.09
CA GLN A 33 2.60 7.38 6.22
C GLN A 33 1.15 7.17 5.76
N ILE A 34 0.63 5.96 5.93
CA ILE A 34 -0.75 5.63 5.55
C ILE A 34 -1.77 6.47 6.34
N PRO A 35 -2.64 7.23 5.63
CA PRO A 35 -3.67 8.07 6.27
C PRO A 35 -4.92 7.28 6.70
N GLU A 36 -5.47 7.60 7.86
CA GLU A 36 -6.66 6.89 8.39
C GLU A 36 -7.93 7.24 7.58
N ASP A 37 -7.96 8.44 7.01
CA ASP A 37 -9.09 8.88 6.19
C ASP A 37 -9.31 7.99 4.96
N THR A 38 -8.25 7.34 4.50
CA THR A 38 -8.35 6.38 3.37
C THR A 38 -8.17 4.93 3.86
N GLY A 39 -7.05 4.70 4.55
CA GLY A 39 -6.67 3.36 4.98
C GLY A 39 -5.61 2.74 4.08
N TRP A 40 -5.18 3.50 3.08
CA TRP A 40 -4.21 3.05 2.08
C TRP A 40 -3.40 4.20 1.51
N VAL A 41 -2.28 3.88 0.87
CA VAL A 41 -1.48 4.88 0.14
C VAL A 41 -0.89 4.28 -1.14
N GLU A 42 -1.26 4.84 -2.29
CA GLU A 42 -0.68 4.41 -3.57
C GLU A 42 0.41 5.38 -4.01
N CYS A 43 1.66 4.93 -3.89
CA CYS A 43 2.83 5.83 -4.00
C CYS A 43 3.13 6.24 -5.45
N PRO A 44 3.32 7.55 -5.70
CA PRO A 44 3.70 8.05 -7.04
C PRO A 44 5.15 7.68 -7.42
N TYR A 45 5.92 7.24 -6.43
CA TYR A 45 7.31 6.84 -6.65
C TYR A 45 7.41 5.36 -7.10
N CYS A 46 6.64 4.48 -6.45
CA CYS A 46 6.67 3.05 -6.78
C CYS A 46 5.54 2.64 -7.74
N ASP A 47 4.52 3.49 -7.84
CA ASP A 47 3.36 3.26 -8.73
C ASP A 47 2.52 2.07 -8.23
N CYS A 48 2.67 1.72 -6.95
CA CYS A 48 1.93 0.60 -6.35
C CYS A 48 1.07 1.05 -5.16
N LYS A 49 0.00 0.32 -4.86
CA LYS A 49 -0.93 0.68 -3.79
C LYS A 49 -0.63 -0.11 -2.50
N TYR A 50 -0.61 0.58 -1.35
CA TYR A 50 -0.37 -0.08 -0.06
C TYR A 50 -1.61 0.02 0.84
N VAL A 51 -2.23 -1.12 1.13
CA VAL A 51 -3.37 -1.15 2.07
C VAL A 51 -2.93 -1.56 3.49
N LEU A 52 -3.32 -0.76 4.48
CA LEU A 52 -3.00 -1.05 5.88
C LEU A 52 -3.96 -2.12 6.44
N LYS A 53 -3.41 -3.28 6.78
CA LYS A 53 -4.20 -4.39 7.31
C LYS A 53 -4.83 -4.03 8.66
N GLY A 54 -6.17 -4.10 8.74
CA GLY A 54 -6.89 -3.74 9.94
C GLY A 54 -7.34 -2.28 9.98
N SER A 55 -7.28 -1.59 8.83
CA SER A 55 -7.66 -0.17 8.76
C SER A 55 -9.00 0.04 8.04
N LYS A 56 -9.29 1.29 7.67
CA LYS A 56 -10.50 1.65 6.93
C LYS A 56 -10.53 0.99 5.54
N ALA A 57 -9.37 0.58 5.04
CA ALA A 57 -9.26 -0.06 3.72
C ALA A 57 -9.29 -1.59 3.82
N ASP A 58 -9.38 -2.11 5.04
CA ASP A 58 -9.36 -3.55 5.30
C ASP A 58 -10.53 -3.97 6.20
N ALA A 59 -10.72 -5.29 6.38
CA ALA A 59 -11.83 -5.83 7.15
C ALA A 59 -13.18 -5.49 6.50
N LEU A 60 -13.51 -6.24 5.43
CA LEU A 60 -14.72 -5.97 4.64
C LEU A 60 -16.00 -6.25 5.47
N GLU A 61 -16.18 -7.49 5.89
CA GLU A 61 -17.33 -7.88 6.71
C GLU A 61 -17.23 -7.29 8.14
N HIS A 62 -16.01 -7.03 8.59
CA HIS A 62 -15.75 -6.24 9.80
C HIS A 62 -16.05 -7.03 11.09
N HIS A 63 -16.07 -8.36 11.00
CA HIS A 63 -16.28 -9.17 12.20
C HIS A 63 -14.96 -9.31 12.99
N HIS A 64 -13.85 -8.95 12.33
CA HIS A 64 -12.56 -8.82 13.01
C HIS A 64 -12.51 -7.49 13.77
N HIS A 65 -12.88 -7.52 15.04
CA HIS A 65 -13.15 -6.30 15.82
C HIS A 65 -11.88 -5.71 16.47
N HIS A 66 -11.82 -4.38 16.51
CA HIS A 66 -10.78 -3.65 17.23
C HIS A 66 -11.06 -2.14 17.18
N HIS A 67 -11.14 -1.50 18.34
CA HIS A 67 -11.38 -0.04 18.41
C HIS A 67 -10.23 0.68 19.15
N MET A 1 -8.78 1.07 -18.92
CA MET A 1 -8.39 -0.33 -19.24
C MET A 1 -7.28 -0.82 -18.29
N THR A 2 -7.14 -0.17 -17.14
CA THR A 2 -6.02 -0.42 -16.21
C THR A 2 -6.23 -1.70 -15.37
N ILE A 3 -7.01 -2.65 -15.88
CA ILE A 3 -7.34 -3.89 -15.15
C ILE A 3 -8.21 -3.59 -13.90
N GLN A 4 -8.41 -2.31 -13.62
CA GLN A 4 -9.17 -1.86 -12.43
C GLN A 4 -8.56 -2.39 -11.12
N ALA A 5 -7.28 -2.75 -11.17
CA ALA A 5 -6.59 -3.29 -9.98
C ALA A 5 -5.18 -2.71 -9.83
N PRO A 6 -5.05 -1.58 -9.13
CA PRO A 6 -3.74 -1.03 -8.75
C PRO A 6 -3.04 -1.95 -7.73
N GLU A 7 -2.15 -2.81 -8.24
CA GLU A 7 -1.39 -3.79 -7.42
C GLU A 7 -1.27 -3.36 -5.94
N THR A 8 -2.06 -4.01 -5.10
CA THR A 8 -2.22 -3.62 -3.69
C THR A 8 -1.47 -4.55 -2.73
N LYS A 9 -0.95 -3.98 -1.65
CA LYS A 9 -0.27 -4.75 -0.61
C LYS A 9 -0.83 -4.40 0.77
N ILE A 10 -1.48 -5.37 1.40
CA ILE A 10 -2.10 -5.16 2.72
C ILE A 10 -1.05 -5.36 3.84
N VAL A 11 -0.46 -4.25 4.28
CA VAL A 11 0.65 -4.30 5.25
C VAL A 11 0.19 -3.87 6.65
N ASP A 12 0.83 -4.43 7.67
CA ASP A 12 0.47 -4.17 9.07
C ASP A 12 0.97 -2.78 9.52
N LYS A 13 1.95 -2.24 8.80
CA LYS A 13 2.63 -1.00 9.19
C LYS A 13 2.31 0.15 8.23
N SER A 14 2.18 1.37 8.79
CA SER A 14 1.85 2.56 7.98
C SER A 14 3.06 3.13 7.25
N ARG A 15 4.23 3.13 7.89
CA ARG A 15 5.43 3.66 7.28
C ARG A 15 6.06 2.70 6.27
N VAL A 16 6.30 3.20 5.07
CA VAL A 16 6.86 2.40 3.98
C VAL A 16 7.84 3.23 3.13
N ALA A 17 9.07 2.76 2.99
CA ALA A 17 10.07 3.46 2.17
C ALA A 17 9.83 3.17 0.68
N CYS A 18 9.43 4.19 -0.08
CA CYS A 18 9.15 4.02 -1.52
C CYS A 18 9.48 5.28 -2.34
N ASP A 19 10.66 5.27 -2.98
CA ASP A 19 11.08 6.34 -3.89
C ASP A 19 11.87 5.76 -5.06
N GLY A 20 11.20 4.96 -5.88
CA GLY A 20 11.84 4.33 -7.02
C GLY A 20 11.06 3.12 -7.52
N GLY A 21 11.64 2.38 -8.47
CA GLY A 21 10.98 1.18 -8.97
C GLY A 21 10.79 0.13 -7.89
N GLU A 22 11.82 -0.05 -7.06
CA GLU A 22 11.78 -0.97 -5.92
C GLU A 22 12.95 -0.68 -4.96
N GLY A 23 13.02 -1.39 -3.84
CA GLY A 23 14.13 -1.24 -2.91
C GLY A 23 15.51 -1.21 -3.58
N ALA A 24 15.77 -2.20 -4.44
CA ALA A 24 17.04 -2.30 -5.16
C ALA A 24 17.05 -1.42 -6.43
N LEU A 25 15.93 -0.76 -6.70
CA LEU A 25 15.79 0.12 -7.85
C LEU A 25 15.33 1.50 -7.37
N GLY A 26 16.11 2.08 -6.47
CA GLY A 26 15.82 3.41 -5.95
C GLY A 26 15.75 3.44 -4.43
N HIS A 27 14.79 4.20 -3.90
CA HIS A 27 14.52 4.24 -2.46
C HIS A 27 15.70 4.80 -1.63
N PRO A 28 16.19 6.03 -1.92
CA PRO A 28 17.26 6.66 -1.14
C PRO A 28 16.89 6.80 0.35
N ARG A 29 15.78 7.50 0.63
CA ARG A 29 15.18 7.54 1.96
C ARG A 29 13.95 8.45 1.97
N VAL A 30 12.84 7.86 1.60
CA VAL A 30 11.54 8.55 1.56
C VAL A 30 10.44 7.64 2.13
N TRP A 31 9.81 8.09 3.21
CA TRP A 31 8.82 7.27 3.92
C TRP A 31 7.38 7.75 3.66
N LEU A 32 6.57 6.86 3.11
CA LEU A 32 5.14 7.10 2.92
C LEU A 32 4.36 6.84 4.21
N GLN A 33 3.25 7.53 4.38
CA GLN A 33 2.40 7.41 5.57
C GLN A 33 0.99 6.95 5.20
N ILE A 34 0.63 5.73 5.60
CA ILE A 34 -0.74 5.24 5.42
C ILE A 34 -1.67 5.85 6.49
N PRO A 35 -2.58 6.76 6.09
CA PRO A 35 -3.47 7.46 7.02
C PRO A 35 -4.76 6.68 7.33
N GLU A 36 -5.36 6.97 8.48
CA GLU A 36 -6.67 6.40 8.84
C GLU A 36 -7.78 7.05 8.02
N ASP A 37 -7.49 8.23 7.45
CA ASP A 37 -8.41 8.93 6.55
C ASP A 37 -8.76 8.05 5.33
N THR A 38 -7.73 7.60 4.62
CA THR A 38 -7.90 6.77 3.43
C THR A 38 -7.90 5.27 3.79
N GLY A 39 -6.87 4.85 4.54
CA GLY A 39 -6.69 3.43 4.83
C GLY A 39 -5.64 2.78 3.94
N TRP A 40 -5.04 3.58 3.06
CA TRP A 40 -4.05 3.09 2.08
C TRP A 40 -3.14 4.22 1.57
N VAL A 41 -2.09 3.86 0.82
CA VAL A 41 -1.21 4.86 0.19
C VAL A 41 -0.78 4.39 -1.20
N GLU A 42 -0.63 5.34 -2.13
CA GLU A 42 -0.23 5.03 -3.51
C GLU A 42 1.23 5.41 -3.76
N CYS A 43 1.96 4.54 -4.46
CA CYS A 43 3.38 4.79 -4.78
C CYS A 43 3.55 5.42 -6.16
N PRO A 44 3.95 6.71 -6.22
CA PRO A 44 4.10 7.44 -7.50
C PRO A 44 5.22 6.87 -8.39
N TYR A 45 6.07 5.99 -7.83
CA TYR A 45 7.17 5.38 -8.59
C TYR A 45 6.94 3.88 -8.83
N CYS A 46 6.86 3.11 -7.75
CA CYS A 46 6.66 1.65 -7.84
C CYS A 46 5.22 1.29 -8.26
N ASP A 47 4.32 2.26 -8.17
CA ASP A 47 2.91 2.11 -8.58
C ASP A 47 2.10 1.22 -7.60
N CYS A 48 2.78 0.65 -6.61
CA CYS A 48 2.12 -0.18 -5.59
C CYS A 48 1.15 0.62 -4.71
N LYS A 49 0.08 -0.02 -4.26
CA LYS A 49 -0.91 0.60 -3.38
C LYS A 49 -0.98 -0.14 -2.03
N TYR A 50 -0.40 0.45 -0.99
CA TYR A 50 -0.29 -0.23 0.31
C TYR A 50 -1.51 0.06 1.19
N VAL A 51 -2.30 -0.98 1.46
CA VAL A 51 -3.46 -0.87 2.37
C VAL A 51 -3.11 -1.29 3.80
N LEU A 52 -3.56 -0.51 4.78
CA LEU A 52 -3.32 -0.83 6.19
C LEU A 52 -4.15 -2.03 6.65
N LYS A 53 -3.47 -3.08 7.09
CA LYS A 53 -4.10 -4.31 7.54
C LYS A 53 -4.95 -4.08 8.82
N GLY A 54 -6.25 -4.30 8.70
CA GLY A 54 -7.17 -4.04 9.80
C GLY A 54 -7.74 -2.63 9.78
N SER A 55 -7.61 -1.94 8.65
CA SER A 55 -8.12 -0.57 8.51
C SER A 55 -9.56 -0.55 7.96
N LYS A 56 -10.08 0.66 7.76
CA LYS A 56 -11.39 0.84 7.11
C LYS A 56 -11.42 0.21 5.70
N ALA A 57 -10.30 0.31 4.97
CA ALA A 57 -10.21 -0.17 3.59
C ALA A 57 -10.02 -1.70 3.52
N ASP A 58 -9.37 -2.26 4.53
CA ASP A 58 -9.13 -3.71 4.59
C ASP A 58 -10.36 -4.45 5.17
N ALA A 59 -10.96 -3.89 6.20
CA ALA A 59 -12.11 -4.51 6.86
C ALA A 59 -13.42 -4.27 6.08
N LEU A 60 -13.80 -3.01 5.92
CA LEU A 60 -15.07 -2.63 5.27
C LEU A 60 -16.29 -3.16 6.05
N GLU A 61 -16.92 -2.27 6.83
CA GLU A 61 -18.10 -2.62 7.65
C GLU A 61 -17.75 -3.55 8.82
N HIS A 62 -18.64 -3.57 9.82
CA HIS A 62 -18.46 -4.40 11.02
C HIS A 62 -19.82 -4.88 11.57
N HIS A 63 -19.99 -6.20 11.69
CA HIS A 63 -21.26 -6.78 12.12
C HIS A 63 -21.10 -7.72 13.32
N HIS A 64 -21.94 -7.54 14.34
CA HIS A 64 -22.03 -8.46 15.47
C HIS A 64 -23.30 -8.20 16.31
N HIS A 65 -24.09 -9.24 16.54
CA HIS A 65 -25.35 -9.11 17.26
C HIS A 65 -25.12 -8.95 18.77
N HIS A 66 -25.55 -7.80 19.32
CA HIS A 66 -25.32 -7.46 20.74
C HIS A 66 -23.81 -7.21 21.00
N HIS A 67 -23.43 -7.23 22.29
CA HIS A 67 -22.03 -6.98 22.68
C HIS A 67 -21.65 -7.75 23.97
N MET A 1 -4.52 2.89 -21.52
CA MET A 1 -5.33 1.77 -22.07
C MET A 1 -4.93 0.41 -21.45
N THR A 2 -3.87 0.41 -20.64
CA THR A 2 -3.33 -0.84 -20.08
C THR A 2 -4.05 -1.29 -18.79
N ILE A 3 -5.02 -0.48 -18.34
CA ILE A 3 -5.77 -0.77 -17.09
C ILE A 3 -4.93 -0.51 -15.83
N GLN A 4 -3.60 -0.48 -15.98
CA GLN A 4 -2.65 -0.18 -14.90
C GLN A 4 -2.51 -1.34 -13.89
N ALA A 5 -3.62 -1.83 -13.37
CA ALA A 5 -3.64 -2.93 -12.39
C ALA A 5 -2.86 -2.56 -11.11
N PRO A 6 -3.40 -1.63 -10.30
CA PRO A 6 -2.77 -1.20 -9.05
C PRO A 6 -2.82 -2.27 -7.96
N GLU A 7 -1.80 -3.11 -7.90
CA GLU A 7 -1.70 -4.16 -6.88
C GLU A 7 -1.56 -3.57 -5.47
N THR A 8 -2.16 -4.24 -4.50
CA THR A 8 -2.14 -3.81 -3.10
C THR A 8 -0.95 -4.40 -2.33
N LYS A 9 -0.38 -3.60 -1.43
CA LYS A 9 0.72 -4.06 -0.57
C LYS A 9 0.26 -4.01 0.89
N ILE A 10 -0.17 -5.16 1.42
CA ILE A 10 -0.76 -5.23 2.76
C ILE A 10 0.28 -5.15 3.89
N VAL A 11 0.09 -4.18 4.78
CA VAL A 11 0.97 -3.99 5.94
C VAL A 11 0.14 -3.70 7.21
N ASP A 12 0.75 -3.88 8.39
CA ASP A 12 0.11 -3.57 9.66
C ASP A 12 0.58 -2.23 10.24
N LYS A 13 1.71 -1.73 9.73
CA LYS A 13 2.25 -0.43 10.16
C LYS A 13 2.06 0.65 9.07
N SER A 14 1.75 1.86 9.49
CA SER A 14 1.39 2.95 8.56
C SER A 14 2.59 3.55 7.82
N ARG A 15 3.81 3.15 8.16
CA ARG A 15 5.00 3.65 7.45
C ARG A 15 5.68 2.55 6.64
N VAL A 16 5.77 2.76 5.33
CA VAL A 16 6.40 1.80 4.41
C VAL A 16 7.34 2.51 3.42
N ALA A 17 8.48 1.89 3.13
CA ALA A 17 9.44 2.47 2.19
C ALA A 17 9.22 1.90 0.78
N CYS A 18 9.08 2.79 -0.21
CA CYS A 18 8.93 2.36 -1.61
C CYS A 18 10.18 1.62 -2.10
N ASP A 19 10.11 0.29 -2.09
CA ASP A 19 11.27 -0.55 -2.42
C ASP A 19 11.65 -0.49 -3.91
N GLY A 20 10.69 -0.72 -4.81
CA GLY A 20 11.03 -0.84 -6.22
C GLY A 20 9.87 -0.62 -7.18
N GLY A 21 9.88 -1.37 -8.28
CA GLY A 21 8.87 -1.20 -9.33
C GLY A 21 9.26 -0.16 -10.39
N GLU A 22 10.39 0.52 -10.18
CA GLU A 22 10.87 1.55 -11.10
C GLU A 22 11.89 0.97 -12.10
N GLY A 23 11.60 1.09 -13.40
CA GLY A 23 12.47 0.54 -14.45
C GLY A 23 13.06 -0.82 -14.11
N ALA A 24 14.24 -0.82 -13.49
CA ALA A 24 14.88 -2.06 -13.01
C ALA A 24 14.28 -2.49 -11.64
N LEU A 25 12.99 -2.18 -11.45
CA LEU A 25 12.23 -2.49 -10.23
C LEU A 25 12.96 -2.09 -8.92
N GLY A 26 13.63 -0.93 -8.94
CA GLY A 26 14.33 -0.44 -7.75
C GLY A 26 14.06 1.03 -7.41
N HIS A 27 14.17 1.37 -6.13
CA HIS A 27 14.06 2.77 -5.66
C HIS A 27 15.11 3.07 -4.57
N PRO A 28 15.50 4.36 -4.40
CA PRO A 28 16.52 4.76 -3.40
C PRO A 28 16.05 4.63 -1.94
N ARG A 29 15.16 5.53 -1.49
CA ARG A 29 14.73 5.59 -0.10
C ARG A 29 13.69 6.69 0.09
N VAL A 30 12.44 6.29 0.04
CA VAL A 30 11.31 7.17 0.35
C VAL A 30 10.27 6.43 1.20
N TRP A 31 10.01 6.96 2.40
CA TRP A 31 9.06 6.34 3.33
C TRP A 31 7.70 7.04 3.28
N LEU A 32 6.69 6.33 2.79
CA LEU A 32 5.33 6.87 2.67
C LEU A 32 4.50 6.61 3.94
N GLN A 33 3.84 7.65 4.43
CA GLN A 33 2.95 7.55 5.60
C GLN A 33 1.49 7.32 5.16
N ILE A 34 1.02 6.10 5.35
CA ILE A 34 -0.36 5.73 5.05
C ILE A 34 -1.35 6.57 5.88
N PRO A 35 -2.30 7.25 5.23
CA PRO A 35 -3.32 8.04 5.93
C PRO A 35 -4.41 7.14 6.52
N GLU A 36 -4.39 6.95 7.85
CA GLU A 36 -5.42 6.15 8.52
C GLU A 36 -6.82 6.73 8.24
N ASP A 37 -6.84 7.99 7.83
CA ASP A 37 -8.06 8.67 7.38
C ASP A 37 -8.73 7.86 6.25
N THR A 38 -7.92 7.38 5.31
CA THR A 38 -8.40 6.55 4.20
C THR A 38 -8.20 5.06 4.51
N GLY A 39 -6.94 4.69 4.76
CA GLY A 39 -6.58 3.30 5.01
C GLY A 39 -5.56 2.75 4.01
N TRP A 40 -5.14 3.61 3.08
CA TRP A 40 -4.22 3.21 2.00
C TRP A 40 -3.55 4.42 1.34
N VAL A 41 -2.42 4.19 0.65
CA VAL A 41 -1.78 5.26 -0.12
C VAL A 41 -1.08 4.68 -1.36
N GLU A 42 -1.33 5.25 -2.53
CA GLU A 42 -0.67 4.81 -3.77
C GLU A 42 0.63 5.58 -4.02
N CYS A 43 1.66 4.87 -4.49
CA CYS A 43 2.98 5.46 -4.71
C CYS A 43 2.98 6.44 -5.89
N PRO A 44 3.43 7.70 -5.67
CA PRO A 44 3.47 8.73 -6.73
C PRO A 44 4.53 8.43 -7.82
N TYR A 45 5.57 7.68 -7.47
CA TYR A 45 6.60 7.29 -8.43
C TYR A 45 6.12 6.12 -9.31
N CYS A 46 6.43 4.90 -8.89
CA CYS A 46 6.05 3.69 -9.63
C CYS A 46 6.38 2.43 -8.81
N ASP A 47 5.49 2.09 -7.88
CA ASP A 47 5.69 0.95 -7.00
C ASP A 47 4.38 0.14 -6.85
N CYS A 48 3.62 0.42 -5.79
CA CYS A 48 2.33 -0.23 -5.56
C CYS A 48 1.41 0.67 -4.71
N LYS A 49 0.28 0.12 -4.26
CA LYS A 49 -0.64 0.85 -3.38
C LYS A 49 -0.64 0.23 -1.97
N TYR A 50 -0.18 0.99 -0.98
CA TYR A 50 0.04 0.47 0.37
C TYR A 50 -1.25 0.45 1.18
N VAL A 51 -1.70 -0.75 1.55
CA VAL A 51 -2.97 -0.92 2.26
C VAL A 51 -2.75 -1.35 3.72
N LEU A 52 -3.30 -0.55 4.64
CA LEU A 52 -3.21 -0.85 6.07
C LEU A 52 -4.27 -1.88 6.49
N LYS A 53 -3.81 -3.10 6.79
CA LYS A 53 -4.72 -4.20 7.19
C LYS A 53 -5.40 -3.89 8.53
N GLY A 54 -6.63 -4.36 8.69
CA GLY A 54 -7.42 -4.03 9.89
C GLY A 54 -8.17 -2.71 9.74
N SER A 55 -8.15 -2.15 8.53
CA SER A 55 -8.84 -0.90 8.22
C SER A 55 -10.06 -1.12 7.30
N LYS A 56 -10.83 -0.07 7.07
CA LYS A 56 -11.96 -0.14 6.13
C LYS A 56 -11.48 -0.44 4.70
N ALA A 57 -10.19 -0.23 4.44
CA ALA A 57 -9.58 -0.59 3.15
C ALA A 57 -9.39 -2.11 3.05
N ASP A 58 -9.30 -2.76 4.21
CA ASP A 58 -9.20 -4.22 4.29
C ASP A 58 -10.60 -4.84 4.52
N ALA A 59 -11.52 -4.01 5.03
CA ALA A 59 -12.87 -4.45 5.39
C ALA A 59 -12.85 -5.34 6.63
N LEU A 60 -13.23 -4.77 7.78
CA LEU A 60 -13.16 -5.47 9.07
C LEU A 60 -13.75 -6.88 9.00
N GLU A 61 -13.20 -7.77 9.85
CA GLU A 61 -13.48 -9.22 9.80
C GLU A 61 -12.77 -9.87 8.61
N HIS A 62 -13.39 -9.79 7.42
CA HIS A 62 -12.78 -10.29 6.18
C HIS A 62 -12.30 -11.77 6.33
N HIS A 63 -12.96 -12.52 7.20
CA HIS A 63 -12.62 -13.92 7.45
C HIS A 63 -11.20 -14.10 8.04
N HIS A 64 -10.70 -13.06 8.71
CA HIS A 64 -9.38 -13.12 9.35
C HIS A 64 -9.40 -13.98 10.63
N HIS A 65 -10.59 -14.45 11.01
CA HIS A 65 -10.75 -15.30 12.20
C HIS A 65 -10.09 -16.69 12.00
N HIS A 66 -9.02 -16.95 12.73
CA HIS A 66 -8.31 -18.22 12.65
C HIS A 66 -8.95 -19.28 13.56
N HIS A 67 -8.59 -20.55 13.37
CA HIS A 67 -9.20 -21.67 14.10
C HIS A 67 -8.21 -22.83 14.31
N MET A 1 -13.74 -1.85 -17.54
CA MET A 1 -13.51 -1.72 -16.08
C MET A 1 -12.28 -2.54 -15.64
N THR A 2 -11.35 -1.90 -14.93
CA THR A 2 -10.16 -2.59 -14.40
C THR A 2 -9.99 -2.31 -12.90
N ILE A 3 -9.44 -3.27 -12.17
CA ILE A 3 -9.12 -3.09 -10.76
C ILE A 3 -7.86 -2.23 -10.60
N GLN A 4 -7.03 -2.21 -11.65
CA GLN A 4 -5.77 -1.47 -11.65
C GLN A 4 -4.78 -2.03 -10.60
N ALA A 5 -4.90 -1.55 -9.36
CA ALA A 5 -4.07 -2.01 -8.24
C ALA A 5 -2.57 -2.11 -8.58
N PRO A 6 -1.84 -0.97 -8.57
CA PRO A 6 -0.39 -0.95 -8.81
C PRO A 6 0.40 -1.69 -7.71
N GLU A 7 0.38 -3.02 -7.76
CA GLU A 7 0.98 -3.88 -6.74
C GLU A 7 0.42 -3.55 -5.33
N THR A 8 -0.47 -4.39 -4.83
CA THR A 8 -1.21 -4.11 -3.59
C THR A 8 -0.61 -4.85 -2.39
N LYS A 9 -0.25 -4.11 -1.34
CA LYS A 9 0.28 -4.69 -0.11
C LYS A 9 -0.57 -4.28 1.10
N ILE A 10 -1.31 -5.25 1.64
CA ILE A 10 -2.13 -5.00 2.83
C ILE A 10 -1.26 -5.13 4.09
N VAL A 11 -0.51 -4.08 4.40
CA VAL A 11 0.49 -4.11 5.49
C VAL A 11 -0.10 -3.62 6.81
N ASP A 12 0.39 -4.17 7.92
CA ASP A 12 -0.15 -3.86 9.24
C ASP A 12 0.36 -2.49 9.75
N LYS A 13 1.47 -2.01 9.19
CA LYS A 13 2.02 -0.71 9.55
C LYS A 13 1.83 0.31 8.41
N SER A 14 1.68 1.59 8.78
CA SER A 14 1.43 2.67 7.80
C SER A 14 2.72 3.18 7.15
N ARG A 15 3.75 3.39 7.96
CA ARG A 15 5.00 3.97 7.47
C ARG A 15 5.86 2.93 6.75
N VAL A 16 5.67 2.83 5.44
CA VAL A 16 6.41 1.87 4.60
C VAL A 16 7.39 2.58 3.67
N ALA A 17 8.67 2.27 3.80
CA ALA A 17 9.71 2.87 2.95
C ALA A 17 10.06 1.99 1.75
N CYS A 18 10.63 2.60 0.71
CA CYS A 18 11.04 1.87 -0.49
C CYS A 18 12.26 2.52 -1.16
N ASP A 19 13.18 1.70 -1.65
CA ASP A 19 14.32 2.20 -2.41
C ASP A 19 14.04 2.15 -3.93
N GLY A 20 13.74 0.97 -4.47
CA GLY A 20 13.41 0.85 -5.89
C GLY A 20 13.53 -0.57 -6.41
N GLY A 21 13.91 -0.71 -7.68
CA GLY A 21 14.04 -2.02 -8.30
C GLY A 21 15.34 -2.18 -9.08
N GLU A 22 15.31 -1.84 -10.37
CA GLU A 22 16.50 -1.89 -11.21
C GLU A 22 17.49 -0.77 -10.84
N GLY A 23 18.78 -0.97 -11.16
CA GLY A 23 19.80 0.03 -10.88
C GLY A 23 19.39 1.46 -11.25
N ALA A 24 18.81 1.63 -12.44
CA ALA A 24 18.34 2.94 -12.90
C ALA A 24 17.03 3.36 -12.19
N LEU A 25 16.28 2.38 -11.70
CA LEU A 25 14.99 2.65 -11.04
C LEU A 25 15.15 2.79 -9.52
N GLY A 26 16.38 3.02 -9.06
CA GLY A 26 16.63 3.20 -7.64
C GLY A 26 16.25 4.59 -7.14
N HIS A 27 15.14 4.70 -6.43
CA HIS A 27 14.68 5.98 -5.87
C HIS A 27 15.46 6.30 -4.58
N PRO A 28 15.68 7.61 -4.30
CA PRO A 28 16.47 8.05 -3.12
C PRO A 28 15.75 7.84 -1.76
N ARG A 29 15.22 6.63 -1.53
CA ARG A 29 14.59 6.26 -0.29
C ARG A 29 13.33 7.08 -0.02
N VAL A 30 12.23 6.55 -0.49
CA VAL A 30 10.91 7.18 -0.30
C VAL A 30 10.14 6.55 0.89
N TRP A 31 9.73 7.38 1.84
CA TRP A 31 8.97 6.91 3.01
C TRP A 31 7.48 7.28 2.89
N LEU A 32 6.62 6.28 2.74
CA LEU A 32 5.18 6.50 2.55
C LEU A 32 4.39 6.33 3.87
N GLN A 33 3.59 7.34 4.20
CA GLN A 33 2.70 7.31 5.37
C GLN A 33 1.25 7.07 4.95
N ILE A 34 0.74 5.88 5.23
CA ILE A 34 -0.66 5.55 4.95
C ILE A 34 -1.60 6.38 5.85
N PRO A 35 -2.51 7.18 5.25
CA PRO A 35 -3.48 7.97 6.02
C PRO A 35 -4.63 7.11 6.56
N GLU A 36 -4.59 6.81 7.86
CA GLU A 36 -5.62 6.00 8.53
C GLU A 36 -7.04 6.52 8.23
N ASP A 37 -7.14 7.82 7.91
CA ASP A 37 -8.41 8.43 7.50
C ASP A 37 -9.10 7.65 6.36
N THR A 38 -8.33 7.27 5.34
CA THR A 38 -8.87 6.53 4.19
C THR A 38 -8.48 5.05 4.23
N GLY A 39 -7.30 4.73 4.77
CA GLY A 39 -6.89 3.34 4.95
C GLY A 39 -5.87 2.83 3.93
N TRP A 40 -5.41 3.68 3.01
CA TRP A 40 -4.51 3.24 1.93
C TRP A 40 -3.66 4.42 1.38
N VAL A 41 -2.60 4.08 0.66
CA VAL A 41 -1.77 5.09 -0.02
C VAL A 41 -1.14 4.49 -1.29
N GLU A 42 -0.61 5.32 -2.17
CA GLU A 42 0.09 4.84 -3.36
C GLU A 42 1.30 5.70 -3.70
N CYS A 43 2.30 5.08 -4.32
CA CYS A 43 3.60 5.73 -4.57
C CYS A 43 3.52 6.83 -5.63
N PRO A 44 4.26 7.94 -5.44
CA PRO A 44 4.29 9.06 -6.41
C PRO A 44 4.98 8.68 -7.74
N TYR A 45 5.91 7.72 -7.70
CA TYR A 45 6.65 7.30 -8.90
C TYR A 45 6.00 6.08 -9.58
N CYS A 46 6.32 4.87 -9.09
CA CYS A 46 5.81 3.62 -9.69
C CYS A 46 6.07 2.40 -8.78
N ASP A 47 6.34 2.67 -7.51
CA ASP A 47 6.73 1.62 -6.56
C ASP A 47 5.59 0.63 -6.28
N CYS A 48 4.62 1.01 -5.43
CA CYS A 48 3.50 0.13 -5.05
C CYS A 48 2.30 0.88 -4.45
N LYS A 49 1.20 0.16 -4.26
CA LYS A 49 0.00 0.69 -3.59
C LYS A 49 -0.18 -0.02 -2.22
N TYR A 50 -0.18 0.76 -1.13
CA TYR A 50 -0.12 0.16 0.21
C TYR A 50 -1.46 0.30 0.96
N VAL A 51 -2.08 -0.83 1.24
CA VAL A 51 -3.33 -0.88 2.03
C VAL A 51 -3.04 -1.17 3.51
N LEU A 52 -3.73 -0.46 4.41
CA LEU A 52 -3.52 -0.63 5.86
C LEU A 52 -4.35 -1.80 6.41
N LYS A 53 -3.67 -2.90 6.69
CA LYS A 53 -4.30 -4.09 7.26
C LYS A 53 -4.90 -3.82 8.64
N GLY A 54 -6.17 -4.18 8.81
CA GLY A 54 -6.88 -3.93 10.06
C GLY A 54 -7.65 -2.61 10.06
N SER A 55 -7.50 -1.83 8.99
CA SER A 55 -8.22 -0.55 8.86
C SER A 55 -9.53 -0.71 8.05
N LYS A 56 -10.21 0.40 7.79
CA LYS A 56 -11.45 0.39 7.01
C LYS A 56 -11.21 -0.12 5.57
N ALA A 57 -9.95 -0.06 5.13
CA ALA A 57 -9.56 -0.56 3.81
C ALA A 57 -9.34 -2.08 3.80
N ASP A 58 -9.30 -2.69 4.99
CA ASP A 58 -9.14 -4.15 5.11
C ASP A 58 -10.44 -4.86 4.71
N ALA A 59 -10.70 -4.91 3.41
CA ALA A 59 -11.91 -5.55 2.88
C ALA A 59 -11.61 -6.35 1.60
N LEU A 60 -10.32 -6.59 1.34
CA LEU A 60 -9.90 -7.38 0.16
C LEU A 60 -10.12 -8.88 0.42
N GLU A 61 -11.40 -9.27 0.45
CA GLU A 61 -11.78 -10.66 0.70
C GLU A 61 -12.99 -11.06 -0.15
N HIS A 62 -12.72 -11.51 -1.39
CA HIS A 62 -13.79 -11.95 -2.29
C HIS A 62 -14.26 -13.37 -1.92
N HIS A 63 -13.48 -14.04 -1.07
CA HIS A 63 -13.82 -15.37 -0.58
C HIS A 63 -12.84 -15.79 0.54
N HIS A 64 -11.55 -15.59 0.29
CA HIS A 64 -10.50 -15.86 1.28
C HIS A 64 -9.93 -14.56 1.88
N HIS A 65 -9.96 -14.44 3.20
CA HIS A 65 -9.36 -13.29 3.89
C HIS A 65 -7.97 -13.66 4.44
N HIS A 66 -6.93 -13.04 3.92
CA HIS A 66 -5.55 -13.36 4.32
C HIS A 66 -4.59 -12.18 4.12
N HIS A 67 -3.32 -12.40 4.49
CA HIS A 67 -2.24 -11.45 4.20
C HIS A 67 -1.94 -11.41 2.68
N MET A 1 1.43 9.60 -18.83
CA MET A 1 0.25 9.80 -17.94
C MET A 1 0.06 8.61 -16.98
N THR A 2 0.02 7.39 -17.52
CA THR A 2 -0.13 6.18 -16.70
C THR A 2 1.21 5.69 -16.15
N ILE A 3 1.27 5.41 -14.85
CA ILE A 3 2.48 4.89 -14.22
C ILE A 3 2.69 3.40 -14.57
N GLN A 4 1.62 2.76 -15.03
CA GLN A 4 1.63 1.33 -15.41
C GLN A 4 1.80 0.40 -14.18
N ALA A 5 1.09 -0.72 -14.20
CA ALA A 5 1.18 -1.75 -13.17
C ALA A 5 0.77 -1.24 -11.77
N PRO A 6 -0.54 -1.05 -11.53
CA PRO A 6 -1.06 -0.60 -10.22
C PRO A 6 -1.10 -1.75 -9.19
N GLU A 7 0.07 -2.26 -8.82
CA GLU A 7 0.17 -3.36 -7.85
C GLU A 7 -0.29 -2.93 -6.44
N THR A 8 -0.74 -3.89 -5.64
CA THR A 8 -1.25 -3.62 -4.28
C THR A 8 -0.50 -4.45 -3.23
N LYS A 9 -0.24 -3.86 -2.05
CA LYS A 9 0.41 -4.59 -0.96
C LYS A 9 -0.25 -4.28 0.39
N ILE A 10 -0.65 -5.33 1.09
CA ILE A 10 -1.27 -5.19 2.41
C ILE A 10 -0.21 -5.26 3.53
N VAL A 11 0.03 -4.13 4.19
CA VAL A 11 1.05 -4.05 5.25
C VAL A 11 0.42 -4.03 6.65
N ASP A 12 1.23 -4.28 7.66
CA ASP A 12 0.75 -4.35 9.05
C ASP A 12 0.95 -3.02 9.80
N LYS A 13 1.91 -2.20 9.34
CA LYS A 13 2.22 -0.91 10.00
C LYS A 13 2.01 0.28 9.05
N SER A 14 1.68 1.44 9.62
CA SER A 14 1.28 2.63 8.83
C SER A 14 2.43 3.25 8.01
N ARG A 15 3.67 3.08 8.46
CA ARG A 15 4.82 3.67 7.74
C ARG A 15 5.56 2.62 6.88
N VAL A 16 5.61 2.85 5.58
CA VAL A 16 6.27 1.91 4.65
C VAL A 16 7.26 2.64 3.72
N ALA A 17 8.39 2.00 3.44
CA ALA A 17 9.40 2.57 2.52
C ALA A 17 9.18 2.10 1.08
N CYS A 18 8.87 3.03 0.19
CA CYS A 18 8.65 2.71 -1.23
C CYS A 18 9.97 2.55 -1.98
N ASP A 19 10.48 1.33 -2.04
CA ASP A 19 11.78 1.06 -2.65
C ASP A 19 11.73 1.25 -4.18
N GLY A 20 11.15 0.28 -4.90
CA GLY A 20 11.06 0.41 -6.36
C GLY A 20 10.80 -0.90 -7.09
N GLY A 21 11.16 -0.93 -8.37
CA GLY A 21 10.97 -2.12 -9.20
C GLY A 21 12.27 -2.87 -9.45
N GLU A 22 13.11 -2.31 -10.31
CA GLU A 22 14.44 -2.88 -10.61
C GLU A 22 15.54 -2.07 -9.90
N GLY A 23 16.75 -2.63 -9.84
CA GLY A 23 17.90 -1.96 -9.22
C GLY A 23 18.04 -0.48 -9.61
N ALA A 24 18.14 -0.21 -10.90
CA ALA A 24 18.29 1.16 -11.40
C ALA A 24 17.00 1.99 -11.24
N LEU A 25 15.87 1.29 -11.02
CA LEU A 25 14.57 1.94 -10.83
C LEU A 25 14.22 2.13 -9.35
N GLY A 26 15.21 1.93 -8.49
CA GLY A 26 15.00 2.08 -7.04
C GLY A 26 15.05 3.54 -6.57
N HIS A 27 14.22 3.87 -5.60
CA HIS A 27 14.10 5.24 -5.10
C HIS A 27 15.05 5.50 -3.92
N PRO A 28 15.58 6.73 -3.78
CA PRO A 28 16.53 7.07 -2.70
C PRO A 28 15.87 7.19 -1.31
N ARG A 29 15.29 6.08 -0.83
CA ARG A 29 14.70 6.00 0.48
C ARG A 29 13.58 7.02 0.70
N VAL A 30 12.39 6.60 0.32
CA VAL A 30 11.18 7.40 0.52
C VAL A 30 10.17 6.67 1.43
N TRP A 31 9.88 7.24 2.59
CA TRP A 31 8.96 6.63 3.56
C TRP A 31 7.54 7.22 3.43
N LEU A 32 6.61 6.42 2.93
CA LEU A 32 5.21 6.84 2.81
C LEU A 32 4.41 6.48 4.08
N GLN A 33 3.34 7.23 4.33
CA GLN A 33 2.47 6.99 5.49
C GLN A 33 1.02 6.73 5.05
N ILE A 34 0.44 5.65 5.55
CA ILE A 34 -0.95 5.31 5.26
C ILE A 34 -1.91 6.00 6.24
N PRO A 35 -2.80 6.88 5.77
CA PRO A 35 -3.78 7.55 6.62
C PRO A 35 -4.99 6.63 6.93
N GLU A 36 -5.25 6.41 8.21
CA GLU A 36 -6.35 5.51 8.63
C GLU A 36 -7.70 5.93 8.04
N ASP A 37 -7.83 7.21 7.69
CA ASP A 37 -9.05 7.74 7.09
C ASP A 37 -9.31 7.16 5.69
N THR A 38 -8.25 6.92 4.93
CA THR A 38 -8.37 6.35 3.58
C THR A 38 -8.25 4.82 3.64
N GLY A 39 -7.19 4.35 4.30
CA GLY A 39 -6.95 2.91 4.39
C GLY A 39 -5.83 2.43 3.47
N TRP A 40 -5.25 3.36 2.71
CA TRP A 40 -4.22 3.03 1.72
C TRP A 40 -3.42 4.27 1.31
N VAL A 41 -2.24 4.06 0.70
CA VAL A 41 -1.45 5.16 0.15
C VAL A 41 -0.79 4.73 -1.18
N GLU A 42 -0.73 5.64 -2.14
CA GLU A 42 -0.17 5.36 -3.46
C GLU A 42 1.26 5.89 -3.61
N CYS A 43 2.13 5.12 -4.28
CA CYS A 43 3.46 5.62 -4.65
C CYS A 43 3.45 6.11 -6.12
N PRO A 44 3.35 7.44 -6.35
CA PRO A 44 3.30 8.01 -7.71
C PRO A 44 4.61 7.82 -8.50
N TYR A 45 5.61 7.24 -7.84
CA TYR A 45 6.91 6.99 -8.47
C TYR A 45 6.86 5.68 -9.28
N CYS A 46 6.92 4.54 -8.57
CA CYS A 46 6.83 3.21 -9.19
C CYS A 46 7.07 2.10 -8.16
N ASP A 47 5.99 1.60 -7.56
CA ASP A 47 6.08 0.43 -6.66
C ASP A 47 4.71 -0.22 -6.48
N CYS A 48 3.88 0.30 -5.57
CA CYS A 48 2.56 -0.27 -5.28
C CYS A 48 1.61 0.72 -4.58
N LYS A 49 0.40 0.23 -4.34
CA LYS A 49 -0.58 0.90 -3.47
C LYS A 49 -0.61 0.18 -2.12
N TYR A 50 -0.18 0.85 -1.06
CA TYR A 50 -0.04 0.21 0.24
C TYR A 50 -1.35 0.23 1.04
N VAL A 51 -2.01 -0.93 1.13
CA VAL A 51 -3.21 -1.06 1.96
C VAL A 51 -2.84 -1.45 3.40
N LEU A 52 -3.44 -0.77 4.38
CA LEU A 52 -3.11 -0.98 5.79
C LEU A 52 -4.10 -1.90 6.50
N LYS A 53 -3.58 -2.89 7.23
CA LYS A 53 -4.41 -3.81 8.01
C LYS A 53 -5.07 -3.08 9.20
N GLY A 54 -6.32 -3.43 9.48
CA GLY A 54 -7.05 -2.81 10.59
C GLY A 54 -7.43 -1.35 10.33
N SER A 55 -7.27 -0.89 9.09
CA SER A 55 -7.58 0.49 8.72
C SER A 55 -8.99 0.59 8.09
N LYS A 56 -9.31 1.77 7.54
CA LYS A 56 -10.63 2.03 6.94
C LYS A 56 -11.00 0.97 5.89
N ALA A 57 -10.03 0.63 5.02
CA ALA A 57 -10.27 -0.31 3.91
C ALA A 57 -10.19 -1.78 4.34
N ASP A 58 -9.98 -2.04 5.64
CA ASP A 58 -9.86 -3.41 6.15
C ASP A 58 -11.24 -4.09 6.27
N ALA A 59 -12.26 -3.33 6.64
CA ALA A 59 -13.60 -3.87 6.82
C ALA A 59 -14.35 -4.02 5.48
N LEU A 60 -13.70 -4.66 4.51
CA LEU A 60 -14.29 -4.88 3.18
C LEU A 60 -15.32 -6.04 3.20
N GLU A 61 -16.26 -6.00 2.25
CA GLU A 61 -17.29 -7.04 2.12
C GLU A 61 -18.06 -7.26 3.44
N HIS A 62 -18.27 -6.18 4.19
CA HIS A 62 -18.97 -6.23 5.48
C HIS A 62 -20.51 -6.36 5.30
N HIS A 63 -20.94 -6.64 4.06
CA HIS A 63 -22.36 -6.87 3.75
C HIS A 63 -23.20 -5.57 3.95
N HIS A 64 -22.53 -4.43 3.98
CA HIS A 64 -23.20 -3.13 4.18
C HIS A 64 -23.42 -2.41 2.84
N HIS A 65 -24.68 -2.07 2.54
CA HIS A 65 -25.03 -1.37 1.29
C HIS A 65 -24.70 0.13 1.35
N HIS A 66 -24.84 0.79 0.20
CA HIS A 66 -24.61 2.23 0.08
C HIS A 66 -25.53 2.84 -1.00
N HIS A 67 -26.59 2.11 -1.34
CA HIS A 67 -27.53 2.53 -2.40
C HIS A 67 -28.78 3.18 -1.78
N MET A 1 -10.03 -18.11 -10.34
CA MET A 1 -8.62 -17.68 -10.57
C MET A 1 -8.47 -16.15 -10.53
N THR A 2 -7.42 -15.67 -9.86
CA THR A 2 -7.14 -14.24 -9.79
C THR A 2 -6.61 -13.69 -11.11
N ILE A 3 -6.68 -12.37 -11.28
CA ILE A 3 -6.16 -11.69 -12.47
C ILE A 3 -4.61 -11.69 -12.47
N GLN A 4 -4.05 -12.11 -11.33
CA GLN A 4 -2.59 -12.26 -11.16
C GLN A 4 -1.85 -10.91 -11.10
N ALA A 5 -2.61 -9.81 -11.00
CA ALA A 5 -2.00 -8.48 -10.90
C ALA A 5 -2.57 -7.70 -9.69
N PRO A 6 -2.13 -8.06 -8.47
CA PRO A 6 -2.55 -7.38 -7.24
C PRO A 6 -1.53 -6.32 -6.77
N GLU A 7 -1.76 -5.06 -7.16
CA GLU A 7 -0.88 -3.96 -6.73
C GLU A 7 -1.29 -3.42 -5.36
N THR A 8 -2.23 -4.09 -4.74
CA THR A 8 -2.71 -3.73 -3.39
C THR A 8 -1.89 -4.47 -2.33
N LYS A 9 -1.10 -3.72 -1.58
CA LYS A 9 -0.14 -4.29 -0.63
C LYS A 9 -0.68 -4.23 0.81
N ILE A 10 -1.03 -5.38 1.37
CA ILE A 10 -1.56 -5.44 2.74
C ILE A 10 -0.41 -5.35 3.76
N VAL A 11 -0.12 -4.14 4.24
CA VAL A 11 1.00 -3.88 5.15
C VAL A 11 0.53 -3.84 6.62
N ASP A 12 1.47 -4.10 7.54
CA ASP A 12 1.18 -4.11 8.98
C ASP A 12 1.52 -2.75 9.64
N LYS A 13 2.09 -1.83 8.89
CA LYS A 13 2.53 -0.53 9.42
C LYS A 13 2.17 0.62 8.47
N SER A 14 1.99 1.82 9.03
CA SER A 14 1.70 3.02 8.23
C SER A 14 2.96 3.58 7.57
N ARG A 15 4.06 3.57 8.33
CA ARG A 15 5.37 3.99 7.82
C ARG A 15 5.98 2.93 6.90
N VAL A 16 5.76 3.08 5.59
CA VAL A 16 6.24 2.12 4.61
C VAL A 16 7.35 2.71 3.74
N ALA A 17 8.39 1.92 3.47
CA ALA A 17 9.52 2.37 2.66
C ALA A 17 9.40 1.91 1.20
N CYS A 18 9.33 2.86 0.28
CA CYS A 18 9.32 2.55 -1.15
C CYS A 18 10.66 1.96 -1.60
N ASP A 19 10.62 0.78 -2.21
CA ASP A 19 11.82 0.12 -2.72
C ASP A 19 11.99 0.37 -4.22
N GLY A 20 11.17 -0.30 -5.03
CA GLY A 20 11.22 -0.09 -6.48
C GLY A 20 10.58 -1.24 -7.26
N GLY A 21 10.62 -1.14 -8.60
CA GLY A 21 10.21 -2.25 -9.44
C GLY A 21 11.37 -3.17 -9.77
N GLU A 22 12.01 -2.92 -10.92
CA GLU A 22 13.30 -3.56 -11.23
C GLU A 22 14.45 -2.74 -10.66
N GLY A 23 15.65 -3.31 -10.60
CA GLY A 23 16.83 -2.54 -10.22
C GLY A 23 16.90 -1.17 -10.90
N ALA A 24 16.77 -1.17 -12.23
CA ALA A 24 16.77 0.07 -13.03
C ALA A 24 15.58 1.00 -12.69
N LEU A 25 14.58 0.45 -12.00
CA LEU A 25 13.42 1.22 -11.54
C LEU A 25 13.43 1.33 -10.00
N GLY A 26 14.60 1.10 -9.42
CA GLY A 26 14.73 1.11 -7.96
C GLY A 26 14.74 2.52 -7.36
N HIS A 27 13.80 2.77 -6.44
CA HIS A 27 13.70 4.06 -5.76
C HIS A 27 14.50 4.01 -4.44
N PRO A 28 15.50 4.89 -4.27
CA PRO A 28 16.49 4.79 -3.17
C PRO A 28 15.96 5.17 -1.77
N ARG A 29 14.86 4.56 -1.35
CA ARG A 29 14.36 4.64 0.01
C ARG A 29 13.69 6.00 0.27
N VAL A 30 12.38 5.96 0.19
CA VAL A 30 11.51 7.07 0.63
C VAL A 30 10.35 6.54 1.46
N TRP A 31 9.96 7.25 2.51
CA TRP A 31 8.99 6.73 3.49
C TRP A 31 7.62 7.43 3.37
N LEU A 32 6.58 6.62 3.17
CA LEU A 32 5.21 7.12 3.08
C LEU A 32 4.44 6.83 4.38
N GLN A 33 3.37 7.58 4.62
CA GLN A 33 2.56 7.41 5.85
C GLN A 33 1.09 7.14 5.51
N ILE A 34 0.65 5.91 5.76
CA ILE A 34 -0.74 5.50 5.53
C ILE A 34 -1.70 6.16 6.54
N PRO A 35 -2.61 7.03 6.08
CA PRO A 35 -3.58 7.71 6.96
C PRO A 35 -4.77 6.81 7.32
N GLU A 36 -5.29 6.97 8.54
CA GLU A 36 -6.45 6.18 9.01
C GLU A 36 -7.70 6.48 8.17
N ASP A 37 -7.75 7.71 7.65
CA ASP A 37 -8.88 8.18 6.84
C ASP A 37 -9.11 7.31 5.59
N THR A 38 -8.04 7.07 4.84
CA THR A 38 -8.11 6.29 3.60
C THR A 38 -7.88 4.80 3.88
N GLY A 39 -6.81 4.50 4.61
CA GLY A 39 -6.44 3.12 4.87
C GLY A 39 -5.34 2.63 3.94
N TRP A 40 -4.88 3.51 3.05
CA TRP A 40 -3.88 3.16 2.03
C TRP A 40 -3.09 4.38 1.54
N VAL A 41 -1.97 4.13 0.88
CA VAL A 41 -1.18 5.20 0.25
C VAL A 41 -0.57 4.72 -1.08
N GLU A 42 -0.62 5.56 -2.11
CA GLU A 42 -0.13 5.18 -3.44
C GLU A 42 1.29 5.71 -3.70
N CYS A 43 2.07 4.97 -4.49
CA CYS A 43 3.37 5.45 -4.98
C CYS A 43 3.25 5.99 -6.41
N PRO A 44 3.55 7.29 -6.62
CA PRO A 44 3.34 7.96 -7.91
C PRO A 44 4.35 7.54 -9.01
N TYR A 45 4.96 6.37 -8.86
CA TYR A 45 5.88 5.84 -9.87
C TYR A 45 5.33 4.56 -10.53
N CYS A 46 5.63 3.41 -9.94
CA CYS A 46 5.21 2.10 -10.50
C CYS A 46 5.25 1.00 -9.44
N ASP A 47 5.24 1.40 -8.17
CA ASP A 47 5.41 0.47 -7.05
C ASP A 47 4.10 -0.25 -6.69
N CYS A 48 3.34 0.29 -5.72
CA CYS A 48 2.11 -0.36 -5.25
C CYS A 48 1.19 0.62 -4.50
N LYS A 49 -0.01 0.14 -4.16
CA LYS A 49 -0.91 0.84 -3.25
C LYS A 49 -0.83 0.19 -1.86
N TYR A 50 -0.17 0.84 -0.91
CA TYR A 50 0.07 0.25 0.40
C TYR A 50 -1.14 0.39 1.32
N VAL A 51 -1.87 -0.70 1.49
CA VAL A 51 -3.06 -0.72 2.37
C VAL A 51 -2.71 -1.23 3.79
N LEU A 52 -3.01 -0.43 4.79
CA LEU A 52 -2.79 -0.81 6.20
C LEU A 52 -3.89 -1.76 6.69
N LYS A 53 -3.51 -2.97 7.10
CA LYS A 53 -4.48 -3.97 7.56
C LYS A 53 -5.20 -3.53 8.84
N GLY A 54 -6.48 -3.91 8.97
CA GLY A 54 -7.29 -3.47 10.10
C GLY A 54 -7.93 -2.11 9.86
N SER A 55 -7.98 -1.69 8.60
CA SER A 55 -8.56 -0.40 8.22
C SER A 55 -9.75 -0.59 7.28
N LYS A 56 -10.48 0.49 6.98
CA LYS A 56 -11.66 0.42 6.12
C LYS A 56 -11.35 -0.19 4.73
N ALA A 57 -10.11 0.00 4.26
CA ALA A 57 -9.68 -0.55 2.97
C ALA A 57 -9.41 -2.06 3.04
N ASP A 58 -9.05 -2.55 4.23
CA ASP A 58 -8.77 -3.98 4.43
C ASP A 58 -10.08 -4.78 4.54
N ALA A 59 -10.76 -4.92 3.40
CA ALA A 59 -12.03 -5.65 3.34
C ALA A 59 -12.31 -6.27 1.95
N LEU A 60 -11.62 -5.79 0.91
CA LEU A 60 -11.84 -6.29 -0.46
C LEU A 60 -11.55 -7.79 -0.57
N GLU A 61 -10.27 -8.17 -0.55
CA GLU A 61 -9.88 -9.58 -0.69
C GLU A 61 -9.64 -10.23 0.69
N HIS A 62 -10.45 -11.23 1.03
CA HIS A 62 -10.33 -11.93 2.32
C HIS A 62 -11.17 -13.22 2.35
N HIS A 63 -10.57 -14.30 2.83
CA HIS A 63 -11.28 -15.58 3.02
C HIS A 63 -10.89 -16.24 4.34
N HIS A 64 -11.45 -17.42 4.63
CA HIS A 64 -11.24 -18.10 5.91
C HIS A 64 -9.75 -18.22 6.27
N HIS A 65 -9.34 -17.45 7.27
CA HIS A 65 -7.97 -17.46 7.79
C HIS A 65 -6.95 -16.97 6.74
N HIS A 66 -6.43 -17.92 5.93
CA HIS A 66 -5.42 -17.58 4.90
C HIS A 66 -5.52 -18.49 3.66
N HIS A 67 -5.85 -19.77 3.87
CA HIS A 67 -5.88 -20.77 2.78
C HIS A 67 -6.68 -20.29 1.54
N MET A 1 -13.40 -8.20 -18.59
CA MET A 1 -12.65 -8.58 -17.37
C MET A 1 -12.53 -7.42 -16.38
N THR A 2 -11.81 -7.64 -15.28
CA THR A 2 -11.47 -6.57 -14.33
C THR A 2 -10.18 -5.87 -14.76
N ILE A 3 -9.75 -4.87 -14.00
CA ILE A 3 -8.42 -4.28 -14.19
C ILE A 3 -7.34 -5.30 -13.77
N GLN A 4 -7.74 -6.23 -12.90
CA GLN A 4 -6.92 -7.36 -12.47
C GLN A 4 -5.63 -6.94 -11.74
N ALA A 5 -5.42 -5.63 -11.55
CA ALA A 5 -4.19 -5.11 -10.93
C ALA A 5 -3.95 -5.65 -9.51
N PRO A 6 -2.98 -6.56 -9.34
CA PRO A 6 -2.65 -7.15 -8.03
C PRO A 6 -1.56 -6.38 -7.27
N GLU A 7 -1.51 -5.08 -7.49
CA GLU A 7 -0.47 -4.22 -6.89
C GLU A 7 -0.94 -3.58 -5.57
N THR A 8 -1.89 -4.24 -4.92
CA THR A 8 -2.36 -3.83 -3.58
C THR A 8 -1.51 -4.50 -2.49
N LYS A 9 -0.84 -3.70 -1.68
CA LYS A 9 0.11 -4.20 -0.69
C LYS A 9 -0.43 -4.05 0.75
N ILE A 10 -0.84 -5.15 1.36
CA ILE A 10 -1.37 -5.12 2.72
C ILE A 10 -0.25 -5.21 3.77
N VAL A 11 0.09 -4.06 4.35
CA VAL A 11 1.16 -3.98 5.37
C VAL A 11 0.56 -3.83 6.78
N ASP A 12 1.37 -4.09 7.81
CA ASP A 12 0.91 -4.01 9.19
C ASP A 12 1.20 -2.63 9.81
N LYS A 13 2.29 -2.01 9.39
CA LYS A 13 2.69 -0.69 9.91
C LYS A 13 2.48 0.42 8.86
N SER A 14 2.07 1.61 9.32
CA SER A 14 1.74 2.74 8.43
C SER A 14 2.96 3.22 7.63
N ARG A 15 4.15 3.22 8.25
CA ARG A 15 5.37 3.65 7.56
C ARG A 15 5.86 2.59 6.56
N VAL A 16 5.67 2.87 5.27
CA VAL A 16 6.14 2.00 4.21
C VAL A 16 7.43 2.55 3.58
N ALA A 17 8.56 1.92 3.88
CA ALA A 17 9.85 2.33 3.34
C ALA A 17 10.05 1.78 1.92
N CYS A 18 9.84 2.63 0.91
CA CYS A 18 9.97 2.23 -0.49
C CYS A 18 11.34 2.58 -1.08
N ASP A 19 12.20 1.57 -1.23
CA ASP A 19 13.49 1.74 -1.93
C ASP A 19 13.26 1.76 -3.46
N GLY A 20 12.68 0.68 -3.98
CA GLY A 20 12.36 0.62 -5.40
C GLY A 20 12.11 -0.81 -5.88
N GLY A 21 11.65 -0.93 -7.13
CA GLY A 21 11.46 -2.23 -7.74
C GLY A 21 12.53 -2.53 -8.78
N GLU A 22 12.35 -1.98 -9.97
CA GLU A 22 13.37 -2.04 -11.03
C GLU A 22 14.14 -0.70 -11.08
N GLY A 23 15.24 -0.68 -11.85
CA GLY A 23 16.03 0.54 -12.00
C GLY A 23 15.20 1.80 -12.23
N ALA A 24 14.23 1.73 -13.15
CA ALA A 24 13.37 2.88 -13.48
C ALA A 24 12.51 3.35 -12.28
N LEU A 25 12.26 2.43 -11.35
CA LEU A 25 11.44 2.74 -10.15
C LEU A 25 12.31 2.84 -8.89
N GLY A 26 13.62 2.99 -9.07
CA GLY A 26 14.52 3.11 -7.94
C GLY A 26 14.64 4.53 -7.41
N HIS A 27 14.66 4.69 -6.09
CA HIS A 27 14.77 6.02 -5.44
C HIS A 27 15.38 5.90 -4.03
N PRO A 28 16.06 6.96 -3.55
CA PRO A 28 16.77 6.95 -2.25
C PRO A 28 16.04 6.20 -1.12
N ARG A 29 14.90 6.73 -0.68
CA ARG A 29 14.14 6.16 0.40
C ARG A 29 12.86 6.96 0.63
N VAL A 30 11.82 6.53 -0.04
CA VAL A 30 10.50 7.17 0.05
C VAL A 30 9.62 6.48 1.10
N TRP A 31 9.45 7.13 2.25
CA TRP A 31 8.62 6.61 3.33
C TRP A 31 7.17 7.13 3.23
N LEU A 32 6.24 6.23 2.91
CA LEU A 32 4.82 6.59 2.83
C LEU A 32 4.11 6.38 4.17
N GLN A 33 3.32 7.37 4.60
CA GLN A 33 2.56 7.28 5.84
C GLN A 33 1.08 7.02 5.53
N ILE A 34 0.60 5.81 5.78
CA ILE A 34 -0.79 5.45 5.52
C ILE A 34 -1.76 6.27 6.39
N PRO A 35 -2.62 7.09 5.77
CA PRO A 35 -3.60 7.92 6.50
C PRO A 35 -4.84 7.14 6.94
N GLU A 36 -5.17 7.23 8.23
CA GLU A 36 -6.35 6.54 8.79
C GLU A 36 -7.65 7.03 8.14
N ASP A 37 -7.60 8.23 7.56
CA ASP A 37 -8.74 8.83 6.86
C ASP A 37 -9.14 8.01 5.62
N THR A 38 -8.15 7.43 4.93
CA THR A 38 -8.41 6.64 3.72
C THR A 38 -8.26 5.13 3.98
N GLY A 39 -7.12 4.75 4.55
CA GLY A 39 -6.82 3.34 4.79
C GLY A 39 -5.76 2.78 3.83
N TRP A 40 -5.27 3.65 2.95
CA TRP A 40 -4.27 3.26 1.94
C TRP A 40 -3.44 4.47 1.47
N VAL A 41 -2.30 4.20 0.85
CA VAL A 41 -1.49 5.24 0.21
C VAL A 41 -0.69 4.66 -0.96
N GLU A 42 -0.79 5.26 -2.14
CA GLU A 42 -0.07 4.78 -3.32
C GLU A 42 1.20 5.60 -3.59
N CYS A 43 2.21 4.97 -4.17
CA CYS A 43 3.49 5.62 -4.44
C CYS A 43 3.58 6.14 -5.87
N PRO A 44 3.50 7.47 -6.08
CA PRO A 44 3.64 8.07 -7.43
C PRO A 44 4.98 7.73 -8.11
N TYR A 45 5.93 7.22 -7.33
CA TYR A 45 7.27 6.89 -7.84
C TYR A 45 7.46 5.36 -7.99
N CYS A 46 6.43 4.59 -7.64
CA CYS A 46 6.50 3.11 -7.74
C CYS A 46 5.16 2.49 -8.16
N ASP A 47 4.14 3.34 -8.34
CA ASP A 47 2.79 2.92 -8.78
C ASP A 47 2.00 2.12 -7.72
N CYS A 48 2.66 1.22 -7.01
CA CYS A 48 1.97 0.28 -6.10
C CYS A 48 1.17 1.01 -4.99
N LYS A 49 0.04 0.42 -4.60
CA LYS A 49 -0.84 0.99 -3.58
C LYS A 49 -0.75 0.22 -2.26
N TYR A 50 -0.42 0.90 -1.18
CA TYR A 50 -0.20 0.24 0.12
C TYR A 50 -1.43 0.38 1.05
N VAL A 51 -2.06 -0.75 1.35
CA VAL A 51 -3.20 -0.79 2.28
C VAL A 51 -2.76 -1.24 3.69
N LEU A 52 -3.40 -0.68 4.72
CA LEU A 52 -3.09 -1.02 6.11
C LEU A 52 -4.00 -2.14 6.66
N LYS A 53 -3.40 -3.21 7.17
CA LYS A 53 -4.15 -4.33 7.74
C LYS A 53 -4.98 -3.88 8.96
N GLY A 54 -6.29 -4.11 8.89
CA GLY A 54 -7.18 -3.70 9.97
C GLY A 54 -7.74 -2.30 9.80
N SER A 55 -7.49 -1.69 8.64
CA SER A 55 -8.00 -0.34 8.34
C SER A 55 -9.24 -0.40 7.44
N LYS A 56 -9.71 0.78 7.00
CA LYS A 56 -10.94 0.90 6.20
C LYS A 56 -10.94 0.02 4.95
N ALA A 57 -9.77 -0.15 4.32
CA ALA A 57 -9.67 -0.91 3.06
C ALA A 57 -9.32 -2.39 3.29
N ASP A 58 -9.29 -2.83 4.54
CA ASP A 58 -8.92 -4.23 4.86
C ASP A 58 -10.10 -4.97 5.54
N ALA A 59 -9.82 -5.75 6.60
CA ALA A 59 -10.83 -6.61 7.25
C ALA A 59 -11.32 -7.71 6.30
N LEU A 60 -10.55 -7.96 5.24
CA LEU A 60 -10.92 -8.96 4.22
C LEU A 60 -10.38 -10.37 4.56
N GLU A 61 -9.86 -10.53 5.78
CA GLU A 61 -9.29 -11.81 6.21
C GLU A 61 -10.36 -12.91 6.30
N HIS A 62 -10.55 -13.63 5.19
CA HIS A 62 -11.46 -14.79 5.15
C HIS A 62 -10.69 -16.10 5.32
N HIS A 63 -9.45 -16.12 4.83
CA HIS A 63 -8.53 -17.27 5.03
C HIS A 63 -7.14 -16.96 4.45
N HIS A 64 -7.09 -16.22 3.35
CA HIS A 64 -5.81 -15.78 2.76
C HIS A 64 -5.05 -14.85 3.74
N HIS A 65 -4.19 -15.44 4.56
CA HIS A 65 -3.43 -14.67 5.55
C HIS A 65 -2.36 -15.55 6.22
N HIS A 66 -2.59 -16.86 6.23
CA HIS A 66 -1.65 -17.82 6.83
C HIS A 66 -1.72 -19.18 6.13
N HIS A 67 -0.59 -19.91 6.11
CA HIS A 67 -0.51 -21.26 5.54
C HIS A 67 -0.71 -21.27 4.01
N MET A 1 4.51 -5.36 -19.78
CA MET A 1 3.13 -5.92 -19.83
C MET A 1 2.74 -6.55 -18.47
N THR A 2 2.19 -5.72 -17.58
CA THR A 2 1.89 -6.14 -16.19
C THR A 2 0.39 -6.32 -15.95
N ILE A 3 -0.42 -6.04 -16.97
CA ILE A 3 -1.87 -5.85 -16.81
C ILE A 3 -2.21 -5.13 -15.50
N GLN A 4 -1.87 -3.84 -15.46
CA GLN A 4 -2.02 -3.00 -14.27
C GLN A 4 -3.40 -3.18 -13.60
N ALA A 5 -3.39 -3.88 -12.45
CA ALA A 5 -4.63 -4.21 -11.73
C ALA A 5 -4.35 -4.69 -10.28
N PRO A 6 -3.50 -5.73 -10.08
CA PRO A 6 -3.18 -6.25 -8.73
C PRO A 6 -2.13 -5.41 -7.99
N GLU A 7 -2.17 -4.09 -8.18
CA GLU A 7 -1.15 -3.19 -7.63
C GLU A 7 -1.53 -2.66 -6.23
N THR A 8 -2.25 -3.48 -5.48
CA THR A 8 -2.64 -3.13 -4.09
C THR A 8 -2.12 -4.19 -3.11
N LYS A 9 -1.56 -3.74 -1.99
CA LYS A 9 -0.90 -4.64 -1.03
C LYS A 9 -1.26 -4.27 0.42
N ILE A 10 -1.53 -5.26 1.24
CA ILE A 10 -1.91 -5.03 2.64
C ILE A 10 -0.71 -5.16 3.59
N VAL A 11 -0.23 -4.03 4.11
CA VAL A 11 0.89 -4.01 5.05
C VAL A 11 0.39 -3.85 6.50
N ASP A 12 1.17 -4.29 7.47
CA ASP A 12 0.76 -4.28 8.88
C ASP A 12 1.13 -2.97 9.59
N LYS A 13 1.90 -2.11 8.91
CA LYS A 13 2.38 -0.86 9.52
C LYS A 13 2.12 0.35 8.60
N SER A 14 1.96 1.52 9.21
CA SER A 14 1.60 2.75 8.47
C SER A 14 2.80 3.46 7.83
N ARG A 15 3.97 2.82 7.84
CA ARG A 15 5.19 3.43 7.28
C ARG A 15 5.88 2.50 6.27
N VAL A 16 5.96 2.96 5.03
CA VAL A 16 6.56 2.17 3.93
C VAL A 16 7.56 3.02 3.12
N ALA A 17 8.56 2.37 2.51
CA ALA A 17 9.58 3.07 1.71
C ALA A 17 9.09 3.38 0.28
N CYS A 18 9.67 4.43 -0.32
CA CYS A 18 9.23 4.93 -1.65
C CYS A 18 10.44 5.25 -2.56
N ASP A 19 10.15 5.95 -3.66
CA ASP A 19 11.19 6.38 -4.64
C ASP A 19 11.89 5.19 -5.30
N GLY A 20 11.29 4.67 -6.36
CA GLY A 20 11.88 3.56 -7.11
C GLY A 20 10.85 2.81 -7.95
N GLY A 21 11.31 2.06 -8.96
CA GLY A 21 10.38 1.27 -9.77
C GLY A 21 10.96 0.71 -11.06
N GLU A 22 12.23 0.31 -11.04
CA GLU A 22 12.85 -0.37 -12.19
C GLU A 22 14.08 -1.18 -11.76
N GLY A 23 14.30 -2.32 -12.42
CA GLY A 23 15.36 -3.25 -12.03
C GLY A 23 15.50 -3.45 -10.51
N ALA A 24 16.42 -2.71 -9.88
CA ALA A 24 16.68 -2.84 -8.44
C ALA A 24 15.63 -2.10 -7.59
N LEU A 25 14.64 -1.52 -8.26
CA LEU A 25 13.53 -0.81 -7.61
C LEU A 25 13.99 0.45 -6.86
N GLY A 26 15.23 0.88 -7.11
CA GLY A 26 15.76 2.10 -6.48
C GLY A 26 15.70 2.09 -4.95
N HIS A 27 14.95 3.04 -4.38
CA HIS A 27 14.71 3.13 -2.93
C HIS A 27 16.00 3.48 -2.15
N PRO A 28 16.34 4.77 -2.07
CA PRO A 28 17.45 5.24 -1.21
C PRO A 28 17.06 5.24 0.27
N ARG A 29 16.06 6.05 0.62
CA ARG A 29 15.40 6.02 1.93
C ARG A 29 14.35 7.13 2.02
N VAL A 30 13.17 6.81 1.51
CA VAL A 30 12.04 7.74 1.47
C VAL A 30 10.80 7.06 2.07
N TRP A 31 10.10 7.76 2.96
CA TRP A 31 8.99 7.14 3.72
C TRP A 31 7.63 7.79 3.40
N LEU A 32 6.62 6.94 3.21
CA LEU A 32 5.22 7.39 3.07
C LEU A 32 4.38 6.93 4.26
N GLN A 33 3.43 7.75 4.67
CA GLN A 33 2.56 7.46 5.81
C GLN A 33 1.15 7.02 5.34
N ILE A 34 0.76 5.81 5.70
CA ILE A 34 -0.58 5.30 5.36
C ILE A 34 -1.65 5.94 6.26
N PRO A 35 -2.57 6.74 5.67
CA PRO A 35 -3.66 7.39 6.42
C PRO A 35 -4.81 6.41 6.74
N GLU A 36 -5.26 6.38 7.99
CA GLU A 36 -6.36 5.49 8.40
C GLU A 36 -7.72 6.03 7.94
N ASP A 37 -7.72 7.26 7.41
CA ASP A 37 -8.91 7.84 6.79
C ASP A 37 -9.27 7.11 5.48
N THR A 38 -8.29 7.06 4.56
CA THR A 38 -8.46 6.35 3.28
C THR A 38 -8.25 4.85 3.45
N GLY A 39 -7.23 4.48 4.21
CA GLY A 39 -6.88 3.08 4.43
C GLY A 39 -5.68 2.64 3.60
N TRP A 40 -5.12 3.55 2.81
CA TRP A 40 -4.00 3.21 1.91
C TRP A 40 -3.21 4.45 1.44
N VAL A 41 -1.99 4.20 0.96
CA VAL A 41 -1.19 5.23 0.27
C VAL A 41 -0.34 4.57 -0.82
N GLU A 42 -0.31 5.14 -2.01
CA GLU A 42 0.38 4.49 -3.14
C GLU A 42 1.64 5.25 -3.58
N CYS A 43 2.69 4.50 -3.92
CA CYS A 43 3.94 5.07 -4.39
C CYS A 43 3.83 5.58 -5.84
N PRO A 44 3.92 6.91 -6.06
CA PRO A 44 3.79 7.50 -7.41
C PRO A 44 4.83 6.96 -8.42
N TYR A 45 5.86 6.29 -7.91
CA TYR A 45 6.94 5.77 -8.74
C TYR A 45 6.62 4.37 -9.28
N CYS A 46 6.22 3.45 -8.39
CA CYS A 46 5.93 2.06 -8.78
C CYS A 46 4.41 1.77 -8.85
N ASP A 47 3.60 2.77 -8.48
CA ASP A 47 2.14 2.66 -8.49
C ASP A 47 1.62 1.63 -7.47
N CYS A 48 2.50 1.17 -6.59
CA CYS A 48 2.14 0.19 -5.56
C CYS A 48 1.31 0.84 -4.44
N LYS A 49 0.07 0.37 -4.29
CA LYS A 49 -0.88 0.92 -3.31
C LYS A 49 -0.79 0.14 -1.98
N TYR A 50 -0.33 0.81 -0.93
CA TYR A 50 -0.12 0.14 0.37
C TYR A 50 -1.30 0.36 1.32
N VAL A 51 -2.13 -0.67 1.47
CA VAL A 51 -3.25 -0.65 2.42
C VAL A 51 -2.79 -1.02 3.84
N LEU A 52 -3.38 -0.37 4.84
CA LEU A 52 -3.06 -0.66 6.25
C LEU A 52 -3.96 -1.76 6.83
N LYS A 53 -3.35 -2.81 7.37
CA LYS A 53 -4.09 -3.88 8.05
C LYS A 53 -4.64 -3.35 9.38
N GLY A 54 -5.96 -3.44 9.55
CA GLY A 54 -6.63 -2.82 10.70
C GLY A 54 -7.21 -1.45 10.34
N SER A 55 -8.01 -1.40 9.28
CA SER A 55 -8.56 -0.14 8.78
C SER A 55 -9.86 -0.36 7.98
N LYS A 56 -10.42 0.72 7.48
CA LYS A 56 -11.65 0.71 6.68
C LYS A 56 -11.44 0.01 5.31
N ALA A 57 -10.19 -0.18 4.91
CA ALA A 57 -9.86 -0.90 3.67
C ALA A 57 -9.46 -2.36 3.94
N ASP A 58 -9.52 -2.75 5.21
CA ASP A 58 -9.11 -4.09 5.64
C ASP A 58 -10.30 -4.83 6.30
N ALA A 59 -10.09 -6.10 6.68
CA ALA A 59 -11.12 -6.94 7.31
C ALA A 59 -12.21 -7.30 6.30
N LEU A 60 -11.99 -8.37 5.55
CA LEU A 60 -12.90 -8.77 4.48
C LEU A 60 -14.03 -9.67 5.01
N GLU A 61 -15.07 -9.05 5.56
CA GLU A 61 -16.24 -9.77 6.09
C GLU A 61 -16.97 -10.57 4.99
N HIS A 62 -16.57 -10.33 3.74
CA HIS A 62 -17.14 -11.02 2.58
C HIS A 62 -16.22 -12.16 2.09
N HIS A 63 -15.35 -12.65 3.00
CA HIS A 63 -14.49 -13.81 2.70
C HIS A 63 -14.39 -14.75 3.91
N HIS A 64 -14.29 -16.06 3.62
CA HIS A 64 -14.06 -17.09 4.63
C HIS A 64 -15.22 -17.18 5.66
N HIS A 65 -15.27 -16.24 6.60
CA HIS A 65 -16.31 -16.20 7.63
C HIS A 65 -16.22 -14.91 8.45
N HIS A 66 -17.35 -14.25 8.66
CA HIS A 66 -17.40 -13.00 9.43
C HIS A 66 -18.04 -13.22 10.81
N HIS A 67 -17.75 -12.30 11.74
CA HIS A 67 -18.32 -12.34 13.09
C HIS A 67 -19.82 -11.90 13.09
N MET A 1 -7.87 -1.85 -23.08
CA MET A 1 -6.83 -2.89 -23.32
C MET A 1 -6.19 -3.34 -21.99
N THR A 2 -5.63 -2.39 -21.23
CA THR A 2 -4.93 -2.68 -19.98
C THR A 2 -5.88 -3.19 -18.87
N ILE A 3 -5.40 -4.13 -18.06
CA ILE A 3 -6.16 -4.67 -16.94
C ILE A 3 -5.87 -3.91 -15.63
N GLN A 4 -4.98 -2.91 -15.73
CA GLN A 4 -4.54 -2.10 -14.60
C GLN A 4 -3.65 -2.89 -13.63
N ALA A 5 -4.25 -3.84 -12.91
CA ALA A 5 -3.55 -4.63 -11.90
C ALA A 5 -2.86 -3.74 -10.84
N PRO A 6 -3.65 -2.95 -10.09
CA PRO A 6 -3.11 -2.05 -9.06
C PRO A 6 -2.53 -2.83 -7.87
N GLU A 7 -1.22 -3.06 -7.91
CA GLU A 7 -0.49 -3.76 -6.83
C GLU A 7 -0.96 -3.32 -5.43
N THR A 8 -1.72 -4.20 -4.77
CA THR A 8 -2.25 -3.93 -3.44
C THR A 8 -1.39 -4.62 -2.36
N LYS A 9 -0.62 -3.82 -1.63
CA LYS A 9 0.32 -4.35 -0.63
C LYS A 9 -0.24 -4.19 0.77
N ILE A 10 -0.90 -5.23 1.25
CA ILE A 10 -1.53 -5.22 2.56
C ILE A 10 -0.49 -5.44 3.67
N VAL A 11 -0.06 -4.35 4.30
CA VAL A 11 1.01 -4.38 5.29
C VAL A 11 0.48 -4.22 6.73
N ASP A 12 1.27 -4.62 7.71
CA ASP A 12 0.88 -4.47 9.13
C ASP A 12 1.37 -3.14 9.71
N LYS A 13 2.03 -2.33 8.88
CA LYS A 13 2.62 -1.05 9.34
C LYS A 13 1.96 0.15 8.67
N SER A 14 1.98 1.30 9.35
CA SER A 14 1.45 2.54 8.79
C SER A 14 2.53 3.30 7.99
N ARG A 15 3.79 3.04 8.30
CA ARG A 15 4.91 3.70 7.62
C ARG A 15 5.74 2.70 6.80
N VAL A 16 5.73 2.87 5.49
CA VAL A 16 6.42 1.96 4.56
C VAL A 16 7.41 2.72 3.66
N ALA A 17 8.60 2.14 3.45
CA ALA A 17 9.62 2.74 2.58
C ALA A 17 9.31 2.51 1.10
N CYS A 18 8.79 3.53 0.44
CA CYS A 18 8.49 3.46 -0.99
C CYS A 18 9.76 3.64 -1.84
N ASP A 19 9.61 3.46 -3.15
CA ASP A 19 10.72 3.48 -4.09
C ASP A 19 10.74 4.74 -4.97
N GLY A 20 9.73 5.60 -4.85
CA GLY A 20 9.66 6.77 -5.72
C GLY A 20 9.57 8.10 -4.95
N GLY A 21 10.29 9.10 -5.44
CA GLY A 21 10.28 10.43 -4.81
C GLY A 21 10.15 11.55 -5.84
N GLU A 22 10.88 11.42 -6.94
CA GLU A 22 10.85 12.39 -8.05
C GLU A 22 11.61 11.82 -9.26
N GLY A 23 11.33 12.34 -10.46
CA GLY A 23 12.06 11.92 -11.66
C GLY A 23 13.57 11.84 -11.47
N ALA A 24 14.18 12.94 -11.01
CA ALA A 24 15.63 12.99 -10.75
C ALA A 24 15.98 12.48 -9.34
N LEU A 25 14.97 12.20 -8.53
CA LEU A 25 15.17 11.66 -7.17
C LEU A 25 14.57 10.26 -7.09
N GLY A 26 14.91 9.42 -8.06
CA GLY A 26 14.41 8.06 -8.09
C GLY A 26 15.00 7.15 -7.01
N HIS A 27 14.13 6.46 -6.26
CA HIS A 27 14.55 5.51 -5.22
C HIS A 27 15.55 6.13 -4.22
N PRO A 28 15.13 7.21 -3.51
CA PRO A 28 15.97 7.89 -2.52
C PRO A 28 15.62 7.54 -1.06
N ARG A 29 14.92 6.41 -0.87
CA ARG A 29 14.42 6.00 0.42
C ARG A 29 13.46 7.02 1.02
N VAL A 30 12.23 6.80 0.67
CA VAL A 30 11.11 7.65 1.11
C VAL A 30 10.08 6.84 1.89
N TRP A 31 9.76 7.26 3.11
CA TRP A 31 8.79 6.55 3.95
C TRP A 31 7.43 7.28 3.94
N LEU A 32 6.42 6.61 3.39
CA LEU A 32 5.07 7.18 3.30
C LEU A 32 4.21 6.78 4.50
N GLN A 33 3.25 7.64 4.84
CA GLN A 33 2.34 7.40 5.97
C GLN A 33 0.95 6.99 5.47
N ILE A 34 0.46 5.86 5.93
CA ILE A 34 -0.92 5.42 5.67
C ILE A 34 -1.88 6.07 6.68
N PRO A 35 -2.79 6.95 6.21
CA PRO A 35 -3.73 7.66 7.09
C PRO A 35 -5.00 6.86 7.41
N GLU A 36 -5.50 6.98 8.64
CA GLU A 36 -6.81 6.40 9.00
C GLU A 36 -7.95 7.15 8.30
N ASP A 37 -7.61 8.22 7.57
CA ASP A 37 -8.55 8.89 6.68
C ASP A 37 -8.96 7.94 5.53
N THR A 38 -7.97 7.56 4.72
CA THR A 38 -8.18 6.68 3.55
C THR A 38 -7.99 5.20 3.91
N GLY A 39 -6.88 4.88 4.58
CA GLY A 39 -6.55 3.49 4.89
C GLY A 39 -5.50 2.91 3.95
N TRP A 40 -5.04 3.74 3.01
CA TRP A 40 -4.09 3.31 1.98
C TRP A 40 -3.28 4.49 1.42
N VAL A 41 -2.19 4.19 0.72
CA VAL A 41 -1.40 5.23 0.03
C VAL A 41 -0.79 4.65 -1.26
N GLU A 42 -0.55 5.49 -2.28
CA GLU A 42 -0.06 4.97 -3.57
C GLU A 42 1.25 5.63 -4.02
N CYS A 43 2.06 4.85 -4.73
CA CYS A 43 3.30 5.35 -5.35
C CYS A 43 3.09 5.59 -6.84
N PRO A 44 2.97 6.86 -7.28
CA PRO A 44 2.70 7.20 -8.69
C PRO A 44 3.94 7.06 -9.59
N TYR A 45 5.08 6.68 -8.99
CA TYR A 45 6.35 6.58 -9.72
C TYR A 45 6.55 5.18 -10.32
N CYS A 46 6.73 4.18 -9.47
CA CYS A 46 6.90 2.79 -9.95
C CYS A 46 5.62 1.96 -9.71
N ASP A 47 4.55 2.61 -9.25
CA ASP A 47 3.23 1.99 -9.08
C ASP A 47 3.19 0.96 -7.94
N CYS A 48 2.65 1.38 -6.79
CA CYS A 48 2.44 0.49 -5.63
C CYS A 48 1.42 1.09 -4.66
N LYS A 49 0.34 0.37 -4.41
CA LYS A 49 -0.69 0.81 -3.45
C LYS A 49 -0.53 0.10 -2.10
N TYR A 50 -0.12 0.84 -1.07
CA TYR A 50 0.13 0.26 0.25
C TYR A 50 -1.13 0.34 1.12
N VAL A 51 -1.78 -0.82 1.34
CA VAL A 51 -3.00 -0.87 2.16
C VAL A 51 -2.70 -1.37 3.59
N LEU A 52 -3.22 -0.66 4.59
CA LEU A 52 -3.00 -1.03 6.00
C LEU A 52 -3.98 -2.13 6.45
N LYS A 53 -3.43 -3.26 6.87
CA LYS A 53 -4.22 -4.38 7.39
C LYS A 53 -4.85 -4.03 8.75
N GLY A 54 -6.16 -3.81 8.76
CA GLY A 54 -6.86 -3.37 9.97
C GLY A 54 -7.56 -2.03 9.79
N SER A 55 -7.23 -1.33 8.70
CA SER A 55 -7.85 -0.04 8.38
C SER A 55 -9.22 -0.23 7.70
N LYS A 56 -9.85 0.86 7.30
CA LYS A 56 -11.15 0.80 6.62
C LYS A 56 -11.01 0.28 5.18
N ALA A 57 -9.80 0.37 4.62
CA ALA A 57 -9.56 0.00 3.22
C ALA A 57 -9.63 -1.52 3.02
N ASP A 58 -8.92 -2.25 3.87
CA ASP A 58 -8.95 -3.72 3.83
C ASP A 58 -10.24 -4.27 4.43
N ALA A 59 -10.80 -3.53 5.39
CA ALA A 59 -12.05 -3.94 6.03
C ALA A 59 -13.25 -3.86 5.08
N LEU A 60 -13.38 -2.74 4.36
CA LEU A 60 -14.52 -2.47 3.48
C LEU A 60 -15.83 -2.23 4.26
N GLU A 61 -15.95 -2.83 5.45
CA GLU A 61 -17.07 -2.58 6.37
C GLU A 61 -16.82 -1.31 7.22
N HIS A 62 -15.87 -0.47 6.79
CA HIS A 62 -15.31 0.60 7.64
C HIS A 62 -15.00 0.06 9.05
N HIS A 63 -14.55 -1.19 9.08
CA HIS A 63 -14.16 -1.92 10.29
C HIS A 63 -15.38 -2.47 11.07
N HIS A 64 -16.52 -1.75 11.04
CA HIS A 64 -17.80 -2.25 11.55
C HIS A 64 -17.83 -2.40 13.09
N HIS A 65 -18.98 -2.11 13.72
CA HIS A 65 -19.14 -2.28 15.17
C HIS A 65 -18.93 -3.74 15.61
N HIS A 66 -17.75 -4.05 16.16
CA HIS A 66 -17.49 -5.37 16.72
C HIS A 66 -17.73 -5.41 18.24
N HIS A 67 -17.95 -4.23 18.82
CA HIS A 67 -18.27 -4.10 20.25
C HIS A 67 -19.59 -3.33 20.46
#